data_4TKV
#
_entry.id   4TKV
#
_cell.length_a   81.172
_cell.length_b   130.623
_cell.length_c   106.996
_cell.angle_alpha   90.00
_cell.angle_beta   110.65
_cell.angle_gamma   90.00
#
_symmetry.space_group_name_H-M   'P 1 21 1'
#
loop_
_entity.id
_entity.type
_entity.pdbx_description
1 polymer 'Nitrogenase molybdenum-iron protein alpha chain'
2 polymer 'Nitrogenase molybdenum-iron protein beta chain'
3 non-polymer '3-HYDROXY-3-CARBOXY-ADIPIC ACID'
4 non-polymer 'iron-sulfur-molybdenum cluster with interstitial carbon'
5 non-polymer IMIDAZOLE
6 non-polymer 'CARBON MONOXIDE'
7 non-polymer 'FE(8)-S(7) CLUSTER'
8 non-polymer 'FE (II) ION'
9 water water
#
loop_
_entity_poly.entity_id
_entity_poly.type
_entity_poly.pdbx_seq_one_letter_code
_entity_poly.pdbx_strand_id
1 'polypeptide(L)'
;MTGMSREEVESLIQEVLEVYPEKARKDRNKHLAVNDPAVTQSKKCIISNKKSQPGLMTIRGCAYAGSKGVVWGPIKDMIH
ISHGPVGCGQYSRAGRRNYYIGTTGVNAFVTMNFTSDFQEKDIVFGGDKKLAKLIDEVETLFPLNKGISVQSECPIGLIG
DDIESVSKVKGAELSKTIVPVRCEGFRGVSQSLGHHIANDAVRDWVLGKRDEDTTFASTPYDVAIIGDYNIGGDAWSSRI
LLEEMGLRCVAQWSGDGSISEIELTPKVKLNLVHCYRSMNYISRHMEEKYGIPWMEYNFFGPTKTIESLRAIAAKFDESI
QKKCEEVIAKYKPEWEAVVAKYRPRLEGKRVMLYIGGLRPRHVIGAYEDLGMEVVGTGYEFAHNDDYDRTMKEMGDSTLL
YDDVTGYEFEEFVKRIKPDLIGSGIKEKFIFQKMGIPFRQMHSWDYSGPYHGFDGFAIFARDMDMTLNNPCWKKLQAPWE
ASEGAEKVAASA
;
A,C
2 'polypeptide(L)'
;MSQQVDKIKASYPLFLDQDYKDMLAKKRDGFEEKYPQDKIDEVFQWTTTKEYQELNFQREALTVNPAKACQPLGAVLCAL
GFEKTMPYVHGSQGCVAYFRSYFNRHFREPVSCVSDSMTEDAAVFGGQQNMKDGLQNCKATYKPDMIAVSTTCMAEVIGD
DLNAFINNSKKEGFIPDEFPVPFAHTPSFVGSHVTGWDNMFEGIARYFTLKSMDDKVVGSNKKINIVPGFETYLGNFRVI
KRMLSEMGVGYSLLSDPEEVLDTPADGQFRMYAGGTTQEEMKDAPNALNTVLLQPWHLEKTKKFVEGTWKHEVPKLNIPM
GLDWTDEFLMKVSEISGQPIPASLTKERGRLVDMMTDSHTWLHGKRFALWGDPDFVMGLVKFLLELGCEPVHILCHNGNK
RWKKAVDAILAASPYGKNATVYIGKDLWHLRSLVFTDKPDFMIGNSYGKFIQRDTLHKGKEFEVPLIRIGFPIFDRHHLH
RSTTLGYEGAMQILTTLVNSILERLDEETRGMQATDYNHDLVR
;
B,D
#
loop_
_chem_comp.id
_chem_comp.type
_chem_comp.name
_chem_comp.formula
CLF non-polymer 'FE(8)-S(7) CLUSTER' 'Fe8 S7'
CMO non-polymer 'CARBON MONOXIDE' 'C O'
FE2 non-polymer 'FE (II) ION' 'Fe 2'
HCA non-polymer '3-HYDROXY-3-CARBOXY-ADIPIC ACID' 'C7 H10 O7'
ICE non-polymer 'iron-sulfur-molybdenum cluster with interstitial carbon' 'C Fe7 Mo S8'
IMD non-polymer IMIDAZOLE 'C3 H5 N2 1'
#
# COMPACT_ATOMS: atom_id res chain seq x y z
N MET A 4 43.85 -11.44 16.94
CA MET A 4 44.33 -10.69 18.13
C MET A 4 44.92 -11.65 19.17
N SER A 5 46.06 -11.29 19.74
CA SER A 5 46.67 -12.07 20.82
C SER A 5 45.99 -11.81 22.17
N ARG A 6 46.26 -12.70 23.13
CA ARG A 6 45.83 -12.48 24.53
C ARG A 6 46.23 -11.10 25.01
N GLU A 7 47.46 -10.67 24.71
CA GLU A 7 47.97 -9.39 25.26
C GLU A 7 47.23 -8.18 24.66
N GLU A 8 46.90 -8.31 23.39
CA GLU A 8 46.13 -7.32 22.66
C GLU A 8 44.69 -7.23 23.15
N VAL A 9 44.10 -8.36 23.49
CA VAL A 9 42.74 -8.33 23.99
C VAL A 9 42.74 -7.72 25.38
N GLU A 10 43.74 -8.06 26.21
CA GLU A 10 43.88 -7.48 27.55
C GLU A 10 44.04 -5.96 27.46
N SER A 11 44.83 -5.52 26.46
CA SER A 11 45.07 -4.09 26.17
C SER A 11 43.80 -3.37 25.80
N LEU A 12 43.04 -4.04 24.95
CA LEU A 12 41.76 -3.54 24.50
C LEU A 12 40.84 -3.31 25.70
N ILE A 13 40.76 -4.28 26.61
CA ILE A 13 39.91 -4.16 27.79
C ILE A 13 40.34 -2.96 28.62
N GLN A 14 41.62 -2.84 28.92
CA GLN A 14 42.08 -1.69 29.73
C GLN A 14 41.82 -0.36 29.05
N GLU A 15 42.00 -0.26 27.75
N GLU A 15 41.94 -0.46 27.74
CA GLU A 15 41.76 1.00 27.05
CA GLU A 15 41.83 0.69 26.90
C GLU A 15 40.28 1.36 27.13
C GLU A 15 40.42 1.26 26.87
N VAL A 16 39.43 0.37 26.95
CA VAL A 16 38.02 0.66 26.97
C VAL A 16 37.57 1.13 28.36
N LEU A 17 38.10 0.48 29.41
CA LEU A 17 37.78 0.81 30.81
C LEU A 17 38.26 2.23 31.22
N GLU A 18 39.19 2.81 30.46
CA GLU A 18 39.70 4.17 30.75
C GLU A 18 38.62 5.27 30.83
N VAL A 19 37.49 5.11 30.13
CA VAL A 19 36.45 6.16 30.10
C VAL A 19 35.71 6.28 31.44
N TYR A 20 35.73 5.21 32.24
CA TYR A 20 34.87 5.11 33.39
C TYR A 20 35.38 5.80 34.65
N PRO A 21 34.45 6.35 35.44
CA PRO A 21 34.85 6.72 36.81
C PRO A 21 35.36 5.49 37.56
N GLU A 22 36.17 5.72 38.59
CA GLU A 22 36.88 4.63 39.25
C GLU A 22 35.97 3.50 39.76
N LYS A 23 34.83 3.81 40.36
CA LYS A 23 34.02 2.70 40.91
C LYS A 23 33.52 1.77 39.80
N ALA A 24 33.06 2.41 38.73
CA ALA A 24 32.56 1.64 37.59
C ALA A 24 33.68 0.87 36.88
N ARG A 25 34.84 1.51 36.77
N ARG A 25 34.83 1.51 36.74
CA ARG A 25 35.98 0.86 36.15
CA ARG A 25 35.97 0.87 36.15
C ARG A 25 36.34 -0.42 36.89
C ARG A 25 36.34 -0.41 36.89
N LYS A 26 36.41 -0.33 38.22
CA LYS A 26 36.85 -1.46 39.04
C LYS A 26 35.86 -2.56 38.92
N ASP A 27 34.60 -2.19 38.82
CA ASP A 27 33.57 -3.19 38.74
C ASP A 27 33.61 -3.88 37.37
N ARG A 28 33.58 -3.09 36.29
CA ARG A 28 33.54 -3.64 34.93
C ARG A 28 34.75 -4.49 34.56
N ASN A 29 35.90 -4.16 35.13
CA ASN A 29 37.09 -4.98 34.95
C ASN A 29 36.87 -6.48 35.31
N LYS A 30 36.02 -6.74 36.30
CA LYS A 30 35.76 -8.06 36.82
C LYS A 30 34.83 -8.88 35.93
N HIS A 31 34.18 -8.21 34.96
CA HIS A 31 33.14 -8.78 34.11
C HIS A 31 33.60 -8.98 32.68
N LEU A 32 34.91 -8.81 32.46
CA LEU A 32 35.50 -8.86 31.15
C LEU A 32 36.71 -9.80 31.24
N ALA A 33 36.82 -10.73 30.31
CA ALA A 33 37.92 -11.69 30.39
C ALA A 33 38.37 -12.18 29.05
N VAL A 34 39.62 -12.64 29.01
CA VAL A 34 40.18 -13.32 27.83
C VAL A 34 40.13 -14.83 28.09
N ASN A 35 39.46 -15.57 27.23
CA ASN A 35 39.23 -16.95 27.47
C ASN A 35 40.51 -17.74 27.52
N ASP A 36 40.50 -18.68 28.46
CA ASP A 36 41.46 -19.75 28.52
C ASP A 36 40.70 -21.07 28.65
N PRO A 37 40.64 -21.83 27.55
CA PRO A 37 39.85 -23.03 27.62
C PRO A 37 40.42 -24.06 28.60
N ALA A 38 41.66 -23.88 29.08
CA ALA A 38 42.25 -24.76 30.11
C ALA A 38 41.45 -24.57 31.41
N VAL A 39 41.08 -23.34 31.72
CA VAL A 39 40.30 -23.08 32.94
C VAL A 39 38.94 -23.80 33.07
N THR A 40 38.74 -24.44 34.22
CA THR A 40 37.48 -25.08 34.54
C THR A 40 36.60 -24.30 35.54
N GLN A 41 37.23 -23.48 36.37
N GLN A 41 37.22 -23.41 36.33
CA GLN A 41 36.48 -22.74 37.38
CA GLN A 41 36.52 -22.70 37.39
C GLN A 41 36.43 -21.27 36.96
C GLN A 41 36.42 -21.23 36.97
N SER A 42 35.33 -20.84 36.35
CA SER A 42 35.22 -19.49 35.81
C SER A 42 35.23 -18.44 36.90
N LYS A 43 34.95 -18.83 38.15
CA LYS A 43 35.11 -17.92 39.29
C LYS A 43 36.55 -17.44 39.52
N LYS A 44 37.51 -18.09 38.87
CA LYS A 44 38.87 -17.53 38.79
C LYS A 44 39.09 -16.44 37.73
N CYS A 45 38.17 -16.28 36.80
N CYS A 45 38.13 -16.28 36.81
CA CYS A 45 38.44 -15.29 35.75
CA CYS A 45 38.27 -15.51 35.56
C CYS A 45 37.33 -14.29 35.43
C CYS A 45 37.31 -14.33 35.40
N ILE A 46 36.09 -14.51 35.87
CA ILE A 46 35.00 -13.60 35.60
C ILE A 46 33.95 -13.68 36.70
N ILE A 47 33.40 -12.50 37.04
CA ILE A 47 32.29 -12.31 37.97
C ILE A 47 30.98 -12.18 37.15
N SER A 48 29.85 -12.68 37.68
CA SER A 48 28.58 -12.62 36.98
C SER A 48 27.45 -12.57 37.99
N ASN A 49 26.26 -12.32 37.46
CA ASN A 49 25.02 -12.29 38.23
C ASN A 49 25.09 -11.33 39.42
N LYS A 50 25.67 -10.17 39.14
CA LYS A 50 25.73 -9.05 40.07
C LYS A 50 24.89 -7.90 39.53
N LYS A 51 24.61 -6.92 40.37
CA LYS A 51 23.91 -5.71 39.94
C LYS A 51 24.58 -5.07 38.76
N SER A 52 23.79 -4.41 37.90
CA SER A 52 24.33 -3.53 36.90
C SER A 52 24.73 -2.18 37.50
N GLN A 53 25.79 -1.61 36.94
CA GLN A 53 26.27 -0.30 37.35
C GLN A 53 25.34 0.78 36.81
N PRO A 54 24.93 1.74 37.67
CA PRO A 54 24.02 2.78 37.20
C PRO A 54 24.57 3.63 36.03
N GLY A 55 23.70 3.91 35.06
CA GLY A 55 23.98 4.87 34.05
C GLY A 55 24.79 4.36 32.88
N LEU A 56 25.05 3.05 32.84
CA LEU A 56 26.01 2.49 31.84
C LEU A 56 25.37 1.82 30.63
N MET A 57 24.03 1.84 30.59
CA MET A 57 23.29 1.29 29.47
C MET A 57 23.46 -0.21 29.35
N THR A 58 23.22 -0.91 30.45
CA THR A 58 23.00 -2.34 30.40
C THR A 58 21.92 -2.68 29.38
N ILE A 59 22.03 -3.88 28.83
CA ILE A 59 21.08 -4.41 27.82
C ILE A 59 20.07 -5.30 28.54
N ARG A 60 20.29 -5.52 29.85
CA ARG A 60 19.42 -6.36 30.64
C ARG A 60 17.99 -5.85 30.81
N GLY A 61 17.11 -6.82 31.00
CA GLY A 61 15.76 -6.62 31.50
C GLY A 61 15.61 -6.87 32.98
N CYS A 62 14.39 -7.27 33.37
CA CYS A 62 14.01 -7.42 34.78
C CYS A 62 13.37 -8.77 35.04
N ALA A 63 13.11 -9.04 36.31
CA ALA A 63 12.51 -10.29 36.73
C ALA A 63 11.13 -10.56 36.11
N TYR A 64 10.32 -9.52 35.88
CA TYR A 64 9.04 -9.66 35.19
C TYR A 64 9.25 -10.17 33.76
N ALA A 65 10.26 -9.65 33.05
CA ALA A 65 10.62 -10.22 31.73
C ALA A 65 10.96 -11.71 31.83
N GLY A 66 11.78 -12.06 32.83
CA GLY A 66 12.16 -13.45 33.03
C GLY A 66 11.01 -14.36 33.41
N SER A 67 10.03 -13.86 34.15
CA SER A 67 8.90 -14.71 34.57
C SER A 67 7.77 -14.69 33.53
N LYS A 68 7.22 -13.48 33.33
CA LYS A 68 6.07 -13.31 32.43
C LYS A 68 6.51 -13.50 30.98
N GLY A 69 7.53 -12.77 30.57
CA GLY A 69 7.99 -12.82 29.18
C GLY A 69 8.55 -14.16 28.74
N VAL A 70 9.30 -14.81 29.63
CA VAL A 70 10.09 -15.96 29.27
C VAL A 70 9.38 -17.25 29.65
N VAL A 71 9.14 -17.46 30.94
CA VAL A 71 8.65 -18.76 31.39
C VAL A 71 7.13 -18.97 31.32
N TRP A 72 6.36 -18.05 31.91
CA TRP A 72 4.90 -18.20 31.96
C TRP A 72 4.18 -17.84 30.68
N GLY A 73 4.53 -16.71 30.10
CA GLY A 73 3.86 -16.19 28.93
C GLY A 73 3.55 -17.17 27.81
N PRO A 74 4.49 -18.10 27.51
CA PRO A 74 4.25 -19.08 26.45
C PRO A 74 3.18 -20.11 26.73
N ILE A 75 2.82 -20.32 27.98
CA ILE A 75 1.85 -21.35 28.33
C ILE A 75 0.50 -20.92 27.75
N LYS A 76 0.02 -21.71 26.80
CA LYS A 76 -0.94 -21.19 25.84
C LYS A 76 -2.38 -21.14 26.27
N ASP A 77 -2.80 -22.07 27.11
CA ASP A 77 -4.21 -22.18 27.49
C ASP A 77 -4.49 -21.59 28.88
N MET A 78 -3.51 -20.85 29.41
CA MET A 78 -3.70 -20.03 30.60
C MET A 78 -3.74 -18.58 30.24
N ILE A 79 -4.33 -17.79 31.13
CA ILE A 79 -4.35 -16.37 31.01
C ILE A 79 -3.38 -15.79 32.04
N HIS A 80 -2.45 -15.02 31.52
CA HIS A 80 -1.39 -14.40 32.33
C HIS A 80 -1.69 -12.93 32.52
N ILE A 81 -1.91 -12.52 33.76
CA ILE A 81 -2.20 -11.12 34.05
C ILE A 81 -0.94 -10.33 34.34
N SER A 82 -0.69 -9.26 33.59
CA SER A 82 0.35 -8.31 33.92
C SER A 82 -0.23 -7.36 34.94
N HIS A 83 0.16 -7.58 36.20
CA HIS A 83 -0.54 -6.99 37.33
C HIS A 83 0.23 -5.80 37.88
N GLY A 84 -0.37 -4.61 37.73
CA GLY A 84 0.29 -3.35 37.99
C GLY A 84 -0.04 -2.39 36.86
N PRO A 85 0.79 -1.33 36.65
CA PRO A 85 0.44 -0.35 35.65
C PRO A 85 0.60 -0.88 34.22
N VAL A 86 0.21 -0.06 33.26
CA VAL A 86 -0.01 -0.54 31.90
C VAL A 86 1.26 -0.83 31.10
N GLY A 87 2.39 -0.22 31.47
CA GLY A 87 3.56 -0.33 30.64
C GLY A 87 4.03 -1.74 30.36
N CYS A 88 4.29 -2.51 31.40
CA CYS A 88 5.11 -3.72 31.22
C CYS A 88 4.48 -4.74 30.29
N GLY A 89 3.18 -4.92 30.44
CA GLY A 89 2.43 -5.81 29.58
C GLY A 89 2.33 -5.36 28.14
N GLN A 90 2.31 -4.04 27.92
CA GLN A 90 2.20 -3.49 26.56
C GLN A 90 3.53 -3.63 25.81
N TYR A 91 4.66 -3.31 26.45
CA TYR A 91 5.95 -3.42 25.78
C TYR A 91 6.27 -4.88 25.50
N SER A 92 5.74 -5.78 26.33
CA SER A 92 6.07 -7.22 26.16
C SER A 92 5.01 -7.98 25.39
N ARG A 93 3.99 -7.29 24.91
CA ARG A 93 2.94 -7.97 24.15
C ARG A 93 3.45 -8.44 22.80
N ALA A 94 3.50 -9.76 22.63
CA ALA A 94 3.87 -10.39 21.38
C ALA A 94 5.27 -10.01 20.89
N GLY A 95 6.15 -9.68 21.83
CA GLY A 95 7.51 -9.31 21.47
C GLY A 95 8.37 -10.52 21.24
N ARG A 96 8.03 -11.58 21.95
CA ARG A 96 8.83 -12.80 21.91
C ARG A 96 8.06 -13.85 21.16
N ARG A 97 8.76 -14.49 20.24
CA ARG A 97 8.13 -15.36 19.25
C ARG A 97 7.99 -16.82 19.72
N ASN A 98 7.33 -16.99 20.87
CA ASN A 98 7.12 -18.29 21.48
C ASN A 98 5.88 -18.92 20.86
N TYR A 99 6.11 -19.68 19.81
CA TYR A 99 5.05 -20.09 18.93
C TYR A 99 4.16 -21.15 19.57
N TYR A 100 2.92 -21.18 19.08
CA TYR A 100 1.94 -22.09 19.63
C TYR A 100 0.85 -22.35 18.61
N ILE A 101 0.11 -23.44 18.83
CA ILE A 101 -1.09 -23.73 18.07
C ILE A 101 -2.30 -23.53 18.97
N GLY A 102 -3.20 -22.64 18.58
CA GLY A 102 -4.42 -22.38 19.35
C GLY A 102 -5.36 -21.42 18.64
N THR A 103 -6.49 -21.15 19.27
CA THR A 103 -7.50 -20.24 18.76
C THR A 103 -7.48 -19.05 19.71
N THR A 104 -6.76 -18.03 19.29
CA THR A 104 -6.40 -16.95 20.20
C THR A 104 -7.62 -16.10 20.60
N GLY A 105 -7.77 -15.90 21.90
CA GLY A 105 -8.93 -15.18 22.42
C GLY A 105 -10.03 -16.13 22.80
N VAL A 106 -9.86 -17.41 22.46
CA VAL A 106 -10.90 -18.42 22.72
C VAL A 106 -10.36 -19.54 23.62
N ASN A 107 -9.41 -20.34 23.12
CA ASN A 107 -8.79 -21.34 23.99
C ASN A 107 -7.31 -21.10 24.28
N ALA A 108 -6.69 -20.08 23.66
CA ALA A 108 -5.27 -19.83 23.79
C ALA A 108 -5.12 -18.33 23.85
N PHE A 109 -4.12 -17.79 24.56
CA PHE A 109 -4.14 -16.35 24.91
C PHE A 109 -2.78 -15.64 24.82
N VAL A 110 -1.81 -16.29 24.18
CA VAL A 110 -0.41 -15.93 24.35
C VAL A 110 -0.09 -14.53 23.85
N THR A 111 -0.58 -14.15 22.67
CA THR A 111 -0.26 -12.84 22.11
C THR A 111 -1.13 -11.70 22.60
N MET A 112 -2.05 -12.00 23.53
CA MET A 112 -2.92 -11.00 24.14
C MET A 112 -2.22 -10.33 25.31
N ASN A 113 -2.71 -9.15 25.68
CA ASN A 113 -2.20 -8.47 26.87
C ASN A 113 -3.34 -8.21 27.85
N PHE A 114 -3.38 -9.03 28.89
CA PHE A 114 -4.30 -8.88 30.00
C PHE A 114 -3.56 -8.11 31.09
N THR A 115 -4.21 -7.07 31.63
CA THR A 115 -3.61 -6.21 32.62
C THR A 115 -4.65 -5.61 33.57
N SER A 116 -4.24 -5.40 34.81
CA SER A 116 -5.04 -4.68 35.79
C SER A 116 -4.86 -3.15 35.70
N ASP A 117 -3.99 -2.67 34.80
CA ASP A 117 -3.90 -1.23 34.46
C ASP A 117 -4.00 -0.31 35.68
N PHE A 118 -3.05 -0.48 36.61
CA PHE A 118 -3.12 0.27 37.89
C PHE A 118 -3.16 1.77 37.67
N GLN A 119 -4.09 2.40 38.39
CA GLN A 119 -4.23 3.84 38.52
C GLN A 119 -3.83 4.29 39.92
N GLU A 120 -3.81 5.60 40.13
N GLU A 120 -3.85 5.59 40.12
CA GLU A 120 -3.44 6.14 41.42
CA GLU A 120 -3.46 6.13 41.39
C GLU A 120 -4.21 5.50 42.57
C GLU A 120 -4.22 5.47 42.54
N LYS A 121 -5.52 5.32 42.44
CA LYS A 121 -6.27 4.67 43.55
C LYS A 121 -5.82 3.24 43.90
N ASP A 122 -5.33 2.50 42.91
CA ASP A 122 -4.83 1.15 43.17
C ASP A 122 -3.49 1.19 43.92
N ILE A 123 -2.68 2.19 43.64
CA ILE A 123 -1.41 2.35 44.36
C ILE A 123 -1.66 2.77 45.82
N VAL A 124 -2.59 3.70 45.99
CA VAL A 124 -2.87 4.28 47.30
C VAL A 124 -3.60 3.30 48.22
N PHE A 125 -4.55 2.56 47.65
CA PHE A 125 -5.38 1.69 48.47
C PHE A 125 -5.18 0.20 48.25
N GLY A 126 -4.33 -0.20 47.30
CA GLY A 126 -4.09 -1.62 47.11
C GLY A 126 -4.88 -2.13 45.91
N GLY A 127 -4.32 -3.12 45.24
CA GLY A 127 -4.97 -3.68 44.05
C GLY A 127 -5.62 -5.03 44.25
N ASP A 128 -5.70 -5.53 45.48
CA ASP A 128 -6.24 -6.90 45.72
C ASP A 128 -7.73 -7.03 45.43
N LYS A 129 -8.50 -6.00 45.77
CA LYS A 129 -9.90 -5.99 45.37
C LYS A 129 -10.06 -5.92 43.86
N LYS A 130 -9.26 -5.11 43.20
CA LYS A 130 -9.30 -5.07 41.75
C LYS A 130 -8.93 -6.43 41.14
N LEU A 131 -7.93 -7.10 41.71
CA LEU A 131 -7.51 -8.37 41.17
C LEU A 131 -8.63 -9.40 41.24
N ALA A 132 -9.33 -9.46 42.38
CA ALA A 132 -10.42 -10.41 42.56
C ALA A 132 -11.54 -10.16 41.54
N LYS A 133 -11.88 -8.89 41.35
CA LYS A 133 -12.87 -8.47 40.34
C LYS A 133 -12.41 -8.82 38.93
N LEU A 134 -11.14 -8.58 38.66
CA LEU A 134 -10.55 -8.89 37.37
C LEU A 134 -10.68 -10.39 37.09
N ILE A 135 -10.41 -11.20 38.09
CA ILE A 135 -10.50 -12.65 37.92
C ILE A 135 -11.92 -13.06 37.49
N ASP A 136 -12.94 -12.48 38.12
CA ASP A 136 -14.30 -12.80 37.77
C ASP A 136 -14.57 -12.36 36.33
N GLU A 137 -14.05 -11.20 35.94
CA GLU A 137 -14.26 -10.72 34.58
C GLU A 137 -13.59 -11.59 33.51
N VAL A 138 -12.41 -12.09 33.83
CA VAL A 138 -11.72 -13.08 33.00
C VAL A 138 -12.56 -14.34 32.83
N GLU A 139 -13.11 -14.82 33.93
CA GLU A 139 -13.90 -16.04 33.87
C GLU A 139 -15.12 -15.87 33.01
N THR A 140 -15.76 -14.71 33.12
CA THR A 140 -16.94 -14.42 32.30
C THR A 140 -16.60 -14.38 30.81
N LEU A 141 -15.52 -13.68 30.48
CA LEU A 141 -15.23 -13.34 29.10
C LEU A 141 -14.35 -14.33 28.35
N PHE A 142 -13.67 -15.18 29.11
CA PHE A 142 -12.74 -16.17 28.56
C PHE A 142 -12.98 -17.50 29.26
N PRO A 143 -14.19 -18.06 29.10
CA PRO A 143 -14.55 -19.23 29.90
C PRO A 143 -13.71 -20.49 29.62
N LEU A 144 -13.01 -20.57 28.48
CA LEU A 144 -12.21 -21.76 28.18
C LEU A 144 -10.78 -21.67 28.66
N ASN A 145 -10.42 -20.59 29.36
CA ASN A 145 -9.09 -20.55 30.00
C ASN A 145 -8.99 -21.70 31.02
N LYS A 146 -7.80 -22.26 31.12
CA LYS A 146 -7.58 -23.44 31.95
C LYS A 146 -6.72 -23.09 33.16
N GLY A 147 -6.67 -21.81 33.52
CA GLY A 147 -5.84 -21.39 34.62
C GLY A 147 -5.41 -19.96 34.43
N ILE A 148 -5.09 -19.29 35.52
CA ILE A 148 -4.67 -17.89 35.48
C ILE A 148 -3.35 -17.74 36.22
N SER A 149 -2.43 -16.92 35.70
CA SER A 149 -1.27 -16.51 36.49
C SER A 149 -1.32 -15.03 36.71
N VAL A 150 -0.77 -14.61 37.85
CA VAL A 150 -0.69 -13.21 38.22
C VAL A 150 0.78 -12.83 38.25
N GLN A 151 1.17 -12.06 37.23
CA GLN A 151 2.59 -11.67 37.02
C GLN A 151 2.78 -10.30 37.61
N SER A 152 3.35 -10.26 38.81
CA SER A 152 3.51 -9.02 39.55
C SER A 152 4.51 -8.07 38.91
N GLU A 153 4.09 -6.83 38.72
CA GLU A 153 4.98 -5.75 38.34
C GLU A 153 5.47 -4.96 39.55
N CYS A 154 6.43 -4.06 39.34
CA CYS A 154 7.09 -3.37 40.47
C CYS A 154 6.21 -2.94 41.63
N PRO A 155 5.06 -2.28 41.39
CA PRO A 155 4.37 -1.75 42.57
C PRO A 155 3.79 -2.77 43.57
N ILE A 156 3.55 -3.99 43.15
CA ILE A 156 2.71 -4.92 43.93
C ILE A 156 3.32 -5.16 45.32
N GLY A 157 4.53 -5.67 45.37
CA GLY A 157 5.17 -5.84 46.67
C GLY A 157 5.50 -4.55 47.41
N LEU A 158 5.83 -3.50 46.65
CA LEU A 158 6.16 -2.22 47.24
C LEU A 158 4.99 -1.70 48.09
N ILE A 159 3.77 -1.88 47.61
CA ILE A 159 2.61 -1.35 48.31
C ILE A 159 1.99 -2.34 49.30
N GLY A 160 2.55 -3.54 49.38
CA GLY A 160 2.10 -4.53 50.36
C GLY A 160 0.84 -5.29 50.01
N ASP A 161 0.53 -5.40 48.73
CA ASP A 161 -0.59 -6.24 48.31
C ASP A 161 -0.32 -7.72 48.63
N ASP A 162 -1.41 -8.48 48.75
CA ASP A 162 -1.34 -9.90 49.07
C ASP A 162 -2.01 -10.72 47.96
N ILE A 163 -1.25 -10.89 46.88
CA ILE A 163 -1.81 -11.59 45.73
C ILE A 163 -1.94 -13.08 46.02
N GLU A 164 -1.19 -13.59 46.99
CA GLU A 164 -1.27 -15.00 47.35
C GLU A 164 -2.63 -15.32 47.97
N SER A 165 -3.09 -14.46 48.88
CA SER A 165 -4.41 -14.62 49.51
C SER A 165 -5.48 -14.56 48.43
N VAL A 166 -5.36 -13.59 47.52
CA VAL A 166 -6.37 -13.45 46.44
C VAL A 166 -6.38 -14.71 45.57
N SER A 167 -5.20 -15.18 45.19
CA SER A 167 -5.11 -16.40 44.40
C SER A 167 -5.68 -17.66 45.09
N LYS A 168 -5.34 -17.91 46.37
CA LYS A 168 -5.95 -18.99 47.15
C LYS A 168 -7.48 -18.88 47.23
N VAL A 169 -7.97 -17.70 47.58
CA VAL A 169 -9.38 -17.53 47.87
C VAL A 169 -10.20 -17.66 46.58
N LYS A 170 -9.77 -16.95 45.55
CA LYS A 170 -10.43 -17.05 44.25
C LYS A 170 -10.26 -18.40 43.58
N GLY A 171 -9.09 -19.01 43.73
CA GLY A 171 -8.83 -20.33 43.15
C GLY A 171 -9.75 -21.34 43.80
N ALA A 172 -9.96 -21.22 45.10
CA ALA A 172 -10.85 -22.15 45.78
C ALA A 172 -12.33 -21.89 45.40
N GLU A 173 -12.70 -20.62 45.35
CA GLU A 173 -14.08 -20.24 45.03
C GLU A 173 -14.46 -20.74 43.64
N LEU A 174 -13.55 -20.60 42.67
CA LEU A 174 -13.81 -20.97 41.27
C LEU A 174 -13.34 -22.37 40.82
N SER A 175 -12.75 -23.15 41.74
CA SER A 175 -12.11 -24.44 41.40
C SER A 175 -11.16 -24.32 40.23
N LYS A 176 -10.29 -23.32 40.30
N LYS A 176 -10.28 -23.32 40.31
CA LYS A 176 -9.36 -22.93 39.25
CA LYS A 176 -9.39 -22.99 39.23
C LYS A 176 -7.95 -22.82 39.77
C LYS A 176 -7.96 -22.78 39.75
N THR A 177 -6.97 -23.17 38.94
CA THR A 177 -5.58 -22.91 39.28
C THR A 177 -5.30 -21.44 39.00
N ILE A 178 -4.99 -20.69 40.05
CA ILE A 178 -4.63 -19.29 39.95
C ILE A 178 -3.29 -19.15 40.66
N VAL A 179 -2.28 -18.72 39.90
CA VAL A 179 -0.89 -18.81 40.36
C VAL A 179 -0.35 -17.43 40.66
N PRO A 180 -0.06 -17.13 41.94
CA PRO A 180 0.56 -15.85 42.23
C PRO A 180 2.05 -15.87 41.91
N VAL A 181 2.54 -14.89 41.16
CA VAL A 181 3.96 -14.86 40.85
C VAL A 181 4.57 -13.53 41.26
N ARG A 182 5.47 -13.59 42.26
CA ARG A 182 6.12 -12.40 42.78
C ARG A 182 7.38 -12.09 42.00
N CYS A 183 7.17 -11.76 40.73
CA CYS A 183 8.25 -11.42 39.82
C CYS A 183 8.45 -9.94 39.60
N GLU A 184 8.16 -9.15 40.61
CA GLU A 184 8.33 -7.70 40.51
C GLU A 184 9.75 -7.35 40.01
N GLY A 185 9.84 -6.41 39.08
CA GLY A 185 11.12 -6.08 38.47
C GLY A 185 12.18 -5.50 39.41
N PHE A 186 11.79 -5.03 40.60
CA PHE A 186 12.79 -4.63 41.63
C PHE A 186 13.59 -5.82 42.21
N ARG A 187 13.11 -7.05 41.98
CA ARG A 187 13.75 -8.23 42.56
C ARG A 187 14.91 -8.69 41.69
N GLY A 188 15.97 -9.14 42.33
CA GLY A 188 17.12 -9.65 41.58
C GLY A 188 17.82 -8.53 40.82
N VAL A 189 18.49 -8.91 39.73
CA VAL A 189 19.35 -7.98 39.01
C VAL A 189 19.15 -8.01 37.51
N SER A 190 18.23 -8.85 37.05
CA SER A 190 18.10 -9.17 35.63
C SER A 190 16.91 -10.08 35.42
N GLN A 191 16.75 -10.59 34.20
CA GLN A 191 15.75 -11.62 33.92
C GLN A 191 15.94 -12.89 34.73
N SER A 192 17.19 -13.18 35.13
CA SER A 192 17.49 -14.44 35.76
C SER A 192 16.63 -14.76 36.98
N LEU A 193 16.53 -13.84 37.93
CA LEU A 193 15.76 -14.17 39.15
C LEU A 193 14.29 -14.43 38.81
N GLY A 194 13.79 -13.79 37.75
CA GLY A 194 12.45 -14.07 37.22
C GLY A 194 12.29 -15.54 36.82
N HIS A 195 13.28 -16.11 36.18
CA HIS A 195 13.22 -17.53 35.90
C HIS A 195 13.03 -18.36 37.16
N HIS A 196 13.85 -18.09 38.16
CA HIS A 196 13.84 -18.90 39.36
C HIS A 196 12.48 -18.78 40.09
N ILE A 197 12.04 -17.55 40.26
CA ILE A 197 10.73 -17.24 40.86
C ILE A 197 9.65 -17.98 40.11
N ALA A 198 9.69 -17.88 38.78
CA ALA A 198 8.71 -18.55 37.94
C ALA A 198 8.73 -20.08 38.11
N ASN A 199 9.92 -20.67 38.16
CA ASN A 199 10.04 -22.12 38.38
C ASN A 199 9.42 -22.52 39.73
N ASP A 200 9.73 -21.74 40.76
CA ASP A 200 9.19 -22.04 42.08
C ASP A 200 7.66 -21.92 42.15
N ALA A 201 7.09 -21.00 41.38
CA ALA A 201 5.64 -20.82 41.29
C ALA A 201 5.01 -22.01 40.57
N VAL A 202 5.66 -22.52 39.53
CA VAL A 202 5.18 -23.79 38.92
C VAL A 202 5.20 -24.95 39.93
N ARG A 203 6.31 -25.10 40.63
CA ARG A 203 6.44 -26.13 41.64
C ARG A 203 5.32 -26.06 42.66
N ASP A 204 5.10 -24.85 43.18
CA ASP A 204 4.26 -24.64 44.33
C ASP A 204 2.77 -24.70 44.01
N TRP A 205 2.39 -24.33 42.80
CA TRP A 205 0.96 -24.11 42.49
C TRP A 205 0.43 -24.96 41.35
N VAL A 206 1.29 -25.56 40.53
CA VAL A 206 0.83 -26.34 39.37
C VAL A 206 1.30 -27.80 39.36
N LEU A 207 2.59 -27.99 39.58
CA LEU A 207 3.26 -29.24 39.24
C LEU A 207 2.77 -30.43 40.02
N GLY A 208 2.31 -30.23 41.24
CA GLY A 208 1.86 -31.33 42.07
C GLY A 208 0.40 -31.72 41.96
N LYS A 209 -0.34 -31.07 41.06
N LYS A 209 -0.37 -31.11 41.07
CA LYS A 209 -1.80 -31.25 41.02
CA LYS A 209 -1.80 -31.37 41.11
C LYS A 209 -2.16 -32.74 40.85
C LYS A 209 -2.15 -32.81 40.89
N ARG A 210 -1.39 -33.48 40.06
CA ARG A 210 -1.71 -34.89 39.80
C ARG A 210 -0.88 -35.91 40.59
N ASP A 211 -0.31 -35.48 41.70
CA ASP A 211 0.56 -36.35 42.49
C ASP A 211 -0.17 -37.61 42.94
N GLU A 212 -1.46 -37.52 43.20
CA GLU A 212 -2.25 -38.66 43.68
C GLU A 212 -3.13 -39.30 42.60
N ASP A 213 -2.84 -39.00 41.33
CA ASP A 213 -3.62 -39.48 40.19
C ASP A 213 -2.78 -40.54 39.46
N THR A 214 -3.36 -41.73 39.34
CA THR A 214 -2.72 -42.90 38.76
C THR A 214 -3.27 -43.22 37.37
N THR A 215 -4.01 -42.30 36.73
CA THR A 215 -4.70 -42.65 35.47
C THR A 215 -3.84 -42.52 34.22
N PHE A 216 -2.76 -41.72 34.27
CA PHE A 216 -1.97 -41.51 33.06
C PHE A 216 -1.14 -42.75 32.73
N ALA A 217 -1.27 -43.29 31.51
CA ALA A 217 -0.54 -44.48 31.08
C ALA A 217 0.83 -44.05 30.59
N SER A 218 1.86 -44.36 31.35
CA SER A 218 3.22 -43.98 30.95
C SER A 218 3.87 -45.12 30.16
N THR A 219 4.91 -44.79 29.41
CA THR A 219 5.71 -45.78 28.69
C THR A 219 7.17 -45.55 29.07
N PRO A 220 8.03 -46.52 28.75
CA PRO A 220 9.45 -46.38 29.07
C PRO A 220 10.16 -45.25 28.35
N TYR A 221 9.55 -44.73 27.28
CA TYR A 221 10.20 -43.78 26.37
C TYR A 221 9.66 -42.37 26.54
N ASP A 222 8.99 -42.10 27.67
CA ASP A 222 8.42 -40.79 27.94
C ASP A 222 9.47 -39.79 28.38
N VAL A 223 9.49 -38.64 27.71
CA VAL A 223 10.39 -37.56 28.03
C VAL A 223 9.66 -36.23 28.07
N ALA A 224 10.29 -35.22 28.65
CA ALA A 224 9.83 -33.85 28.50
C ALA A 224 10.98 -33.00 27.99
N ILE A 225 10.65 -32.04 27.12
CA ILE A 225 11.57 -31.00 26.66
C ILE A 225 11.45 -29.82 27.63
N ILE A 226 12.51 -29.59 28.40
CA ILE A 226 12.54 -28.62 29.46
C ILE A 226 13.41 -27.47 29.01
N GLY A 227 12.82 -26.29 28.96
CA GLY A 227 13.54 -25.07 28.59
C GLY A 227 13.75 -24.91 27.09
N ASP A 228 12.67 -25.11 26.32
CA ASP A 228 12.61 -24.70 24.92
C ASP A 228 11.32 -23.92 24.74
N TYR A 229 11.48 -22.64 24.39
CA TYR A 229 10.33 -21.76 24.32
C TYR A 229 9.81 -21.59 22.89
N ASN A 230 10.25 -22.51 22.01
CA ASN A 230 9.68 -22.67 20.66
C ASN A 230 9.74 -21.39 19.85
N ILE A 231 10.88 -20.74 19.90
CA ILE A 231 11.07 -19.48 19.17
C ILE A 231 11.06 -19.77 17.67
N GLY A 232 10.06 -19.25 16.98
CA GLY A 232 9.92 -19.55 15.56
C GLY A 232 9.68 -21.00 15.27
N GLY A 233 9.23 -21.75 16.26
CA GLY A 233 9.01 -23.17 16.10
C GLY A 233 10.15 -24.13 16.45
N ASP A 234 11.17 -23.59 17.12
CA ASP A 234 12.34 -24.36 17.58
C ASP A 234 12.03 -25.68 18.31
N ALA A 235 10.99 -25.69 19.15
CA ALA A 235 10.66 -26.88 19.96
C ALA A 235 10.03 -27.92 19.07
N TRP A 236 9.24 -27.48 18.10
CA TRP A 236 8.64 -28.43 17.15
C TRP A 236 9.67 -29.10 16.27
N SER A 237 10.68 -28.35 15.82
CA SER A 237 11.75 -28.94 15.00
C SER A 237 12.76 -29.73 15.83
N SER A 238 12.60 -29.72 17.16
CA SER A 238 13.31 -30.63 18.07
C SER A 238 12.50 -31.90 18.40
N ARG A 239 11.25 -31.66 18.81
CA ARG A 239 10.32 -32.71 19.13
C ARG A 239 10.24 -33.74 18.00
N ILE A 240 10.24 -33.28 16.76
CA ILE A 240 10.04 -34.17 15.65
C ILE A 240 11.15 -35.22 15.66
N LEU A 241 12.37 -34.78 15.93
CA LEU A 241 13.49 -35.72 15.97
C LEU A 241 13.43 -36.72 17.13
N LEU A 242 13.05 -36.24 18.32
CA LEU A 242 12.95 -37.08 19.51
C LEU A 242 11.92 -38.17 19.29
N GLU A 243 10.82 -37.81 18.62
CA GLU A 243 9.79 -38.78 18.32
C GLU A 243 10.15 -39.73 17.16
N GLU A 244 10.87 -39.24 16.17
CA GLU A 244 11.39 -40.14 15.13
C GLU A 244 12.36 -41.13 15.72
N MET A 245 13.05 -40.74 16.79
CA MET A 245 13.91 -41.63 17.55
C MET A 245 13.19 -42.63 18.47
N GLY A 246 11.87 -42.54 18.55
CA GLY A 246 11.10 -43.52 19.29
C GLY A 246 10.63 -43.05 20.65
N LEU A 247 10.96 -41.81 21.02
CA LEU A 247 10.54 -41.28 22.30
C LEU A 247 9.12 -40.68 22.23
N ARG A 248 8.48 -40.50 23.39
CA ARG A 248 7.20 -39.87 23.49
C ARG A 248 7.36 -38.60 24.31
N CYS A 249 7.21 -37.46 23.65
N CYS A 249 7.16 -37.46 23.65
CA CYS A 249 7.38 -36.14 24.28
CA CYS A 249 7.36 -36.18 24.29
C CYS A 249 6.09 -35.70 24.96
C CYS A 249 6.08 -35.71 24.96
N VAL A 250 5.99 -36.03 26.24
CA VAL A 250 4.80 -35.73 27.03
C VAL A 250 4.59 -34.24 27.23
N ALA A 251 5.68 -33.47 27.31
CA ALA A 251 5.60 -32.04 27.61
C ALA A 251 6.71 -31.22 26.97
N GLN A 252 6.36 -29.96 26.67
CA GLN A 252 7.26 -28.88 26.24
C GLN A 252 7.12 -27.75 27.23
N TRP A 253 8.23 -27.46 27.93
CA TRP A 253 8.27 -26.34 28.87
C TRP A 253 9.09 -25.18 28.27
N SER A 254 8.46 -24.07 27.87
CA SER A 254 7.03 -23.86 27.86
C SER A 254 6.52 -23.43 26.50
N GLY A 255 7.36 -23.52 25.46
CA GLY A 255 6.93 -23.13 24.12
C GLY A 255 5.88 -24.08 23.60
N ASP A 256 4.76 -23.52 23.16
CA ASP A 256 3.57 -24.30 22.79
C ASP A 256 3.04 -25.18 23.91
N GLY A 257 3.39 -24.82 25.15
CA GLY A 257 3.02 -25.60 26.33
C GLY A 257 1.60 -25.38 26.82
N SER A 258 0.99 -26.48 27.25
CA SER A 258 -0.31 -26.49 27.91
C SER A 258 -0.18 -26.77 29.41
N ILE A 259 -1.14 -26.28 30.18
CA ILE A 259 -1.11 -26.52 31.62
C ILE A 259 -1.15 -28.03 31.87
N SER A 260 -1.94 -28.78 31.11
CA SER A 260 -1.96 -30.21 31.37
C SER A 260 -0.63 -30.91 31.14
N GLU A 261 0.10 -30.54 30.11
CA GLU A 261 1.30 -31.26 29.82
C GLU A 261 2.35 -30.91 30.91
N ILE A 262 2.28 -29.71 31.48
CA ILE A 262 3.09 -29.38 32.66
C ILE A 262 2.70 -30.31 33.83
N GLU A 263 1.41 -30.49 34.08
CA GLU A 263 0.93 -31.35 35.17
C GLU A 263 1.27 -32.83 34.99
N LEU A 264 1.47 -33.25 33.73
CA LEU A 264 1.79 -34.64 33.41
C LEU A 264 3.29 -34.92 33.46
N THR A 265 4.10 -33.86 33.56
CA THR A 265 5.55 -34.01 33.44
C THR A 265 6.13 -34.92 34.54
N PRO A 266 5.59 -34.86 35.81
CA PRO A 266 6.09 -35.78 36.84
C PRO A 266 5.94 -37.27 36.50
N LYS A 267 5.23 -37.61 35.41
CA LYS A 267 5.08 -38.99 34.95
C LYS A 267 6.18 -39.46 33.98
N VAL A 268 7.07 -38.56 33.56
CA VAL A 268 8.04 -38.95 32.53
C VAL A 268 9.22 -39.71 33.11
N LYS A 269 10.02 -40.29 32.22
CA LYS A 269 11.19 -41.04 32.59
C LYS A 269 12.47 -40.22 32.57
N LEU A 270 12.48 -39.13 31.83
CA LEU A 270 13.72 -38.34 31.62
C LEU A 270 13.36 -36.94 31.19
N ASN A 271 13.96 -35.99 31.88
CA ASN A 271 13.86 -34.56 31.56
C ASN A 271 15.06 -34.11 30.70
N LEU A 272 14.75 -33.58 29.52
CA LEU A 272 15.75 -33.17 28.56
C LEU A 272 15.85 -31.66 28.64
N VAL A 273 16.95 -31.14 29.19
CA VAL A 273 17.09 -29.72 29.46
C VAL A 273 17.89 -29.03 28.34
N HIS A 274 17.23 -28.12 27.63
CA HIS A 274 17.90 -27.30 26.64
C HIS A 274 18.40 -26.05 27.35
N CYS A 275 17.50 -25.15 27.73
CA CYS A 275 17.91 -24.00 28.53
C CYS A 275 18.15 -24.32 30.00
N TYR A 276 19.41 -24.65 30.29
CA TYR A 276 19.90 -24.86 31.65
C TYR A 276 19.54 -23.66 32.57
N ARG A 277 19.90 -22.47 32.11
CA ARG A 277 19.80 -21.28 32.95
C ARG A 277 18.38 -21.09 33.48
N SER A 278 17.38 -21.17 32.62
CA SER A 278 16.01 -20.86 33.03
C SER A 278 15.26 -21.99 33.74
N MET A 279 15.63 -23.24 33.49
N MET A 279 15.65 -23.24 33.47
CA MET A 279 14.85 -24.34 34.06
CA MET A 279 14.90 -24.43 33.93
C MET A 279 15.63 -25.44 34.78
C MET A 279 15.63 -25.43 34.80
N ASN A 280 16.89 -25.17 35.11
CA ASN A 280 17.61 -26.09 35.99
C ASN A 280 16.90 -26.26 37.34
N TYR A 281 16.26 -25.18 37.81
CA TYR A 281 15.67 -25.17 39.15
C TYR A 281 14.58 -26.24 39.27
N ILE A 282 13.67 -26.24 38.31
CA ILE A 282 12.56 -27.18 38.37
C ILE A 282 13.05 -28.57 38.01
N SER A 283 14.08 -28.68 37.17
CA SER A 283 14.66 -29.98 36.84
C SER A 283 15.28 -30.64 38.09
N ARG A 284 15.97 -29.84 38.88
CA ARG A 284 16.50 -30.35 40.15
C ARG A 284 15.37 -30.77 41.10
N HIS A 285 14.36 -29.91 41.23
CA HIS A 285 13.19 -30.27 42.00
C HIS A 285 12.60 -31.61 41.57
N MET A 286 12.38 -31.81 40.29
CA MET A 286 11.77 -33.06 39.83
C MET A 286 12.61 -34.29 40.11
N GLU A 287 13.94 -34.15 40.07
CA GLU A 287 14.83 -35.25 40.47
C GLU A 287 14.66 -35.58 41.96
N GLU A 288 14.66 -34.54 42.79
CA GLU A 288 14.54 -34.64 44.24
C GLU A 288 13.24 -35.31 44.62
N LYS A 289 12.14 -34.75 44.09
CA LYS A 289 10.79 -35.19 44.48
C LYS A 289 10.29 -36.48 43.80
N TYR A 290 10.47 -36.62 42.48
CA TYR A 290 9.89 -37.75 41.73
C TYR A 290 10.93 -38.75 41.25
N GLY A 291 12.20 -38.47 41.52
CA GLY A 291 13.31 -39.31 41.05
C GLY A 291 13.57 -39.27 39.55
N ILE A 292 13.10 -38.23 38.87
CA ILE A 292 13.30 -38.12 37.42
C ILE A 292 14.68 -37.53 37.09
N PRO A 293 15.54 -38.27 36.35
CA PRO A 293 16.83 -37.70 36.01
C PRO A 293 16.69 -36.67 34.92
N TRP A 294 17.67 -35.77 34.85
CA TRP A 294 17.68 -34.76 33.81
C TRP A 294 19.04 -34.67 33.21
N MET A 295 19.09 -34.26 31.96
CA MET A 295 20.36 -34.10 31.23
C MET A 295 20.27 -32.92 30.28
N GLU A 296 21.40 -32.21 30.18
CA GLU A 296 21.55 -31.11 29.26
C GLU A 296 21.79 -31.62 27.86
N TYR A 297 21.21 -30.92 26.89
CA TYR A 297 21.49 -31.24 25.48
C TYR A 297 21.54 -29.95 24.64
N ASN A 298 21.87 -30.11 23.35
CA ASN A 298 22.08 -29.00 22.44
C ASN A 298 21.66 -29.43 21.02
N PHE A 299 20.65 -28.75 20.49
CA PHE A 299 20.12 -28.99 19.14
C PHE A 299 20.49 -27.85 18.17
N PHE A 300 21.61 -27.17 18.42
CA PHE A 300 22.09 -26.21 17.45
C PHE A 300 23.16 -26.81 16.51
N GLY A 301 22.77 -27.03 15.26
CA GLY A 301 23.69 -27.48 14.22
C GLY A 301 23.78 -28.99 14.19
N PRO A 302 24.25 -29.56 13.07
CA PRO A 302 24.26 -31.02 13.03
C PRO A 302 25.23 -31.69 14.00
N THR A 303 26.42 -31.15 14.22
CA THR A 303 27.35 -31.80 15.16
C THR A 303 26.77 -31.99 16.55
N LYS A 304 26.23 -30.90 17.09
CA LYS A 304 25.66 -30.94 18.44
C LYS A 304 24.37 -31.78 18.47
N THR A 305 23.53 -31.65 17.44
CA THR A 305 22.27 -32.38 17.42
C THR A 305 22.53 -33.89 17.37
N ILE A 306 23.52 -34.30 16.58
CA ILE A 306 23.86 -35.73 16.47
C ILE A 306 24.40 -36.25 17.82
N GLU A 307 25.30 -35.46 18.40
CA GLU A 307 25.85 -35.83 19.71
C GLU A 307 24.74 -35.93 20.78
N SER A 308 23.82 -34.98 20.75
CA SER A 308 22.70 -34.97 21.68
C SER A 308 21.78 -36.17 21.46
N LEU A 309 21.36 -36.43 20.22
CA LEU A 309 20.51 -37.61 19.95
C LEU A 309 21.15 -38.89 20.49
N ARG A 310 22.43 -39.08 20.24
CA ARG A 310 23.10 -40.28 20.72
C ARG A 310 23.17 -40.37 22.22
N ALA A 311 23.44 -39.25 22.87
CA ALA A 311 23.55 -39.24 24.32
C ALA A 311 22.22 -39.48 25.00
N ILE A 312 21.16 -38.91 24.42
CA ILE A 312 19.80 -39.17 24.87
C ILE A 312 19.42 -40.64 24.66
N ALA A 313 19.64 -41.16 23.45
CA ALA A 313 19.28 -42.55 23.15
C ALA A 313 20.00 -43.53 24.05
N ALA A 314 21.23 -43.22 24.43
CA ALA A 314 21.99 -44.07 25.36
C ALA A 314 21.32 -44.26 26.74
N LYS A 315 20.42 -43.37 27.15
CA LYS A 315 19.69 -43.51 28.41
C LYS A 315 18.57 -44.56 28.32
N PHE A 316 18.26 -45.02 27.10
CA PHE A 316 17.15 -45.96 26.89
C PHE A 316 17.65 -47.35 26.54
N ASP A 317 17.05 -48.02 25.58
CA ASP A 317 17.42 -49.39 25.31
C ASP A 317 17.94 -49.45 23.86
N GLU A 318 18.35 -50.65 23.44
CA GLU A 318 18.85 -50.87 22.11
C GLU A 318 17.88 -50.42 21.04
N SER A 319 16.57 -50.57 21.26
CA SER A 319 15.61 -50.23 20.20
C SER A 319 15.65 -48.72 19.92
N ILE A 320 15.87 -47.92 20.96
CA ILE A 320 15.96 -46.46 20.79
C ILE A 320 17.30 -46.07 20.15
N GLN A 321 18.38 -46.75 20.53
CA GLN A 321 19.70 -46.52 19.93
C GLN A 321 19.67 -46.83 18.43
N LYS A 322 18.99 -47.91 18.05
CA LYS A 322 18.84 -48.25 16.64
C LYS A 322 18.04 -47.17 15.87
N LYS A 323 16.93 -46.70 16.45
CA LYS A 323 16.19 -45.61 15.81
C LYS A 323 16.99 -44.33 15.75
N CYS A 324 17.81 -44.06 16.75
CA CYS A 324 18.69 -42.91 16.75
C CYS A 324 19.56 -42.91 15.47
N GLU A 325 20.18 -44.05 15.21
CA GLU A 325 21.07 -44.13 14.04
C GLU A 325 20.27 -44.00 12.75
N GLU A 326 19.04 -44.50 12.76
CA GLU A 326 18.15 -44.31 11.60
C GLU A 326 17.87 -42.84 11.40
N VAL A 327 17.58 -42.11 12.46
CA VAL A 327 17.32 -40.67 12.33
C VAL A 327 18.54 -39.95 11.78
N ILE A 328 19.70 -40.24 12.35
CA ILE A 328 20.93 -39.62 11.91
C ILE A 328 21.19 -39.92 10.43
N ALA A 329 20.98 -41.17 10.01
CA ALA A 329 21.13 -41.54 8.60
C ALA A 329 20.15 -40.82 7.68
N LYS A 330 18.92 -40.61 8.15
CA LYS A 330 17.90 -39.93 7.35
C LYS A 330 18.31 -38.49 7.03
N TYR A 331 18.76 -37.75 8.04
CA TYR A 331 19.03 -36.34 7.88
C TYR A 331 20.44 -36.04 7.37
N LYS A 332 21.32 -37.05 7.36
CA LYS A 332 22.70 -36.84 6.90
C LYS A 332 22.77 -36.12 5.55
N PRO A 333 22.04 -36.62 4.53
CA PRO A 333 22.18 -35.93 3.26
C PRO A 333 21.62 -34.51 3.26
N GLU A 334 20.62 -34.26 4.11
CA GLU A 334 19.97 -32.95 4.19
C GLU A 334 20.95 -31.90 4.75
N TRP A 335 21.53 -32.15 5.91
CA TRP A 335 22.45 -31.15 6.47
C TRP A 335 23.76 -31.14 5.71
N GLU A 336 24.13 -32.26 5.08
CA GLU A 336 25.36 -32.24 4.27
C GLU A 336 25.19 -31.31 3.09
N ALA A 337 23.97 -31.29 2.53
CA ALA A 337 23.67 -30.40 1.41
C ALA A 337 23.69 -28.93 1.85
N VAL A 338 23.17 -28.67 3.05
CA VAL A 338 23.26 -27.32 3.62
C VAL A 338 24.73 -26.88 3.77
N VAL A 339 25.57 -27.74 4.33
CA VAL A 339 26.98 -27.40 4.52
C VAL A 339 27.64 -27.18 3.15
N ALA A 340 27.37 -28.07 2.21
CA ALA A 340 28.01 -27.95 0.89
C ALA A 340 27.67 -26.62 0.20
N LYS A 341 26.46 -26.15 0.39
CA LYS A 341 26.05 -24.91 -0.25
C LYS A 341 26.58 -23.70 0.48
N TYR A 342 26.45 -23.72 1.81
CA TYR A 342 26.68 -22.50 2.60
C TYR A 342 28.06 -22.36 3.26
N ARG A 343 28.70 -23.48 3.60
CA ARG A 343 30.01 -23.38 4.26
C ARG A 343 31.03 -22.64 3.37
N PRO A 344 31.08 -22.90 2.04
CA PRO A 344 32.03 -22.14 1.21
C PRO A 344 31.76 -20.65 1.17
N ARG A 345 30.51 -20.28 1.44
N ARG A 345 30.52 -20.30 1.45
CA ARG A 345 30.11 -18.91 1.49
CA ARG A 345 30.13 -18.91 1.48
C ARG A 345 30.48 -18.20 2.79
C ARG A 345 30.49 -18.22 2.80
N LEU A 346 30.78 -18.99 3.83
CA LEU A 346 30.96 -18.45 5.15
C LEU A 346 32.27 -18.80 5.83
N GLU A 347 33.06 -19.66 5.20
CA GLU A 347 34.26 -20.22 5.79
C GLU A 347 35.19 -19.09 6.21
N GLY A 348 35.65 -19.14 7.47
CA GLY A 348 36.64 -18.22 7.97
C GLY A 348 36.06 -16.95 8.57
N LYS A 349 34.76 -16.74 8.40
N LYS A 349 34.77 -16.73 8.40
CA LYS A 349 34.17 -15.51 8.85
CA LYS A 349 34.17 -15.49 8.86
C LYS A 349 34.02 -15.53 10.38
C LYS A 349 34.02 -15.51 10.38
N ARG A 350 34.17 -14.35 10.99
N ARG A 350 34.21 -14.35 11.01
CA ARG A 350 34.29 -14.21 12.43
CA ARG A 350 34.30 -14.23 12.44
C ARG A 350 33.04 -13.51 12.96
C ARG A 350 33.07 -13.54 12.98
N VAL A 351 32.50 -14.08 14.05
N VAL A 351 32.55 -14.04 14.09
CA VAL A 351 31.26 -13.58 14.64
CA VAL A 351 31.29 -13.59 14.65
C VAL A 351 31.45 -13.22 16.11
C VAL A 351 31.46 -13.20 16.11
N MET A 352 30.75 -12.17 16.55
CA MET A 352 30.69 -11.82 17.99
C MET A 352 29.23 -11.92 18.37
N LEU A 353 28.97 -12.58 19.49
CA LEU A 353 27.63 -12.78 20.02
C LEU A 353 27.46 -12.05 21.33
N TYR A 354 26.22 -11.64 21.60
CA TYR A 354 25.82 -11.19 22.91
C TYR A 354 24.33 -11.48 23.05
N ILE A 355 23.99 -12.39 23.96
CA ILE A 355 22.61 -12.83 24.14
C ILE A 355 22.35 -13.02 25.66
N GLY A 356 21.43 -13.90 26.06
CA GLY A 356 20.87 -13.85 27.42
C GLY A 356 21.55 -14.76 28.40
N GLY A 357 21.24 -16.05 28.30
CA GLY A 357 21.71 -17.01 29.30
C GLY A 357 22.07 -18.38 28.76
N LEU A 358 21.91 -18.63 27.45
CA LEU A 358 22.17 -19.96 26.92
C LEU A 358 22.86 -19.87 25.56
N ARG A 359 22.17 -19.19 24.64
CA ARG A 359 22.61 -19.14 23.25
C ARG A 359 24.07 -18.66 23.02
N PRO A 360 24.60 -17.74 23.88
CA PRO A 360 25.97 -17.26 23.67
C PRO A 360 27.01 -18.38 23.64
N ARG A 361 26.74 -19.48 24.32
CA ARG A 361 27.56 -20.70 24.11
C ARG A 361 26.92 -21.74 23.22
N HIS A 362 25.60 -21.86 23.27
CA HIS A 362 24.96 -23.01 22.66
C HIS A 362 25.03 -23.05 21.14
N VAL A 363 25.10 -21.87 20.52
CA VAL A 363 25.12 -21.76 19.06
C VAL A 363 26.53 -21.83 18.45
N ILE A 364 27.58 -21.89 19.25
CA ILE A 364 28.93 -21.90 18.72
C ILE A 364 29.16 -23.07 17.73
N GLY A 365 28.70 -24.26 18.10
CA GLY A 365 28.90 -25.41 17.25
C GLY A 365 28.29 -25.24 15.87
N ALA A 366 27.11 -24.64 15.83
CA ALA A 366 26.42 -24.44 14.57
C ALA A 366 27.21 -23.48 13.69
N TYR A 367 27.78 -22.45 14.28
CA TYR A 367 28.66 -21.56 13.52
C TYR A 367 29.85 -22.34 13.00
N GLU A 368 30.45 -23.15 13.85
CA GLU A 368 31.61 -23.93 13.43
C GLU A 368 31.29 -24.96 12.32
N ASP A 369 30.06 -25.47 12.30
CA ASP A 369 29.58 -26.34 11.24
C ASP A 369 29.52 -25.62 9.86
N LEU A 370 29.59 -24.29 9.85
CA LEU A 370 29.64 -23.50 8.63
C LEU A 370 31.02 -22.87 8.46
N GLY A 371 31.99 -23.37 9.25
CA GLY A 371 33.35 -22.87 9.17
C GLY A 371 33.60 -21.51 9.75
N MET A 372 32.70 -21.03 10.59
CA MET A 372 32.79 -19.67 11.13
C MET A 372 33.44 -19.78 12.51
N GLU A 373 33.99 -18.68 12.99
CA GLU A 373 34.73 -18.62 14.25
C GLU A 373 34.05 -17.60 15.16
N VAL A 374 33.70 -18.03 16.35
CA VAL A 374 33.13 -17.12 17.34
C VAL A 374 34.25 -16.49 18.15
N VAL A 375 34.52 -15.24 17.86
CA VAL A 375 35.69 -14.57 18.42
C VAL A 375 35.39 -13.78 19.69
N GLY A 376 34.13 -13.50 19.96
CA GLY A 376 33.71 -12.92 21.23
C GLY A 376 32.31 -13.40 21.54
N THR A 377 32.03 -13.57 22.83
CA THR A 377 30.69 -13.93 23.26
C THR A 377 30.46 -13.43 24.68
N GLY A 378 29.19 -13.33 25.06
CA GLY A 378 28.87 -12.92 26.39
C GLY A 378 27.39 -13.01 26.65
N TYR A 379 27.03 -12.75 27.89
CA TYR A 379 25.66 -12.94 28.32
C TYR A 379 25.16 -11.77 29.11
N GLU A 380 23.86 -11.50 28.98
CA GLU A 380 23.20 -10.50 29.81
C GLU A 380 23.18 -10.90 31.27
N PHE A 381 22.82 -12.15 31.55
CA PHE A 381 22.40 -12.48 32.91
C PHE A 381 22.82 -13.89 33.35
N ALA A 382 23.78 -14.50 32.64
CA ALA A 382 24.33 -15.79 33.02
C ALA A 382 24.98 -15.77 34.42
N HIS A 383 25.08 -16.96 34.98
CA HIS A 383 25.79 -17.16 36.26
C HIS A 383 27.13 -17.88 36.01
N ASN A 384 27.96 -18.05 37.03
CA ASN A 384 29.24 -18.67 36.73
C ASN A 384 29.16 -20.13 36.23
N ASP A 385 28.11 -20.87 36.59
CA ASP A 385 27.94 -22.21 36.03
C ASP A 385 27.74 -22.19 34.51
N ASP A 386 27.14 -21.13 33.99
CA ASP A 386 27.12 -20.91 32.53
C ASP A 386 28.50 -20.59 31.98
N TYR A 387 29.25 -19.71 32.65
CA TYR A 387 30.60 -19.39 32.19
C TYR A 387 31.50 -20.64 32.21
N ASP A 388 31.33 -21.52 33.20
CA ASP A 388 32.12 -22.79 33.27
C ASP A 388 31.90 -23.58 31.99
N ARG A 389 30.66 -23.61 31.54
CA ARG A 389 30.28 -24.33 30.31
C ARG A 389 30.73 -23.64 29.04
N THR A 390 31.08 -22.37 29.13
CA THR A 390 31.37 -21.55 27.97
C THR A 390 32.87 -21.66 27.62
N MET A 391 33.73 -21.66 28.64
CA MET A 391 35.16 -21.49 28.38
C MET A 391 35.70 -22.63 27.50
N LYS A 392 35.16 -23.83 27.65
CA LYS A 392 35.63 -24.93 26.83
C LYS A 392 35.09 -24.87 25.40
N GLU A 393 33.99 -24.16 25.20
CA GLU A 393 33.37 -24.05 23.87
C GLU A 393 33.98 -22.92 23.01
N MET A 394 34.65 -21.99 23.66
CA MET A 394 35.25 -20.86 22.99
C MET A 394 36.73 -21.13 22.79
N GLY A 395 37.30 -20.52 21.77
CA GLY A 395 38.71 -20.68 21.50
C GLY A 395 39.60 -19.92 22.48
N ASP A 396 40.86 -20.28 22.47
CA ASP A 396 41.79 -19.56 23.30
C ASP A 396 41.90 -18.10 22.88
N SER A 397 42.08 -17.22 23.87
CA SER A 397 42.33 -15.82 23.64
C SER A 397 41.12 -15.10 23.07
N THR A 398 39.93 -15.71 23.09
CA THR A 398 38.73 -15.01 22.65
C THR A 398 38.22 -14.13 23.78
N LEU A 399 37.33 -13.21 23.47
CA LEU A 399 36.86 -12.24 24.44
C LEU A 399 35.53 -12.65 25.04
N LEU A 400 35.41 -12.57 26.36
CA LEU A 400 34.16 -12.83 27.06
C LEU A 400 33.72 -11.60 27.76
N TYR A 401 32.41 -11.30 27.73
CA TYR A 401 31.86 -10.14 28.43
C TYR A 401 30.55 -10.46 29.11
N ASP A 402 30.50 -10.18 30.42
CA ASP A 402 29.28 -10.36 31.23
C ASP A 402 28.59 -9.00 31.44
N ASP A 403 27.30 -8.91 31.16
CA ASP A 403 26.50 -7.69 31.29
C ASP A 403 27.22 -6.53 30.65
N VAL A 404 27.57 -6.71 29.38
CA VAL A 404 28.32 -5.73 28.63
C VAL A 404 27.54 -4.40 28.55
N THR A 405 28.28 -3.31 28.62
CA THR A 405 27.66 -1.98 28.49
C THR A 405 27.63 -1.62 27.02
N GLY A 406 26.72 -0.74 26.65
CA GLY A 406 26.64 -0.33 25.26
C GLY A 406 27.96 0.18 24.75
N TYR A 407 28.60 1.05 25.54
CA TYR A 407 29.93 1.59 25.23
C TYR A 407 30.94 0.49 24.97
N GLU A 408 31.06 -0.46 25.89
CA GLU A 408 32.01 -1.56 25.72
C GLU A 408 31.78 -2.35 24.43
N PHE A 409 30.53 -2.70 24.15
CA PHE A 409 30.23 -3.53 23.00
C PHE A 409 30.66 -2.77 21.71
N GLU A 410 30.32 -1.49 21.61
CA GLU A 410 30.69 -0.69 20.45
C GLU A 410 32.19 -0.68 20.29
N GLU A 411 32.89 -0.41 21.38
CA GLU A 411 34.37 -0.28 21.32
C GLU A 411 35.06 -1.59 21.00
N PHE A 412 34.56 -2.69 21.59
CA PHE A 412 35.12 -4.00 21.24
C PHE A 412 34.95 -4.32 19.73
N VAL A 413 33.77 -4.05 19.22
CA VAL A 413 33.47 -4.27 17.82
C VAL A 413 34.35 -3.38 16.91
N LYS A 414 34.54 -2.12 17.26
CA LYS A 414 35.41 -1.25 16.44
C LYS A 414 36.83 -1.85 16.28
N ARG A 415 37.34 -2.47 17.34
N ARG A 415 37.33 -2.48 17.34
CA ARG A 415 38.69 -3.03 17.28
CA ARG A 415 38.67 -3.04 17.28
C ARG A 415 38.73 -4.43 16.64
C ARG A 415 38.71 -4.43 16.66
N ILE A 416 37.79 -5.28 17.07
CA ILE A 416 37.80 -6.66 16.63
C ILE A 416 37.36 -6.75 15.19
N LYS A 417 36.41 -5.91 14.76
CA LYS A 417 35.97 -5.89 13.36
C LYS A 417 35.46 -7.26 12.94
N PRO A 418 34.49 -7.81 13.71
CA PRO A 418 33.88 -9.06 13.29
C PRO A 418 33.16 -8.90 11.95
N ASP A 419 33.04 -10.01 11.24
CA ASP A 419 32.28 -10.05 9.97
C ASP A 419 30.75 -10.07 10.16
N LEU A 420 30.32 -10.47 11.35
CA LEU A 420 28.92 -10.62 11.72
C LEU A 420 28.79 -10.45 13.21
N ILE A 421 27.65 -9.90 13.63
CA ILE A 421 27.27 -9.82 15.05
C ILE A 421 25.90 -10.45 15.23
N GLY A 422 25.76 -11.21 16.32
CA GLY A 422 24.52 -11.91 16.66
C GLY A 422 24.08 -11.43 18.03
N SER A 423 23.06 -10.58 18.09
CA SER A 423 22.60 -10.05 19.37
C SER A 423 21.10 -9.70 19.32
N GLY A 424 20.67 -8.64 20.01
CA GLY A 424 19.28 -8.32 20.12
C GLY A 424 18.83 -7.06 19.43
N ILE A 425 17.55 -6.74 19.64
CA ILE A 425 16.90 -5.62 18.94
C ILE A 425 17.49 -4.28 19.31
N LYS A 426 17.95 -4.14 20.55
CA LYS A 426 18.57 -2.88 20.98
C LYS A 426 19.99 -2.65 20.41
N GLU A 427 20.58 -3.72 19.92
CA GLU A 427 21.91 -3.72 19.34
C GLU A 427 21.88 -3.64 17.82
N LYS A 428 20.88 -4.25 17.18
CA LYS A 428 20.88 -4.46 15.73
C LYS A 428 21.24 -3.22 14.90
N PHE A 429 20.55 -2.13 15.16
CA PHE A 429 20.65 -0.97 14.26
C PHE A 429 21.93 -0.18 14.45
N ILE A 430 22.52 -0.28 15.63
CA ILE A 430 23.81 0.35 15.90
C ILE A 430 24.84 -0.26 14.95
N PHE A 431 24.90 -1.57 14.92
CA PHE A 431 25.97 -2.26 14.23
C PHE A 431 25.77 -2.27 12.74
N GLN A 432 24.53 -2.34 12.27
CA GLN A 432 24.29 -2.14 10.86
C GLN A 432 24.84 -0.80 10.30
N LYS A 433 24.66 0.27 11.06
CA LYS A 433 25.15 1.58 10.65
C LYS A 433 26.65 1.61 10.61
N MET A 434 27.29 0.77 11.43
CA MET A 434 28.73 0.60 11.36
C MET A 434 29.20 -0.24 10.17
N GLY A 435 28.28 -0.72 9.33
CA GLY A 435 28.61 -1.60 8.21
C GLY A 435 28.89 -3.05 8.56
N ILE A 436 28.43 -3.48 9.74
CA ILE A 436 28.60 -4.85 10.18
C ILE A 436 27.31 -5.64 10.09
N PRO A 437 27.28 -6.68 9.23
CA PRO A 437 26.12 -7.55 9.16
C PRO A 437 25.67 -7.99 10.54
N PHE A 438 24.35 -7.93 10.78
CA PHE A 438 23.78 -8.25 12.08
C PHE A 438 22.61 -9.23 11.95
N ARG A 439 22.65 -10.29 12.75
CA ARG A 439 21.48 -11.16 12.89
C ARG A 439 20.95 -11.17 14.33
N GLN A 440 19.65 -11.00 14.47
CA GLN A 440 19.04 -11.11 15.78
C GLN A 440 19.05 -12.54 16.23
N MET A 441 19.65 -12.77 17.39
CA MET A 441 19.80 -14.10 17.92
C MET A 441 18.92 -14.39 19.12
N HIS A 442 17.96 -13.50 19.37
CA HIS A 442 16.81 -13.82 20.24
C HIS A 442 15.60 -14.23 19.35
N SER A 443 15.17 -13.26 18.54
CA SER A 443 13.99 -13.39 17.66
C SER A 443 14.22 -14.08 16.37
N TRP A 444 15.45 -14.50 16.11
CA TRP A 444 15.85 -15.01 14.82
C TRP A 444 15.57 -14.07 13.66
N ASP A 445 15.43 -12.77 13.94
CA ASP A 445 15.15 -11.80 12.88
C ASP A 445 13.90 -12.23 12.09
N TYR A 446 12.93 -12.77 12.82
CA TYR A 446 11.57 -13.11 12.30
C TYR A 446 11.61 -14.32 11.37
N SER A 447 12.68 -15.10 11.51
CA SER A 447 12.92 -16.30 10.74
C SER A 447 12.98 -17.51 11.72
N GLY A 448 13.68 -18.57 11.35
CA GLY A 448 13.68 -19.79 12.14
C GLY A 448 12.56 -20.73 11.74
N PRO A 449 12.50 -21.90 12.37
CA PRO A 449 13.33 -22.30 13.53
C PRO A 449 14.83 -22.42 13.24
N TYR A 450 15.64 -22.38 14.32
CA TYR A 450 17.04 -22.74 14.21
C TYR A 450 17.40 -24.08 14.89
N HIS A 451 16.52 -24.65 15.71
CA HIS A 451 16.87 -25.92 16.37
C HIS A 451 16.73 -27.07 15.38
N GLY A 452 17.56 -28.08 15.58
CA GLY A 452 17.39 -29.35 14.90
C GLY A 452 17.99 -29.33 13.51
N PHE A 453 17.78 -30.39 12.75
CA PHE A 453 18.28 -30.42 11.39
C PHE A 453 17.55 -29.42 10.50
N ASP A 454 16.22 -29.37 10.61
CA ASP A 454 15.43 -28.45 9.76
C ASP A 454 15.78 -27.01 10.09
N GLY A 455 16.06 -26.72 11.37
CA GLY A 455 16.48 -25.38 11.76
C GLY A 455 17.86 -25.00 11.27
N PHE A 456 18.78 -25.96 11.14
CA PHE A 456 20.12 -25.62 10.69
C PHE A 456 20.09 -25.07 9.25
N ALA A 457 19.20 -25.61 8.43
CA ALA A 457 19.09 -25.16 7.04
C ALA A 457 18.73 -23.66 7.01
N ILE A 458 17.78 -23.31 7.88
CA ILE A 458 17.29 -21.92 7.95
C ILE A 458 18.38 -21.00 8.53
N PHE A 459 19.02 -21.46 9.62
CA PHE A 459 20.17 -20.75 10.21
C PHE A 459 21.24 -20.43 9.18
N ALA A 460 21.62 -21.45 8.42
CA ALA A 460 22.65 -21.27 7.39
C ALA A 460 22.22 -20.24 6.33
N ARG A 461 21.01 -20.43 5.81
CA ARG A 461 20.43 -19.52 4.81
C ARG A 461 20.51 -18.06 5.34
N ASP A 462 20.13 -17.91 6.59
CA ASP A 462 20.04 -16.61 7.22
C ASP A 462 21.39 -15.95 7.45
N MET A 463 22.36 -16.68 7.98
CA MET A 463 23.70 -16.10 8.16
C MET A 463 24.29 -15.69 6.81
N ASP A 464 24.12 -16.54 5.81
CA ASP A 464 24.59 -16.22 4.46
C ASP A 464 23.89 -15.01 3.84
N MET A 465 22.57 -14.94 3.94
CA MET A 465 21.81 -13.87 3.24
C MET A 465 22.22 -12.52 3.78
N THR A 466 22.50 -12.48 5.08
CA THR A 466 22.88 -11.22 5.73
C THR A 466 24.39 -10.91 5.61
N LEU A 467 25.24 -11.88 5.97
CA LEU A 467 26.70 -11.64 5.91
C LEU A 467 27.11 -11.26 4.48
N ASN A 468 26.60 -11.96 3.49
CA ASN A 468 26.99 -11.74 2.11
C ASN A 468 26.08 -10.79 1.33
N ASN A 469 25.22 -10.04 2.01
CA ASN A 469 24.26 -9.21 1.29
C ASN A 469 24.94 -8.10 0.50
N PRO A 470 24.43 -7.79 -0.71
CA PRO A 470 25.08 -6.71 -1.48
C PRO A 470 25.08 -5.34 -0.80
N CYS A 471 24.14 -5.13 0.11
CA CYS A 471 24.05 -3.83 0.78
C CYS A 471 25.33 -3.41 1.50
N TRP A 472 26.05 -4.39 2.01
CA TRP A 472 27.23 -4.05 2.84
C TRP A 472 28.41 -3.45 2.09
N LYS A 473 28.36 -3.50 0.76
CA LYS A 473 29.40 -2.91 -0.08
C LYS A 473 29.10 -1.46 -0.39
N LYS A 474 28.00 -0.94 0.14
CA LYS A 474 27.45 0.33 -0.33
C LYS A 474 27.41 1.44 0.70
N LEU A 475 28.00 1.24 1.87
CA LEU A 475 27.90 2.25 2.90
C LEU A 475 28.74 3.48 2.54
N GLN A 476 29.87 3.33 1.86
CA GLN A 476 30.71 4.52 1.56
C GLN A 476 30.28 5.15 0.24
N ALA A 477 29.87 6.43 0.27
CA ALA A 477 29.57 7.12 -0.98
C ALA A 477 30.82 7.12 -1.85
N PRO A 478 30.67 6.88 -3.16
CA PRO A 478 31.87 6.77 -3.99
C PRO A 478 32.62 8.10 -4.17
N TRP A 479 32.06 9.22 -3.73
CA TRP A 479 32.80 10.48 -3.76
C TRP A 479 33.54 10.79 -2.46
N GLU A 480 33.36 9.97 -1.42
N GLU A 480 33.42 9.90 -1.49
CA GLU A 480 33.98 10.20 -0.09
CA GLU A 480 34.27 9.96 -0.33
C GLU A 480 35.26 9.40 0.03
C GLU A 480 33.44 9.75 0.91
N SER B 2 11.84 -32.19 7.35
CA SER B 2 12.85 -32.29 6.26
C SER B 2 12.94 -30.97 5.54
N GLN B 3 14.09 -30.72 4.90
CA GLN B 3 14.28 -29.58 4.03
C GLN B 3 14.87 -30.01 2.70
N GLN B 4 14.48 -29.28 1.65
CA GLN B 4 15.13 -29.35 0.34
C GLN B 4 16.01 -28.12 0.24
N VAL B 5 17.30 -28.36 0.06
CA VAL B 5 18.28 -27.30 0.16
C VAL B 5 18.10 -26.10 -0.78
N ASP B 6 17.52 -26.37 -1.96
N ASP B 6 17.46 -26.31 -1.92
CA ASP B 6 17.26 -25.36 -2.96
CA ASP B 6 17.32 -25.18 -2.81
C ASP B 6 16.02 -24.47 -2.64
C ASP B 6 16.01 -24.45 -2.63
N LYS B 7 15.17 -24.90 -1.70
CA LYS B 7 13.96 -24.15 -1.37
C LYS B 7 13.65 -24.39 0.09
N ILE B 8 14.45 -23.77 0.93
CA ILE B 8 14.37 -23.97 2.38
C ILE B 8 13.10 -23.31 2.90
N LYS B 9 12.36 -24.01 3.77
CA LYS B 9 11.11 -23.48 4.36
C LYS B 9 11.37 -22.98 5.76
N ALA B 10 11.01 -21.74 6.02
CA ALA B 10 10.91 -21.22 7.40
C ALA B 10 9.61 -21.71 8.05
N SER B 11 9.39 -21.37 9.33
CA SER B 11 8.25 -21.89 10.12
C SER B 11 6.97 -21.99 9.29
N TYR B 12 6.67 -20.90 8.59
CA TYR B 12 5.67 -20.91 7.53
C TYR B 12 6.44 -21.02 6.21
N PRO B 13 6.25 -22.12 5.45
CA PRO B 13 5.26 -23.17 5.58
C PRO B 13 5.78 -24.51 6.09
N LEU B 14 6.98 -24.56 6.69
CA LEU B 14 7.55 -25.84 7.11
C LEU B 14 6.55 -26.67 7.92
N PHE B 15 5.87 -26.04 8.88
CA PHE B 15 5.07 -26.82 9.84
C PHE B 15 3.74 -27.27 9.26
N LEU B 16 3.47 -26.93 7.99
CA LEU B 16 2.35 -27.50 7.23
C LEU B 16 2.73 -28.83 6.55
N ASP B 17 4.02 -29.20 6.53
CA ASP B 17 4.41 -30.52 6.02
C ASP B 17 3.65 -31.59 6.79
N GLN B 18 3.33 -32.70 6.13
CA GLN B 18 2.53 -33.75 6.77
C GLN B 18 3.11 -34.30 8.06
N ASP B 19 4.42 -34.50 8.11
CA ASP B 19 5.00 -35.05 9.32
C ASP B 19 4.83 -34.12 10.52
N TYR B 20 5.04 -32.82 10.32
CA TYR B 20 4.80 -31.84 11.37
C TYR B 20 3.32 -31.73 11.77
N LYS B 21 2.42 -31.74 10.79
N LYS B 21 2.42 -31.74 10.79
CA LYS B 21 1.00 -31.72 11.06
CA LYS B 21 1.00 -31.73 11.06
C LYS B 21 0.60 -32.91 11.92
C LYS B 21 0.61 -32.92 11.92
N ASP B 22 1.07 -34.11 11.55
CA ASP B 22 0.73 -35.32 12.32
C ASP B 22 1.28 -35.28 13.76
N MET B 23 2.51 -34.78 13.89
CA MET B 23 3.15 -34.65 15.19
C MET B 23 2.34 -33.72 16.11
N LEU B 24 1.89 -32.61 15.55
CA LEU B 24 1.17 -31.60 16.33
C LEU B 24 -0.19 -32.09 16.72
N ALA B 25 -0.81 -32.85 15.84
CA ALA B 25 -2.04 -33.56 16.17
C ALA B 25 -1.85 -34.53 17.35
N LYS B 26 -0.76 -35.29 17.34
CA LYS B 26 -0.47 -36.25 18.40
C LYS B 26 -0.17 -35.54 19.70
N LYS B 27 0.50 -34.39 19.63
CA LYS B 27 0.79 -33.65 20.85
C LYS B 27 -0.53 -33.18 21.51
N ARG B 28 -1.38 -32.55 20.68
CA ARG B 28 -2.69 -32.12 21.12
C ARG B 28 -3.45 -33.27 21.77
N ASP B 29 -3.62 -34.35 21.01
CA ASP B 29 -4.51 -35.42 21.47
C ASP B 29 -3.95 -36.11 22.70
N GLY B 30 -2.64 -36.27 22.73
CA GLY B 30 -2.03 -36.97 23.82
C GLY B 30 -1.95 -36.22 25.14
N PHE B 31 -1.66 -34.92 25.07
CA PHE B 31 -1.14 -34.25 26.28
C PHE B 31 -1.76 -32.92 26.58
N GLU B 32 -2.53 -32.35 25.65
CA GLU B 32 -2.97 -30.96 25.81
C GLU B 32 -4.34 -30.86 26.43
N GLU B 33 -5.08 -31.96 26.49
CA GLU B 33 -6.43 -31.96 27.08
C GLU B 33 -7.22 -30.76 26.60
N LYS B 34 -7.25 -30.63 25.29
CA LYS B 34 -7.77 -29.45 24.63
C LYS B 34 -9.27 -29.50 24.55
N TYR B 35 -9.93 -28.35 24.70
CA TYR B 35 -11.36 -28.28 24.45
C TYR B 35 -11.69 -28.77 23.04
N PRO B 36 -12.78 -29.53 22.88
CA PRO B 36 -13.18 -30.00 21.55
C PRO B 36 -13.39 -28.82 20.59
N GLN B 37 -13.09 -29.04 19.31
CA GLN B 37 -13.23 -27.97 18.33
C GLN B 37 -14.64 -27.39 18.28
N ASP B 38 -15.67 -28.22 18.45
CA ASP B 38 -17.03 -27.69 18.46
C ASP B 38 -17.26 -26.70 19.59
N LYS B 39 -16.67 -26.97 20.75
CA LYS B 39 -16.75 -26.03 21.88
C LYS B 39 -15.97 -24.76 21.58
N ILE B 40 -14.79 -24.88 20.99
CA ILE B 40 -14.00 -23.70 20.60
C ILE B 40 -14.83 -22.86 19.62
N ASP B 41 -15.41 -23.49 18.61
CA ASP B 41 -16.22 -22.76 17.62
C ASP B 41 -17.40 -22.08 18.30
N GLU B 42 -18.03 -22.78 19.22
CA GLU B 42 -19.19 -22.24 19.93
C GLU B 42 -18.81 -20.97 20.69
N VAL B 43 -17.72 -21.05 21.45
CA VAL B 43 -17.28 -19.91 22.23
C VAL B 43 -16.85 -18.77 21.29
N PHE B 44 -16.09 -19.06 20.25
CA PHE B 44 -15.73 -18.02 19.29
C PHE B 44 -16.97 -17.29 18.82
N GLN B 45 -17.97 -18.03 18.36
N GLN B 45 -17.98 -18.02 18.37
CA GLN B 45 -19.19 -17.42 17.82
CA GLN B 45 -19.16 -17.38 17.85
C GLN B 45 -19.80 -16.47 18.89
C GLN B 45 -19.77 -16.46 18.91
N TRP B 46 -19.85 -16.94 20.14
CA TRP B 46 -20.42 -16.15 21.24
C TRP B 46 -19.64 -14.85 21.44
N THR B 47 -18.32 -14.92 21.29
CA THR B 47 -17.50 -13.67 21.43
C THR B 47 -17.73 -12.61 20.34
N THR B 48 -18.48 -12.97 19.31
CA THR B 48 -18.81 -12.02 18.24
C THR B 48 -20.18 -11.37 18.43
N THR B 49 -20.89 -11.76 19.50
CA THR B 49 -22.29 -11.35 19.68
C THR B 49 -22.49 -10.07 20.48
N LYS B 50 -23.68 -9.52 20.32
N LYS B 50 -23.68 -9.52 20.34
CA LYS B 50 -24.11 -8.36 21.09
CA LYS B 50 -24.09 -8.38 21.14
C LYS B 50 -24.18 -8.68 22.60
C LYS B 50 -24.16 -8.72 22.63
N GLU B 51 -24.65 -9.88 22.94
N GLU B 51 -24.64 -9.92 22.97
CA GLU B 51 -24.68 -10.33 24.32
CA GLU B 51 -24.67 -10.35 24.36
C GLU B 51 -23.28 -10.30 24.96
C GLU B 51 -23.27 -10.29 24.96
N TYR B 52 -22.29 -10.84 24.25
CA TYR B 52 -20.91 -10.80 24.72
C TYR B 52 -20.42 -9.35 24.80
N GLN B 53 -20.75 -8.54 23.81
CA GLN B 53 -20.34 -7.11 23.84
C GLN B 53 -20.81 -6.40 25.11
N GLU B 54 -22.06 -6.64 25.48
CA GLU B 54 -22.62 -6.03 26.70
C GLU B 54 -21.81 -6.45 27.93
N LEU B 55 -21.49 -7.73 28.06
CA LEU B 55 -20.67 -8.17 29.20
C LEU B 55 -19.28 -7.49 29.16
N ASN B 56 -18.77 -7.40 27.96
CA ASN B 56 -17.42 -6.86 27.68
C ASN B 56 -17.33 -5.38 28.14
N PHE B 57 -18.38 -4.63 27.82
CA PHE B 57 -18.43 -3.24 28.15
C PHE B 57 -18.75 -2.97 29.60
N GLN B 58 -19.13 -3.99 30.35
N GLN B 58 -19.14 -4.01 30.32
CA GLN B 58 -19.34 -3.88 31.79
CA GLN B 58 -19.34 -3.92 31.77
C GLN B 58 -18.08 -4.10 32.60
C GLN B 58 -18.07 -4.11 32.58
N ARG B 59 -16.96 -4.41 31.93
CA ARG B 59 -15.70 -4.56 32.65
C ARG B 59 -15.36 -3.31 33.46
N GLU B 60 -14.89 -3.51 34.69
CA GLU B 60 -14.41 -2.43 35.56
C GLU B 60 -12.96 -2.63 36.02
N ALA B 61 -12.49 -3.87 36.06
CA ALA B 61 -11.19 -4.19 36.65
C ALA B 61 -10.19 -4.72 35.62
N LEU B 62 -10.68 -5.50 34.66
CA LEU B 62 -9.82 -6.11 33.65
C LEU B 62 -9.66 -5.22 32.42
N THR B 63 -8.43 -5.10 31.96
CA THR B 63 -8.08 -4.47 30.68
C THR B 63 -7.46 -5.54 29.80
N VAL B 64 -7.92 -5.60 28.55
CA VAL B 64 -7.43 -6.53 27.56
C VAL B 64 -7.02 -5.76 26.29
N ASN B 65 -5.77 -5.96 25.85
CA ASN B 65 -5.24 -5.35 24.65
C ASN B 65 -5.39 -3.82 24.68
N PRO B 66 -4.73 -3.18 25.65
CA PRO B 66 -4.81 -1.72 25.71
C PRO B 66 -4.27 -1.01 24.48
N ALA B 67 -4.69 0.24 24.31
CA ALA B 67 -4.21 1.11 23.26
C ALA B 67 -3.59 2.36 23.86
N LYS B 68 -2.66 2.11 24.78
CA LYS B 68 -1.85 3.14 25.41
C LYS B 68 -0.63 2.49 26.05
N ALA B 69 0.38 3.31 26.35
CA ALA B 69 1.53 2.87 27.12
C ALA B 69 1.73 3.76 28.33
N CYS B 70 2.88 3.63 29.01
CA CYS B 70 3.10 4.35 30.29
C CYS B 70 3.95 5.61 30.11
N GLN B 71 3.78 6.53 31.05
CA GLN B 71 4.42 7.84 31.02
C GLN B 71 5.89 7.90 30.59
N PRO B 72 6.77 7.12 31.24
CA PRO B 72 8.19 7.35 30.92
C PRO B 72 8.53 7.07 29.45
N LEU B 73 7.75 6.26 28.73
CA LEU B 73 8.00 6.08 27.28
C LEU B 73 7.96 7.46 26.56
N GLY B 74 6.97 8.28 26.91
CA GLY B 74 6.84 9.62 26.35
C GLY B 74 7.91 10.58 26.79
N ALA B 75 8.34 10.50 28.07
CA ALA B 75 9.45 11.32 28.53
C ALA B 75 10.72 11.05 27.73
N VAL B 76 10.96 9.78 27.46
CA VAL B 76 12.16 9.34 26.71
C VAL B 76 12.11 9.93 25.29
N LEU B 77 10.97 9.81 24.63
CA LEU B 77 10.84 10.40 23.29
C LEU B 77 11.02 11.92 23.29
N CYS B 78 10.45 12.57 24.28
CA CYS B 78 10.61 14.00 24.40
C CYS B 78 12.09 14.34 24.53
N ALA B 79 12.75 13.68 25.47
CA ALA B 79 14.15 13.92 25.73
C ALA B 79 15.06 13.68 24.50
N LEU B 80 14.75 12.64 23.70
CA LEU B 80 15.54 12.37 22.49
C LEU B 80 15.62 13.55 21.51
N GLY B 81 14.65 14.46 21.58
CA GLY B 81 14.55 15.61 20.69
C GLY B 81 15.42 16.79 21.04
N PHE B 82 16.30 16.64 22.05
CA PHE B 82 17.19 17.74 22.47
C PHE B 82 18.62 17.40 22.12
N GLU B 83 19.37 18.42 21.73
CA GLU B 83 20.72 18.21 21.21
C GLU B 83 21.60 17.52 22.24
N LYS B 84 22.28 16.47 21.79
CA LYS B 84 23.22 15.73 22.62
C LYS B 84 22.68 15.42 24.01
N THR B 85 21.41 15.01 24.01
CA THR B 85 20.72 14.70 25.25
C THR B 85 20.54 13.19 25.43
N MET B 86 20.90 12.74 26.61
CA MET B 86 20.65 11.36 27.03
C MET B 86 19.38 11.25 27.87
N PRO B 87 18.39 10.50 27.39
CA PRO B 87 17.28 10.15 28.28
C PRO B 87 17.78 9.24 29.39
N TYR B 88 17.31 9.53 30.60
CA TYR B 88 17.76 8.85 31.81
C TYR B 88 16.53 8.62 32.65
N VAL B 89 16.23 7.35 32.90
CA VAL B 89 15.08 7.04 33.69
C VAL B 89 15.54 6.48 35.06
N HIS B 90 15.25 7.27 36.09
CA HIS B 90 15.60 6.94 37.46
C HIS B 90 14.63 5.86 37.93
N GLY B 91 15.18 4.75 38.41
CA GLY B 91 14.36 3.58 38.79
C GLY B 91 14.92 2.31 38.21
N SER B 92 14.01 1.47 37.74
CA SER B 92 14.25 0.08 37.44
C SER B 92 14.64 -0.13 35.98
N GLN B 93 15.74 -0.86 35.76
CA GLN B 93 16.35 -0.98 34.44
C GLN B 93 15.48 -1.80 33.47
N GLY B 94 14.63 -2.71 33.96
CA GLY B 94 13.76 -3.48 33.06
C GLY B 94 12.92 -2.58 32.18
N CYS B 95 12.52 -1.45 32.74
CA CYS B 95 11.67 -0.49 32.02
C CYS B 95 12.40 0.03 30.77
N VAL B 96 13.66 0.37 30.96
CA VAL B 96 14.47 0.97 29.89
C VAL B 96 14.72 -0.03 28.77
N ALA B 97 14.94 -1.30 29.09
CA ALA B 97 15.07 -2.27 28.02
C ALA B 97 13.79 -2.24 27.17
N TYR B 98 12.63 -2.19 27.83
CA TYR B 98 11.38 -2.14 27.10
C TYR B 98 11.17 -0.87 26.28
N PHE B 99 11.47 0.29 26.86
CA PHE B 99 11.22 1.54 26.15
C PHE B 99 12.05 1.56 24.87
N ARG B 100 13.32 1.18 25.00
CA ARG B 100 14.23 1.19 23.85
C ARG B 100 13.74 0.24 22.78
N SER B 101 13.43 -1.01 23.16
CA SER B 101 12.96 -2.01 22.20
C SER B 101 11.66 -1.58 21.50
N TYR B 102 10.74 -0.98 22.24
CA TYR B 102 9.47 -0.55 21.66
C TYR B 102 9.73 0.49 20.55
N PHE B 103 10.56 1.49 20.83
CA PHE B 103 10.92 2.44 19.78
C PHE B 103 11.84 1.84 18.69
N ASN B 104 12.77 0.96 19.07
CA ASN B 104 13.64 0.31 18.08
C ASN B 104 12.76 -0.33 17.01
N ARG B 105 11.72 -1.06 17.44
CA ARG B 105 10.86 -1.80 16.50
C ARG B 105 10.01 -0.89 15.58
N HIS B 106 9.68 0.32 16.05
CA HIS B 106 8.83 1.21 15.30
C HIS B 106 9.68 1.98 14.33
N PHE B 107 10.83 2.47 14.78
CA PHE B 107 11.69 3.32 13.92
C PHE B 107 12.75 2.55 13.13
N ARG B 108 12.99 1.30 13.52
CA ARG B 108 14.11 0.53 12.96
C ARG B 108 15.42 1.34 13.03
N GLU B 109 15.67 1.86 14.23
CA GLU B 109 16.84 2.67 14.55
C GLU B 109 17.29 2.39 15.95
N PRO B 110 18.54 2.74 16.26
CA PRO B 110 18.97 2.73 17.66
C PRO B 110 18.14 3.71 18.49
N VAL B 111 17.99 3.39 19.77
CA VAL B 111 17.28 4.23 20.71
C VAL B 111 18.10 4.19 21.99
N SER B 112 18.73 5.32 22.32
CA SER B 112 19.66 5.38 23.45
C SER B 112 18.91 5.94 24.66
N CYS B 113 19.08 5.26 25.79
CA CYS B 113 18.43 5.62 27.03
C CYS B 113 19.14 4.83 28.12
N VAL B 114 19.36 5.50 29.26
CA VAL B 114 19.95 4.81 30.44
C VAL B 114 18.98 4.72 31.62
N SER B 115 19.32 3.81 32.51
CA SER B 115 18.68 3.57 33.80
C SER B 115 19.75 3.88 34.84
N ASP B 116 19.34 4.08 36.08
CA ASP B 116 20.31 4.05 37.18
C ASP B 116 20.10 2.81 38.06
N SER B 117 19.38 1.83 37.53
CA SER B 117 19.42 0.47 38.05
C SER B 117 19.18 0.33 39.56
N MET B 118 18.07 0.91 40.01
CA MET B 118 17.66 0.73 41.37
C MET B 118 17.21 -0.70 41.54
N THR B 119 17.64 -1.26 42.65
CA THR B 119 17.19 -2.58 43.02
C THR B 119 16.37 -2.57 44.33
N GLU B 120 15.99 -3.76 44.77
CA GLU B 120 15.20 -3.93 45.97
C GLU B 120 15.82 -3.23 47.17
N ASP B 121 17.15 -3.22 47.25
CA ASP B 121 17.83 -2.62 48.41
C ASP B 121 17.48 -1.15 48.53
N ALA B 122 17.21 -0.49 47.40
CA ALA B 122 16.82 0.92 47.43
C ALA B 122 15.49 1.23 48.15
N ALA B 123 14.65 0.23 48.40
CA ALA B 123 13.43 0.43 49.16
C ALA B 123 13.73 0.96 50.58
N VAL B 124 14.91 0.68 51.11
CA VAL B 124 15.20 1.04 52.51
C VAL B 124 15.54 2.52 52.57
N PHE B 125 16.50 2.94 51.74
CA PHE B 125 17.04 4.27 51.81
C PHE B 125 16.60 5.14 50.66
N GLY B 126 16.10 4.56 49.58
CA GLY B 126 15.76 5.32 48.37
C GLY B 126 16.91 5.30 47.40
N GLY B 127 16.71 5.91 46.24
CA GLY B 127 17.68 5.84 45.14
C GLY B 127 18.69 6.98 45.01
N GLN B 128 19.04 7.67 46.09
CA GLN B 128 19.95 8.81 45.99
C GLN B 128 21.34 8.40 45.43
N GLN B 129 21.88 7.31 45.96
CA GLN B 129 23.21 6.89 45.54
C GLN B 129 23.17 6.45 44.06
N ASN B 130 22.09 5.78 43.67
CA ASN B 130 21.92 5.42 42.24
C ASN B 130 21.98 6.65 41.34
N MET B 131 21.31 7.72 41.76
CA MET B 131 21.35 8.96 41.00
C MET B 131 22.77 9.54 40.94
N LYS B 132 23.50 9.56 42.05
CA LYS B 132 24.84 10.16 42.08
C LYS B 132 25.76 9.40 41.12
N ASP B 133 25.84 8.09 41.30
CA ASP B 133 26.73 7.30 40.43
C ASP B 133 26.22 7.24 39.01
N GLY B 134 24.90 7.11 38.85
CA GLY B 134 24.29 7.09 37.53
C GLY B 134 24.60 8.32 36.68
N LEU B 135 24.39 9.51 37.25
CA LEU B 135 24.65 10.74 36.53
C LEU B 135 26.14 10.81 36.18
N GLN B 136 27.02 10.51 37.14
CA GLN B 136 28.47 10.59 36.88
C GLN B 136 28.90 9.61 35.77
N ASN B 137 28.39 8.39 35.89
CA ASN B 137 28.72 7.32 34.96
C ASN B 137 28.20 7.62 33.59
N CYS B 138 26.95 8.08 33.50
CA CYS B 138 26.35 8.45 32.23
C CYS B 138 27.15 9.53 31.51
N LYS B 139 27.45 10.59 32.24
CA LYS B 139 28.15 11.72 31.68
C LYS B 139 29.53 11.32 31.16
N ALA B 140 30.30 10.59 31.95
CA ALA B 140 31.64 10.15 31.53
C ALA B 140 31.60 9.22 30.35
N THR B 141 30.64 8.32 30.33
CA THR B 141 30.67 7.22 29.38
C THR B 141 30.11 7.60 28.02
N TYR B 142 28.96 8.26 28.06
CA TYR B 142 28.22 8.58 26.83
C TYR B 142 28.35 10.04 26.43
N LYS B 143 29.01 10.84 27.26
CA LYS B 143 29.32 12.25 26.92
C LYS B 143 28.14 13.05 26.35
N PRO B 144 26.96 12.94 26.98
CA PRO B 144 25.89 13.87 26.61
C PRO B 144 26.20 15.30 27.06
N ASP B 145 25.57 16.28 26.42
CA ASP B 145 25.59 17.64 26.95
C ASP B 145 24.43 17.97 27.89
N MET B 146 23.43 17.10 27.97
CA MET B 146 22.31 17.28 28.87
C MET B 146 21.82 15.88 29.21
N ILE B 147 21.35 15.69 30.44
CA ILE B 147 20.76 14.43 30.86
C ILE B 147 19.37 14.79 31.35
N ALA B 148 18.37 14.18 30.71
CA ALA B 148 16.97 14.49 31.00
C ALA B 148 16.37 13.35 31.78
N VAL B 149 15.97 13.62 33.02
CA VAL B 149 15.60 12.57 33.96
C VAL B 149 14.10 12.44 34.12
N SER B 150 13.64 11.20 34.03
CA SER B 150 12.27 10.78 34.34
C SER B 150 12.32 9.64 35.35
N THR B 151 11.16 9.04 35.67
CA THR B 151 11.11 7.97 36.66
C THR B 151 10.31 6.77 36.20
N THR B 152 10.70 5.62 36.77
CA THR B 152 9.87 4.40 36.72
C THR B 152 8.99 4.27 37.97
N CYS B 153 8.09 3.30 37.94
CA CYS B 153 7.04 3.29 38.92
C CYS B 153 7.58 2.91 40.31
N MET B 154 8.66 2.13 40.39
CA MET B 154 9.31 1.81 41.67
C MET B 154 9.72 3.13 42.35
N ALA B 155 10.34 4.02 41.58
CA ALA B 155 10.88 5.24 42.15
C ALA B 155 9.76 6.13 42.65
N GLU B 156 8.68 6.15 41.90
CA GLU B 156 7.50 6.87 42.32
C GLU B 156 6.86 6.30 43.59
N VAL B 157 6.70 4.99 43.67
CA VAL B 157 6.08 4.39 44.84
C VAL B 157 6.96 4.65 46.09
N ILE B 158 8.27 4.48 45.97
CA ILE B 158 9.19 4.70 47.10
C ILE B 158 9.26 6.18 47.50
N GLY B 159 8.86 7.06 46.59
CA GLY B 159 8.83 8.49 46.86
C GLY B 159 10.11 9.27 46.66
N ASP B 160 11.04 8.78 45.86
CA ASP B 160 12.27 9.49 45.62
C ASP B 160 12.05 10.94 45.12
N ASP B 161 12.71 11.88 45.78
CA ASP B 161 12.63 13.31 45.42
C ASP B 161 13.70 13.63 44.38
N LEU B 162 13.29 13.62 43.10
CA LEU B 162 14.23 13.87 42.00
C LEU B 162 15.03 15.16 42.17
N ASN B 163 14.34 16.26 42.46
CA ASN B 163 14.95 17.55 42.61
C ASN B 163 16.05 17.50 43.68
N ALA B 164 15.72 16.96 44.85
CA ALA B 164 16.70 16.91 45.93
C ALA B 164 17.85 16.01 45.54
N PHE B 165 17.53 14.88 44.91
CA PHE B 165 18.58 13.92 44.54
C PHE B 165 19.55 14.48 43.51
N ILE B 166 19.02 15.20 42.54
CA ILE B 166 19.88 15.85 41.55
C ILE B 166 20.70 16.99 42.16
N ASN B 167 20.08 17.80 42.98
CA ASN B 167 20.80 18.88 43.69
C ASN B 167 21.95 18.32 44.53
N ASN B 168 21.71 17.21 45.21
CA ASN B 168 22.73 16.57 46.09
C ASN B 168 23.85 15.94 45.25
N SER B 169 23.50 15.49 44.05
CA SER B 169 24.50 15.00 43.12
C SER B 169 25.47 16.11 42.71
N LYS B 170 24.93 17.29 42.42
CA LYS B 170 25.72 18.48 42.11
C LYS B 170 26.50 18.97 43.34
N LYS B 171 25.85 19.03 44.49
CA LYS B 171 26.54 19.48 45.71
C LYS B 171 27.77 18.61 46.02
N GLU B 172 27.65 17.29 45.85
CA GLU B 172 28.72 16.37 46.20
C GLU B 172 29.64 16.07 45.02
N GLY B 173 29.50 16.80 43.91
CA GLY B 173 30.49 16.77 42.80
C GLY B 173 30.38 15.62 41.80
N PHE B 174 29.27 14.87 41.83
CA PHE B 174 29.06 13.79 40.87
C PHE B 174 28.80 14.26 39.44
N ILE B 175 28.29 15.48 39.30
CA ILE B 175 27.95 16.07 38.00
C ILE B 175 28.18 17.59 38.21
N PRO B 176 28.71 18.30 37.19
CA PRO B 176 29.02 19.70 37.44
C PRO B 176 27.78 20.54 37.80
N ASP B 177 27.99 21.59 38.59
CA ASP B 177 26.88 22.47 39.00
C ASP B 177 26.05 23.01 37.84
N GLU B 178 26.71 23.35 36.74
CA GLU B 178 26.03 23.99 35.63
C GLU B 178 25.64 23.01 34.53
N PHE B 179 25.91 21.73 34.72
CA PHE B 179 25.54 20.74 33.73
C PHE B 179 24.02 20.54 33.75
N PRO B 180 23.36 20.59 32.58
CA PRO B 180 21.88 20.59 32.65
C PRO B 180 21.29 19.22 32.93
N VAL B 181 20.51 19.16 34.00
CA VAL B 181 19.79 17.96 34.44
C VAL B 181 18.34 18.31 34.74
N PRO B 182 17.59 18.61 33.68
CA PRO B 182 16.16 18.80 33.86
C PRO B 182 15.50 17.49 34.24
N PHE B 183 14.35 17.55 34.90
CA PHE B 183 13.72 16.33 35.40
C PHE B 183 12.20 16.45 35.38
N ALA B 184 11.55 15.30 35.45
CA ALA B 184 10.13 15.24 35.64
C ALA B 184 9.74 13.91 36.27
N HIS B 185 8.84 13.97 37.22
CA HIS B 185 8.18 12.78 37.75
C HIS B 185 7.21 12.25 36.72
N THR B 186 7.32 10.95 36.42
CA THR B 186 6.53 10.32 35.38
C THR B 186 5.90 9.01 35.84
N PRO B 187 4.93 9.08 36.76
CA PRO B 187 4.29 7.87 37.23
C PRO B 187 3.46 7.12 36.20
N SER B 188 3.76 5.82 36.02
CA SER B 188 3.08 5.01 35.01
C SER B 188 1.61 4.79 35.29
N PHE B 189 1.24 4.93 36.56
CA PHE B 189 -0.14 4.74 37.01
C PHE B 189 -0.97 6.03 36.92
N VAL B 190 -0.43 7.09 36.32
CA VAL B 190 -1.19 8.28 35.99
C VAL B 190 -1.13 8.52 34.48
N GLY B 191 -2.29 8.76 33.89
CA GLY B 191 -2.41 9.02 32.47
C GLY B 191 -1.78 7.95 31.59
N SER B 192 -0.93 8.39 30.68
CA SER B 192 -0.32 7.51 29.68
C SER B 192 1.01 8.08 29.18
N HIS B 193 1.59 7.39 28.19
CA HIS B 193 2.81 7.87 27.56
C HIS B 193 2.76 9.34 27.16
N VAL B 194 1.62 9.81 26.65
CA VAL B 194 1.55 11.21 26.25
C VAL B 194 1.72 12.18 27.44
N THR B 195 1.25 11.78 28.63
CA THR B 195 1.35 12.59 29.86
C THR B 195 2.83 12.73 30.25
N GLY B 196 3.58 11.65 30.02
CA GLY B 196 5.02 11.61 30.26
C GLY B 196 5.77 12.60 29.40
N TRP B 197 5.31 12.75 28.16
CA TRP B 197 5.90 13.69 27.23
C TRP B 197 5.66 15.11 27.76
N ASP B 198 4.40 15.44 28.08
CA ASP B 198 4.05 16.73 28.65
C ASP B 198 4.87 17.01 29.90
N ASN B 199 4.91 16.07 30.83
CA ASN B 199 5.69 16.28 32.06
C ASN B 199 7.17 16.54 31.79
N MET B 200 7.76 15.73 30.90
CA MET B 200 9.18 15.91 30.58
C MET B 200 9.43 17.28 29.94
N PHE B 201 8.60 17.61 28.96
CA PHE B 201 8.75 18.88 28.28
C PHE B 201 8.67 20.05 29.25
N GLU B 202 7.63 20.06 30.08
CA GLU B 202 7.47 21.19 31.03
C GLU B 202 8.67 21.28 32.00
N GLY B 203 9.21 20.13 32.38
CA GLY B 203 10.41 20.07 33.23
C GLY B 203 11.60 20.70 32.53
N ILE B 204 11.79 20.40 31.26
CA ILE B 204 12.90 20.97 30.48
C ILE B 204 12.71 22.45 30.27
N ALA B 205 11.49 22.84 29.95
CA ALA B 205 11.17 24.25 29.77
C ALA B 205 11.46 25.03 31.04
N ARG B 206 11.00 24.52 32.18
CA ARG B 206 11.24 25.18 33.50
C ARG B 206 12.74 25.31 33.77
N TYR B 207 13.45 24.22 33.55
CA TYR B 207 14.88 24.18 33.83
C TYR B 207 15.64 25.35 33.18
N PHE B 208 15.30 25.63 31.92
CA PHE B 208 16.02 26.61 31.13
C PHE B 208 15.49 28.02 31.20
N THR B 209 14.35 28.20 31.86
CA THR B 209 13.74 29.51 31.81
C THR B 209 13.19 30.10 33.10
N LEU B 210 12.84 29.28 34.08
CA LEU B 210 12.12 29.82 35.22
C LEU B 210 12.90 30.93 35.96
N LYS B 211 14.19 30.70 36.20
CA LYS B 211 15.02 31.61 36.98
C LYS B 211 15.50 32.81 36.19
N SER B 212 15.36 32.82 34.86
CA SER B 212 15.96 33.88 34.05
C SER B 212 14.92 34.76 33.37
N MET B 213 13.68 34.77 33.85
CA MET B 213 12.63 35.49 33.18
C MET B 213 12.79 37.01 33.17
N ASP B 214 13.48 37.59 34.14
CA ASP B 214 13.42 39.03 34.18
C ASP B 214 14.11 39.77 33.00
N ASP B 215 14.93 39.13 32.16
CA ASP B 215 15.44 39.83 30.95
C ASP B 215 14.59 39.53 29.69
N LYS B 216 13.53 38.74 29.82
CA LYS B 216 12.76 38.28 28.66
C LYS B 216 11.71 39.30 28.22
N VAL B 217 11.63 39.53 26.91
CA VAL B 217 10.60 40.37 26.29
C VAL B 217 9.86 39.57 25.23
N VAL B 218 8.55 39.38 25.42
CA VAL B 218 7.75 38.62 24.46
C VAL B 218 7.85 39.28 23.09
N GLY B 219 8.21 38.49 22.07
CA GLY B 219 8.25 38.96 20.69
C GLY B 219 9.62 39.41 20.21
N SER B 220 10.55 39.56 21.15
CA SER B 220 11.83 40.19 20.86
C SER B 220 12.71 39.35 19.96
N ASN B 221 12.50 38.03 19.88
CA ASN B 221 13.30 37.25 18.93
C ASN B 221 12.60 36.99 17.59
N LYS B 222 11.37 37.48 17.43
CA LYS B 222 10.64 37.45 16.14
C LYS B 222 10.35 36.01 15.65
N LYS B 223 10.40 35.03 16.55
CA LYS B 223 10.11 33.65 16.19
C LYS B 223 8.80 33.16 16.82
N ILE B 224 8.33 32.01 16.35
CA ILE B 224 7.25 31.30 16.99
C ILE B 224 7.79 29.96 17.47
N ASN B 225 7.56 29.64 18.74
CA ASN B 225 7.88 28.32 19.25
C ASN B 225 6.83 27.32 18.81
N ILE B 226 7.29 26.13 18.51
CA ILE B 226 6.43 25.01 18.10
C ILE B 226 6.75 23.83 18.99
N VAL B 227 5.73 23.29 19.66
CA VAL B 227 5.86 22.13 20.55
C VAL B 227 5.07 20.98 19.92
N PRO B 228 5.79 19.96 19.45
CA PRO B 228 5.08 18.92 18.68
C PRO B 228 4.30 17.85 19.48
N GLY B 229 4.65 17.65 20.75
CA GLY B 229 4.16 16.54 21.52
C GLY B 229 4.72 15.24 21.02
N PHE B 230 4.17 14.16 21.56
CA PHE B 230 4.55 12.81 21.32
C PHE B 230 4.22 12.50 19.86
N GLU B 231 5.27 12.26 19.07
CA GLU B 231 5.15 12.18 17.60
C GLU B 231 6.12 11.15 17.06
N THR B 232 5.58 10.20 16.32
CA THR B 232 6.33 9.05 15.86
C THR B 232 6.34 8.88 14.35
N TYR B 233 5.91 9.93 13.64
CA TYR B 233 6.16 10.06 12.20
C TYR B 233 7.21 11.12 11.88
N LEU B 234 8.31 10.71 11.26
CA LEU B 234 9.35 11.68 10.90
C LEU B 234 8.80 12.78 9.98
N GLY B 235 7.87 12.41 9.10
CA GLY B 235 7.34 13.36 8.16
C GLY B 235 6.57 14.47 8.84
N ASN B 236 6.12 14.24 10.05
CA ASN B 236 5.40 15.28 10.80
C ASN B 236 6.31 16.37 11.35
N PHE B 237 7.47 16.02 11.88
CA PHE B 237 8.42 17.06 12.24
C PHE B 237 8.84 17.84 10.99
N ARG B 238 9.07 17.08 9.93
CA ARG B 238 9.59 17.63 8.69
C ARG B 238 8.61 18.57 8.00
N VAL B 239 7.34 18.20 7.94
CA VAL B 239 6.37 19.02 7.21
C VAL B 239 6.12 20.37 7.90
N ILE B 240 6.10 20.35 9.23
CA ILE B 240 5.93 21.58 9.98
C ILE B 240 7.10 22.55 9.72
N LYS B 241 8.34 22.06 9.83
CA LYS B 241 9.51 22.87 9.52
C LYS B 241 9.51 23.34 8.06
N ARG B 242 9.10 22.45 7.16
CA ARG B 242 9.01 22.83 5.75
C ARG B 242 8.01 23.96 5.48
N MET B 243 6.82 23.82 6.06
CA MET B 243 5.79 24.83 5.82
C MET B 243 6.20 26.17 6.42
N LEU B 244 6.80 26.14 7.60
CA LEU B 244 7.17 27.40 8.23
C LEU B 244 8.30 28.07 7.46
N SER B 245 9.24 27.27 6.98
CA SER B 245 10.34 27.81 6.18
C SER B 245 9.83 28.43 4.87
N GLU B 246 8.91 27.77 4.20
N GLU B 246 8.89 27.77 4.22
CA GLU B 246 8.43 28.34 2.92
CA GLU B 246 8.32 28.29 2.96
C GLU B 246 7.58 29.61 3.11
C GLU B 246 7.64 29.62 3.14
N MET B 247 7.02 29.79 4.29
N MET B 247 7.07 29.81 4.32
CA MET B 247 6.30 31.04 4.63
CA MET B 247 6.34 31.00 4.67
C MET B 247 7.25 32.12 5.14
C MET B 247 7.26 32.11 5.16
N GLY B 248 8.53 31.79 5.35
CA GLY B 248 9.49 32.78 5.84
C GLY B 248 9.28 33.14 7.31
N VAL B 249 8.74 32.18 8.05
CA VAL B 249 8.45 32.36 9.47
C VAL B 249 9.62 31.86 10.31
N GLY B 250 10.11 32.74 11.16
CA GLY B 250 11.13 32.36 12.12
C GLY B 250 10.46 31.48 13.16
N TYR B 251 11.12 30.38 13.50
CA TYR B 251 10.55 29.42 14.44
C TYR B 251 11.61 28.64 15.20
N SER B 252 11.19 28.02 16.30
N SER B 252 11.20 28.06 16.30
CA SER B 252 12.05 27.07 17.04
CA SER B 252 12.07 27.13 17.01
C SER B 252 11.19 25.86 17.35
C SER B 252 11.22 25.92 17.31
N LEU B 253 11.57 24.72 16.80
CA LEU B 253 10.86 23.48 17.08
C LEU B 253 11.45 22.92 18.35
N LEU B 254 10.62 22.80 19.40
CA LEU B 254 11.10 22.46 20.75
C LEU B 254 10.78 20.98 21.04
N SER B 255 11.86 20.17 21.02
CA SER B 255 11.89 18.69 20.95
C SER B 255 11.74 18.27 19.51
N ASP B 256 12.89 17.98 18.88
CA ASP B 256 12.96 17.67 17.48
C ASP B 256 13.91 16.48 17.27
N PRO B 257 13.37 15.26 17.32
CA PRO B 257 14.17 14.06 17.22
C PRO B 257 14.35 13.60 15.79
N GLU B 258 14.02 14.38 14.78
CA GLU B 258 13.97 13.75 13.45
C GLU B 258 15.34 13.35 12.93
N GLU B 259 16.40 14.05 13.35
CA GLU B 259 17.72 13.61 12.96
C GLU B 259 18.16 12.34 13.66
N VAL B 260 17.97 12.28 14.97
CA VAL B 260 18.47 11.14 15.75
C VAL B 260 17.68 9.86 15.49
N LEU B 261 16.50 10.01 14.94
CA LEU B 261 15.69 8.87 14.58
C LEU B 261 15.84 8.54 13.09
N ASP B 262 16.85 9.09 12.41
CA ASP B 262 17.01 8.81 10.95
C ASP B 262 18.45 9.08 10.51
N THR B 263 19.40 8.53 11.24
CA THR B 263 20.79 8.73 10.88
C THR B 263 21.14 7.84 9.68
N PRO B 264 22.07 8.32 8.84
CA PRO B 264 22.45 7.51 7.70
C PRO B 264 23.30 6.32 8.10
N ALA B 265 23.19 5.23 7.32
CA ALA B 265 24.08 4.06 7.46
C ALA B 265 25.31 4.25 6.58
N ASP B 266 26.32 4.93 7.13
CA ASP B 266 27.50 5.34 6.36
C ASP B 266 28.78 4.85 6.98
N GLY B 267 28.68 3.89 7.88
CA GLY B 267 29.84 3.28 8.49
C GLY B 267 30.13 3.76 9.90
N GLN B 268 29.36 4.71 10.42
CA GLN B 268 29.50 5.05 11.82
C GLN B 268 28.16 5.15 12.50
N PHE B 269 28.17 4.81 13.78
CA PHE B 269 27.03 4.99 14.65
C PHE B 269 27.12 6.37 15.30
N ARG B 270 26.02 7.11 15.22
CA ARG B 270 25.89 8.44 15.84
C ARG B 270 24.89 8.34 16.97
N MET B 271 25.39 8.34 18.21
CA MET B 271 24.47 8.28 19.35
C MET B 271 23.51 9.46 19.40
N TYR B 272 24.02 10.65 19.03
CA TYR B 272 23.23 11.86 19.03
C TYR B 272 23.29 12.46 17.64
N ALA B 273 22.19 13.09 17.23
CA ALA B 273 22.17 13.89 16.02
C ALA B 273 21.09 14.96 16.08
N GLY B 274 21.41 16.15 15.63
CA GLY B 274 20.41 17.23 15.55
C GLY B 274 19.83 17.63 16.90
N GLY B 275 18.54 17.93 16.91
CA GLY B 275 17.86 18.28 18.14
C GLY B 275 17.81 19.75 18.48
N THR B 276 16.81 20.07 19.28
CA THR B 276 16.66 21.38 19.83
C THR B 276 17.86 21.76 20.68
N THR B 277 18.41 22.95 20.45
CA THR B 277 19.58 23.38 21.19
C THR B 277 19.21 23.96 22.57
N GLN B 278 20.16 23.94 23.48
CA GLN B 278 19.93 24.60 24.77
C GLN B 278 19.69 26.11 24.57
N GLU B 279 20.38 26.71 23.61
CA GLU B 279 20.25 28.12 23.30
C GLU B 279 18.81 28.38 22.86
N GLU B 280 18.22 27.43 22.13
CA GLU B 280 16.82 27.62 21.71
C GLU B 280 15.86 27.58 22.89
N MET B 281 16.11 26.69 23.84
CA MET B 281 15.23 26.59 25.01
C MET B 281 15.39 27.82 25.91
N LYS B 282 16.63 28.30 26.06
CA LYS B 282 16.88 29.48 26.89
C LYS B 282 16.24 30.73 26.31
N ASP B 283 16.21 30.84 24.98
CA ASP B 283 15.71 32.02 24.30
C ASP B 283 14.21 31.94 24.02
N ALA B 284 13.57 30.79 24.31
CA ALA B 284 12.17 30.56 23.94
C ALA B 284 11.15 31.57 24.48
N PRO B 285 11.35 32.08 25.71
CA PRO B 285 10.38 33.08 26.19
C PRO B 285 10.40 34.38 25.37
N ASN B 286 11.46 34.60 24.60
CA ASN B 286 11.53 35.77 23.71
C ASN B 286 10.74 35.63 22.42
N ALA B 287 10.15 34.45 22.18
CA ALA B 287 9.28 34.29 21.00
C ALA B 287 8.01 35.16 21.03
N LEU B 288 7.42 35.37 19.85
CA LEU B 288 6.14 36.04 19.72
C LEU B 288 5.06 35.29 20.46
N ASN B 289 5.16 33.96 20.41
CA ASN B 289 4.12 33.09 20.95
C ASN B 289 4.62 31.67 20.86
N THR B 290 3.82 30.73 21.36
CA THR B 290 4.12 29.31 21.37
C THR B 290 2.86 28.62 20.86
N VAL B 291 3.04 27.78 19.84
CA VAL B 291 1.99 26.95 19.27
C VAL B 291 2.20 25.49 19.68
N LEU B 292 1.13 24.91 20.21
CA LEU B 292 1.09 23.51 20.60
C LEU B 292 0.42 22.69 19.51
N LEU B 293 1.16 21.76 18.92
CA LEU B 293 0.60 20.96 17.83
C LEU B 293 -0.40 19.91 18.30
N GLN B 294 -0.24 19.42 19.54
CA GLN B 294 -1.10 18.36 20.07
C GLN B 294 -1.58 18.81 21.44
N PRO B 295 -2.50 19.79 21.44
CA PRO B 295 -2.85 20.45 22.71
C PRO B 295 -3.48 19.54 23.77
N TRP B 296 -4.13 18.46 23.34
CA TRP B 296 -4.82 17.61 24.30
C TRP B 296 -3.88 16.77 25.14
N HIS B 297 -2.58 16.70 24.83
CA HIS B 297 -1.62 16.16 25.79
C HIS B 297 -0.50 17.10 26.16
N LEU B 298 -0.78 18.40 26.08
CA LEU B 298 0.21 19.44 26.40
C LEU B 298 -0.34 20.49 27.36
N GLU B 299 -1.28 20.07 28.21
N GLU B 299 -1.28 20.06 28.20
CA GLU B 299 -1.96 20.97 29.13
CA GLU B 299 -1.94 20.96 29.13
C GLU B 299 -1.06 21.51 30.21
C GLU B 299 -1.03 21.52 30.21
N LYS B 300 -0.12 20.70 30.71
CA LYS B 300 0.82 21.19 31.72
C LYS B 300 1.80 22.17 31.09
N THR B 301 2.35 21.80 29.95
CA THR B 301 3.18 22.69 29.17
C THR B 301 2.47 24.06 28.91
N LYS B 302 1.20 23.99 28.49
CA LYS B 302 0.46 25.20 28.20
C LYS B 302 0.37 26.10 29.43
N LYS B 303 0.11 25.53 30.59
CA LYS B 303 0.03 26.37 31.81
C LYS B 303 1.34 27.07 32.12
N PHE B 304 2.45 26.39 31.88
CA PHE B 304 3.74 26.98 32.12
C PHE B 304 4.08 28.08 31.11
N VAL B 305 3.84 27.82 29.83
CA VAL B 305 4.11 28.77 28.77
C VAL B 305 3.25 30.02 28.96
N GLU B 306 1.98 29.83 29.30
CA GLU B 306 1.09 30.96 29.56
C GLU B 306 1.44 31.71 30.83
N GLY B 307 1.63 30.98 31.92
CA GLY B 307 1.79 31.57 33.23
C GLY B 307 3.17 32.16 33.45
N THR B 308 4.20 31.53 32.88
CA THR B 308 5.56 31.98 33.10
C THR B 308 6.09 32.73 31.88
N TRP B 309 5.93 32.18 30.68
CA TRP B 309 6.44 32.92 29.52
C TRP B 309 5.51 34.05 29.09
N LYS B 310 4.27 34.05 29.55
CA LYS B 310 3.26 35.07 29.21
C LYS B 310 2.91 35.05 27.74
N HIS B 311 3.01 33.87 27.11
CA HIS B 311 2.64 33.72 25.71
C HIS B 311 1.17 33.47 25.61
N GLU B 312 0.48 34.09 24.66
CA GLU B 312 -0.97 33.91 24.54
C GLU B 312 -1.27 32.74 23.60
N VAL B 313 -1.08 31.52 24.12
CA VAL B 313 -1.06 30.30 23.29
C VAL B 313 -2.40 30.19 22.54
N PRO B 314 -2.36 30.14 21.19
CA PRO B 314 -3.63 30.12 20.44
C PRO B 314 -4.38 28.82 20.58
N LYS B 315 -5.70 28.93 20.47
CA LYS B 315 -6.59 27.82 20.53
C LYS B 315 -6.65 27.24 19.16
N LEU B 316 -5.75 26.32 18.91
CA LEU B 316 -5.66 25.63 17.64
C LEU B 316 -5.73 24.14 17.82
N ASN B 317 -6.49 23.48 16.96
CA ASN B 317 -6.42 22.03 16.83
C ASN B 317 -5.13 21.56 16.17
N ILE B 318 -4.85 20.27 16.31
CA ILE B 318 -3.75 19.64 15.59
C ILE B 318 -3.92 19.96 14.09
N PRO B 319 -2.83 20.34 13.37
CA PRO B 319 -3.00 20.69 11.94
C PRO B 319 -3.11 19.43 11.08
N MET B 320 -4.28 18.82 11.15
CA MET B 320 -4.62 17.65 10.35
C MET B 320 -5.87 17.93 9.56
N GLY B 321 -5.86 17.50 8.30
CA GLY B 321 -6.98 17.78 7.42
C GLY B 321 -6.91 19.15 6.83
N LEU B 322 -7.96 19.47 6.08
CA LEU B 322 -7.97 20.70 5.32
C LEU B 322 -8.26 21.91 6.20
N ASP B 323 -9.38 21.93 6.93
CA ASP B 323 -9.76 23.10 7.75
C ASP B 323 -8.71 23.45 8.83
N TRP B 324 -8.20 22.44 9.50
CA TRP B 324 -7.30 22.68 10.61
C TRP B 324 -5.90 23.04 10.15
N THR B 325 -5.52 22.61 8.94
CA THR B 325 -4.25 23.06 8.38
C THR B 325 -4.40 24.53 7.96
N ASP B 326 -5.53 24.85 7.33
CA ASP B 326 -5.88 26.21 7.01
C ASP B 326 -5.78 27.11 8.25
N GLU B 327 -6.42 26.66 9.33
CA GLU B 327 -6.50 27.47 10.55
C GLU B 327 -5.10 27.71 11.15
N PHE B 328 -4.28 26.67 11.13
CA PHE B 328 -2.91 26.74 11.62
C PHE B 328 -2.11 27.75 10.79
N LEU B 329 -2.24 27.70 9.48
CA LEU B 329 -1.45 28.61 8.66
C LEU B 329 -1.91 30.06 8.82
N MET B 330 -3.22 30.26 8.94
CA MET B 330 -3.77 31.61 9.12
C MET B 330 -3.35 32.21 10.46
N LYS B 331 -3.31 31.37 11.48
CA LYS B 331 -2.87 31.84 12.79
C LYS B 331 -1.37 32.15 12.82
N VAL B 332 -0.56 31.29 12.20
CA VAL B 332 0.86 31.55 12.04
C VAL B 332 1.08 32.83 11.26
N SER B 333 0.26 33.05 10.23
CA SER B 333 0.37 34.29 9.45
C SER B 333 0.11 35.52 10.29
N GLU B 334 -0.95 35.43 11.12
CA GLU B 334 -1.35 36.52 12.00
C GLU B 334 -0.25 36.88 13.02
N ILE B 335 0.30 35.87 13.65
CA ILE B 335 1.30 36.04 14.70
C ILE B 335 2.61 36.61 14.12
N SER B 336 3.05 36.01 13.02
CA SER B 336 4.33 36.33 12.38
C SER B 336 4.34 37.57 11.48
N GLY B 337 3.17 37.94 10.96
CA GLY B 337 3.07 39.00 9.95
C GLY B 337 3.44 38.53 8.54
N GLN B 338 3.62 37.23 8.36
CA GLN B 338 4.01 36.69 7.07
C GLN B 338 2.78 36.20 6.33
N PRO B 339 2.62 36.63 5.07
CA PRO B 339 1.53 36.06 4.33
C PRO B 339 1.72 34.56 3.97
N ILE B 340 0.61 33.87 3.79
CA ILE B 340 0.67 32.50 3.31
C ILE B 340 1.13 32.56 1.84
N PRO B 341 2.26 31.91 1.50
CA PRO B 341 2.78 32.08 0.14
C PRO B 341 2.07 31.23 -0.89
N ALA B 342 2.30 31.61 -2.14
CA ALA B 342 1.77 30.93 -3.32
C ALA B 342 1.99 29.40 -3.29
N SER B 343 3.15 28.97 -2.81
CA SER B 343 3.49 27.53 -2.79
C SER B 343 2.47 26.73 -1.93
N LEU B 344 2.15 27.25 -0.74
CA LEU B 344 1.20 26.59 0.16
C LEU B 344 -0.25 26.68 -0.34
N THR B 345 -0.64 27.83 -0.91
CA THR B 345 -1.94 27.96 -1.56
C THR B 345 -2.12 26.91 -2.66
N LYS B 346 -1.09 26.70 -3.48
CA LYS B 346 -1.19 25.70 -4.52
C LYS B 346 -1.27 24.27 -3.95
N GLU B 347 -0.41 23.98 -2.96
CA GLU B 347 -0.43 22.68 -2.30
C GLU B 347 -1.82 22.38 -1.75
N ARG B 348 -2.42 23.36 -1.08
CA ARG B 348 -3.80 23.23 -0.62
C ARG B 348 -4.75 22.82 -1.75
N GLY B 349 -4.65 23.54 -2.87
CA GLY B 349 -5.49 23.28 -4.05
C GLY B 349 -5.27 21.92 -4.70
N ARG B 350 -4.05 21.42 -4.56
CA ARG B 350 -3.75 20.10 -5.02
C ARG B 350 -4.42 19.06 -4.11
N LEU B 351 -4.41 19.26 -2.79
CA LEU B 351 -5.17 18.38 -1.91
C LEU B 351 -6.64 18.38 -2.29
N VAL B 352 -7.20 19.57 -2.51
CA VAL B 352 -8.61 19.67 -2.82
C VAL B 352 -8.88 18.97 -4.16
N ASP B 353 -7.95 19.10 -5.11
CA ASP B 353 -8.11 18.36 -6.36
C ASP B 353 -8.21 16.86 -6.10
N MET B 354 -7.30 16.35 -5.29
CA MET B 354 -7.31 14.92 -4.95
C MET B 354 -8.63 14.51 -4.31
N MET B 355 -9.16 15.35 -3.45
CA MET B 355 -10.43 15.06 -2.79
C MET B 355 -11.55 14.98 -3.84
N THR B 356 -11.57 15.91 -4.79
CA THR B 356 -12.60 15.87 -5.84
C THR B 356 -12.44 14.61 -6.71
N ASP B 357 -11.20 14.21 -6.98
CA ASP B 357 -10.93 13.05 -7.79
C ASP B 357 -11.34 11.73 -7.11
N SER B 358 -11.19 11.66 -5.79
CA SER B 358 -11.36 10.40 -5.07
C SER B 358 -12.65 10.31 -4.27
N HIS B 359 -13.50 11.34 -4.32
CA HIS B 359 -14.64 11.42 -3.40
C HIS B 359 -15.67 10.29 -3.58
N THR B 360 -15.80 9.78 -4.80
CA THR B 360 -16.86 8.80 -5.06
C THR B 360 -16.56 7.46 -4.37
N TRP B 361 -15.30 7.10 -4.20
CA TRP B 361 -14.96 5.85 -3.56
C TRP B 361 -14.89 6.00 -2.06
N LEU B 362 -14.66 7.22 -1.59
CA LEU B 362 -14.58 7.47 -0.15
C LEU B 362 -15.95 7.65 0.47
N HIS B 363 -16.90 8.10 -0.32
CA HIS B 363 -18.16 8.56 0.22
C HIS B 363 -18.87 7.46 0.99
N GLY B 364 -19.27 7.78 2.22
CA GLY B 364 -20.02 6.82 3.04
C GLY B 364 -19.25 5.65 3.64
N LYS B 365 -17.96 5.58 3.38
CA LYS B 365 -17.20 4.47 3.91
C LYS B 365 -17.06 4.62 5.43
N ARG B 366 -17.19 3.49 6.10
CA ARG B 366 -17.33 3.41 7.54
C ARG B 366 -16.03 2.90 8.18
N PHE B 367 -15.55 3.62 9.19
CA PHE B 367 -14.27 3.31 9.83
C PHE B 367 -14.35 3.20 11.35
N ALA B 368 -13.60 2.21 11.81
CA ALA B 368 -13.23 2.11 13.23
C ALA B 368 -11.81 2.60 13.34
N LEU B 369 -11.49 3.32 14.39
CA LEU B 369 -10.18 3.92 14.50
C LEU B 369 -9.80 4.18 15.96
N TRP B 370 -8.51 4.26 16.20
CA TRP B 370 -7.97 4.50 17.54
C TRP B 370 -6.61 5.16 17.50
N GLY B 371 -6.14 5.56 18.68
CA GLY B 371 -4.85 6.20 18.82
C GLY B 371 -4.90 7.22 19.94
N ASP B 372 -3.96 8.15 19.90
CA ASP B 372 -3.85 9.19 20.93
C ASP B 372 -4.86 10.31 20.61
N PRO B 373 -5.24 11.07 21.66
CA PRO B 373 -6.41 11.98 21.47
C PRO B 373 -6.31 12.99 20.30
N ASP B 374 -5.18 13.65 20.15
CA ASP B 374 -5.08 14.66 19.09
C ASP B 374 -5.06 14.01 17.70
N PHE B 375 -4.27 12.94 17.55
CA PHE B 375 -4.28 12.16 16.31
C PHE B 375 -5.68 11.68 15.95
N VAL B 376 -6.38 11.08 16.92
CA VAL B 376 -7.73 10.57 16.68
C VAL B 376 -8.69 11.70 16.25
N MET B 377 -8.68 12.83 16.96
CA MET B 377 -9.62 13.86 16.55
C MET B 377 -9.31 14.47 15.17
N GLY B 378 -8.03 14.58 14.81
CA GLY B 378 -7.63 15.05 13.49
C GLY B 378 -8.00 14.08 12.41
N LEU B 379 -7.86 12.79 12.70
CA LEU B 379 -8.30 11.78 11.76
C LEU B 379 -9.81 11.80 11.58
N VAL B 380 -10.54 11.91 12.68
CA VAL B 380 -12.02 12.07 12.60
C VAL B 380 -12.41 13.28 11.72
N LYS B 381 -11.79 14.42 11.99
CA LYS B 381 -12.09 15.61 11.21
C LYS B 381 -11.85 15.42 9.72
N PHE B 382 -10.68 14.91 9.35
CA PHE B 382 -10.37 14.69 7.96
C PHE B 382 -11.34 13.68 7.35
N LEU B 383 -11.66 12.61 8.07
CA LEU B 383 -12.63 11.65 7.54
C LEU B 383 -13.95 12.35 7.25
N LEU B 384 -14.42 13.22 8.14
CA LEU B 384 -15.66 13.95 7.84
C LEU B 384 -15.53 14.84 6.58
N GLU B 385 -14.37 15.48 6.43
CA GLU B 385 -14.08 16.29 5.24
C GLU B 385 -14.10 15.46 3.94
N LEU B 386 -13.72 14.19 4.04
CA LEU B 386 -13.76 13.26 2.92
C LEU B 386 -15.12 12.63 2.64
N GLY B 387 -16.15 12.96 3.43
CA GLY B 387 -17.45 12.35 3.29
C GLY B 387 -17.50 10.92 3.79
N CYS B 388 -16.59 10.59 4.72
CA CYS B 388 -16.55 9.27 5.35
C CYS B 388 -17.23 9.30 6.73
N GLU B 389 -17.63 8.12 7.23
CA GLU B 389 -18.27 8.00 8.54
C GLU B 389 -17.38 7.32 9.56
N PRO B 390 -16.85 8.10 10.51
CA PRO B 390 -16.01 7.52 11.56
C PRO B 390 -16.82 6.92 12.70
N VAL B 391 -17.35 5.72 12.52
N VAL B 391 -17.33 5.71 12.46
CA VAL B 391 -18.42 5.24 13.40
CA VAL B 391 -18.36 5.02 13.26
C VAL B 391 -17.95 4.71 14.77
C VAL B 391 -17.94 4.71 14.70
N HIS B 392 -16.77 4.07 14.83
CA HIS B 392 -16.20 3.66 16.13
C HIS B 392 -14.91 4.44 16.37
N ILE B 393 -14.97 5.36 17.33
CA ILE B 393 -13.86 6.26 17.62
C ILE B 393 -13.36 5.88 19.01
N LEU B 394 -12.21 5.24 19.08
CA LEU B 394 -11.69 4.72 20.36
C LEU B 394 -10.41 5.41 20.76
N CYS B 395 -10.43 6.02 21.94
CA CYS B 395 -9.24 6.63 22.50
C CYS B 395 -9.10 6.17 23.94
N HIS B 396 -8.31 5.13 24.12
CA HIS B 396 -8.16 4.49 25.42
C HIS B 396 -7.71 5.52 26.48
N ASN B 397 -6.78 6.39 26.10
CA ASN B 397 -6.25 7.40 26.99
C ASN B 397 -6.89 8.79 26.85
N GLY B 398 -8.13 8.84 26.38
CA GLY B 398 -8.84 10.09 26.17
C GLY B 398 -9.54 10.48 27.46
N ASN B 399 -9.98 11.71 27.55
CA ASN B 399 -10.71 12.15 28.74
C ASN B 399 -12.06 12.73 28.40
N LYS B 400 -12.86 13.06 29.41
CA LYS B 400 -14.20 13.55 29.19
C LYS B 400 -14.29 14.84 28.42
N ARG B 401 -13.41 15.78 28.71
CA ARG B 401 -13.46 17.06 28.03
C ARG B 401 -13.15 16.86 26.56
N TRP B 402 -12.21 15.97 26.29
CA TRP B 402 -11.82 15.65 24.91
C TRP B 402 -12.98 15.01 24.15
N LYS B 403 -13.63 14.06 24.79
CA LYS B 403 -14.77 13.40 24.18
C LYS B 403 -15.87 14.41 23.85
N LYS B 404 -16.09 15.39 24.72
CA LYS B 404 -17.12 16.40 24.45
C LYS B 404 -16.74 17.17 23.20
N ALA B 405 -15.45 17.48 23.07
CA ALA B 405 -14.95 18.21 21.90
C ALA B 405 -15.16 17.41 20.63
N VAL B 406 -14.90 16.11 20.70
CA VAL B 406 -15.04 15.29 19.53
C VAL B 406 -16.50 15.09 19.19
N ASP B 407 -17.34 14.84 20.19
CA ASP B 407 -18.77 14.78 19.98
C ASP B 407 -19.26 16.09 19.32
N ALA B 408 -18.65 17.23 19.63
CA ALA B 408 -19.06 18.48 18.95
C ALA B 408 -18.65 18.57 17.48
N ILE B 409 -17.46 18.08 17.18
CA ILE B 409 -17.04 17.96 15.81
C ILE B 409 -18.01 17.07 15.02
N LEU B 410 -18.43 15.95 15.63
CA LEU B 410 -19.31 15.00 14.95
C LEU B 410 -20.65 15.66 14.65
N ALA B 411 -21.15 16.40 15.64
CA ALA B 411 -22.41 17.13 15.49
C ALA B 411 -22.36 18.22 14.37
N ALA B 412 -21.20 18.78 14.06
CA ALA B 412 -21.09 19.78 12.99
C ALA B 412 -21.18 19.19 11.57
N SER B 413 -21.33 17.86 11.45
CA SER B 413 -21.36 17.19 10.15
C SER B 413 -22.41 16.08 10.04
N PRO B 414 -23.13 16.03 8.92
CA PRO B 414 -23.98 14.89 8.70
C PRO B 414 -23.27 13.56 8.70
N TYR B 415 -21.99 13.57 8.40
CA TYR B 415 -21.21 12.34 8.36
C TYR B 415 -20.85 11.82 9.75
N GLY B 416 -21.16 12.58 10.80
CA GLY B 416 -20.94 12.13 12.16
C GLY B 416 -22.12 11.45 12.83
N LYS B 417 -23.22 11.26 12.13
CA LYS B 417 -24.45 10.92 12.81
C LYS B 417 -24.53 9.45 13.28
N ASN B 418 -23.67 8.58 12.75
CA ASN B 418 -23.64 7.16 13.17
C ASN B 418 -22.39 6.84 13.97
N ALA B 419 -21.77 7.88 14.50
CA ALA B 419 -20.50 7.76 15.19
C ALA B 419 -20.62 7.83 16.71
N THR B 420 -19.80 7.06 17.39
CA THR B 420 -19.72 7.10 18.86
C THR B 420 -18.26 7.18 19.28
N VAL B 421 -17.98 8.02 20.27
CA VAL B 421 -16.64 8.20 20.82
C VAL B 421 -16.55 7.42 22.12
N TYR B 422 -15.49 6.63 22.25
CA TYR B 422 -15.25 5.80 23.43
C TYR B 422 -13.94 6.22 24.09
N ILE B 423 -13.99 6.41 25.40
CA ILE B 423 -12.79 6.65 26.20
C ILE B 423 -12.66 5.59 27.29
N GLY B 424 -11.42 5.24 27.63
CA GLY B 424 -11.20 4.22 28.65
C GLY B 424 -11.41 2.79 28.18
N LYS B 425 -11.77 2.61 26.92
N LYS B 425 -11.75 2.63 26.92
CA LYS B 425 -12.00 1.31 26.34
CA LYS B 425 -11.98 1.33 26.33
C LYS B 425 -10.78 0.87 25.54
C LYS B 425 -10.77 0.86 25.53
N ASP B 426 -10.61 -0.45 25.42
CA ASP B 426 -9.43 -1.03 24.81
C ASP B 426 -9.74 -1.76 23.50
N LEU B 427 -8.76 -2.45 22.94
CA LEU B 427 -8.94 -3.10 21.64
C LEU B 427 -9.77 -4.38 21.76
N TRP B 428 -9.93 -4.93 22.96
CA TRP B 428 -10.89 -5.99 23.14
C TRP B 428 -12.34 -5.46 23.08
N HIS B 429 -12.59 -4.24 23.62
CA HIS B 429 -13.86 -3.58 23.41
C HIS B 429 -14.03 -3.29 21.91
N LEU B 430 -13.00 -2.73 21.26
N LEU B 430 -13.00 -2.74 21.27
CA LEU B 430 -13.12 -2.39 19.82
CA LEU B 430 -13.11 -2.39 19.84
C LEU B 430 -13.45 -3.63 18.97
C LEU B 430 -13.43 -3.62 18.96
N ARG B 431 -12.82 -4.76 19.31
CA ARG B 431 -13.12 -6.04 18.65
C ARG B 431 -14.62 -6.33 18.63
N SER B 432 -15.31 -6.15 19.76
CA SER B 432 -16.75 -6.39 19.79
C SER B 432 -17.49 -5.46 18.81
N LEU B 433 -17.12 -4.17 18.83
CA LEU B 433 -17.80 -3.20 17.99
C LEU B 433 -17.69 -3.55 16.52
N VAL B 434 -16.53 -4.03 16.07
CA VAL B 434 -16.36 -4.30 14.65
C VAL B 434 -17.04 -5.60 14.20
N PHE B 435 -17.48 -6.42 15.17
CA PHE B 435 -18.38 -7.57 14.93
C PHE B 435 -19.85 -7.16 14.95
N THR B 436 -20.23 -6.39 15.94
CA THR B 436 -21.66 -6.09 16.11
C THR B 436 -22.19 -4.95 15.22
N ASP B 437 -21.32 -4.04 14.86
CA ASP B 437 -21.63 -2.90 13.99
C ASP B 437 -20.47 -2.74 13.01
N LYS B 438 -20.41 -3.70 12.08
CA LYS B 438 -19.26 -3.91 11.22
C LYS B 438 -18.98 -2.67 10.36
N PRO B 439 -17.77 -2.10 10.45
CA PRO B 439 -17.38 -1.02 9.53
C PRO B 439 -16.72 -1.59 8.29
N ASP B 440 -16.31 -0.73 7.37
CA ASP B 440 -15.59 -1.18 6.18
C ASP B 440 -14.12 -1.47 6.46
N PHE B 441 -13.50 -0.60 7.26
CA PHE B 441 -12.06 -0.69 7.57
C PHE B 441 -11.80 -0.24 9.01
N MET B 442 -10.64 -0.65 9.52
CA MET B 442 -10.05 -0.08 10.74
C MET B 442 -8.88 0.77 10.33
N ILE B 443 -8.71 1.91 10.99
CA ILE B 443 -7.50 2.66 10.90
C ILE B 443 -6.85 2.61 12.29
N GLY B 444 -5.68 1.99 12.37
CA GLY B 444 -5.07 1.72 13.67
C GLY B 444 -3.63 1.28 13.57
N ASN B 445 -3.04 0.98 14.73
CA ASN B 445 -1.68 0.47 14.80
C ASN B 445 -1.61 -1.06 14.61
N SER B 446 -0.42 -1.64 14.75
CA SER B 446 -0.23 -3.05 14.41
C SER B 446 -1.04 -4.01 15.26
N TYR B 447 -1.46 -3.58 16.47
CA TYR B 447 -2.27 -4.45 17.33
C TYR B 447 -3.63 -4.73 16.69
N GLY B 448 -4.04 -3.87 15.75
CA GLY B 448 -5.23 -4.12 14.95
C GLY B 448 -5.21 -5.37 14.11
N LYS B 449 -4.02 -5.90 13.82
CA LYS B 449 -3.95 -7.07 12.94
C LYS B 449 -4.69 -8.25 13.55
N PHE B 450 -4.71 -8.32 14.88
CA PHE B 450 -5.32 -9.45 15.52
C PHE B 450 -6.83 -9.36 15.48
N ILE B 451 -7.35 -8.15 15.48
CA ILE B 451 -8.79 -7.94 15.26
C ILE B 451 -9.18 -8.35 13.83
N GLN B 452 -8.38 -7.97 12.85
CA GLN B 452 -8.66 -8.39 11.44
C GLN B 452 -8.65 -9.92 11.37
N ARG B 453 -7.64 -10.57 11.94
N ARG B 453 -7.78 -10.54 12.18
CA ARG B 453 -7.57 -12.03 12.04
CA ARG B 453 -7.55 -11.99 12.16
C ARG B 453 -8.89 -12.58 12.61
C ARG B 453 -8.74 -12.68 12.77
N ASP B 454 -9.35 -12.04 13.74
CA ASP B 454 -10.57 -12.51 14.36
C ASP B 454 -11.79 -12.34 13.46
N THR B 455 -11.89 -11.21 12.76
CA THR B 455 -13.03 -10.99 11.89
C THR B 455 -13.03 -11.98 10.72
N LEU B 456 -11.87 -12.24 10.12
CA LEU B 456 -11.83 -13.18 9.00
C LEU B 456 -12.26 -14.57 9.45
N HIS B 457 -11.90 -14.96 10.68
CA HIS B 457 -12.27 -16.31 11.18
C HIS B 457 -13.78 -16.51 11.18
N LYS B 458 -14.54 -15.44 11.43
CA LYS B 458 -16.01 -15.56 11.38
C LYS B 458 -16.46 -15.82 9.92
N GLY B 459 -15.76 -15.19 8.99
CA GLY B 459 -15.98 -15.36 7.55
C GLY B 459 -15.39 -14.21 6.76
N LYS B 460 -15.06 -14.48 5.50
CA LYS B 460 -14.51 -13.46 4.62
C LYS B 460 -15.42 -12.22 4.52
N GLU B 461 -16.73 -12.44 4.51
CA GLU B 461 -17.72 -11.35 4.44
C GLU B 461 -17.77 -10.45 5.69
N PHE B 462 -17.20 -10.96 6.78
CA PHE B 462 -17.12 -10.23 8.04
C PHE B 462 -15.75 -9.56 8.31
N GLU B 463 -14.77 -9.83 7.44
CA GLU B 463 -13.40 -9.38 7.67
C GLU B 463 -13.36 -7.87 7.52
N VAL B 464 -12.67 -7.26 8.47
CA VAL B 464 -12.46 -5.82 8.51
C VAL B 464 -10.97 -5.56 8.34
N PRO B 465 -10.57 -5.08 7.15
CA PRO B 465 -9.14 -4.90 6.95
C PRO B 465 -8.57 -3.71 7.72
N LEU B 466 -7.35 -3.91 8.20
CA LEU B 466 -6.60 -2.87 8.87
C LEU B 466 -5.81 -2.03 7.91
N ILE B 467 -5.93 -0.73 8.13
CA ILE B 467 -5.14 0.32 7.48
C ILE B 467 -4.24 0.85 8.60
N ARG B 468 -2.92 0.74 8.43
CA ARG B 468 -1.96 1.02 9.50
C ARG B 468 -1.56 2.48 9.54
N ILE B 469 -2.14 3.22 10.49
CA ILE B 469 -1.78 4.60 10.74
C ILE B 469 -1.83 4.76 12.27
N GLY B 470 -0.72 5.21 12.85
CA GLY B 470 -0.59 5.39 14.30
C GLY B 470 0.68 4.83 14.83
N PHE B 471 0.65 4.38 16.08
CA PHE B 471 1.84 3.94 16.73
C PHE B 471 1.45 2.90 17.77
N PRO B 472 2.22 1.82 17.87
CA PRO B 472 3.35 1.41 17.06
C PRO B 472 2.95 0.68 15.79
N ILE B 473 3.76 0.83 14.74
CA ILE B 473 3.65 0.03 13.55
C ILE B 473 4.95 -0.79 13.47
N PHE B 474 4.79 -2.08 13.75
CA PHE B 474 5.91 -3.04 13.86
C PHE B 474 6.00 -4.08 12.74
N ASP B 475 4.93 -4.24 11.94
CA ASP B 475 4.84 -5.36 10.99
C ASP B 475 4.85 -4.91 9.53
N ARG B 476 5.18 -3.63 9.34
CA ARG B 476 5.48 -3.07 8.05
C ARG B 476 6.76 -2.27 8.24
N HIS B 477 7.46 -2.05 7.14
CA HIS B 477 8.73 -1.36 7.18
C HIS B 477 8.63 0.07 6.69
N HIS B 478 9.21 0.98 7.46
CA HIS B 478 9.46 2.37 7.04
C HIS B 478 8.23 3.26 6.96
N LEU B 479 7.13 2.83 7.58
CA LEU B 479 5.96 3.70 7.58
C LEU B 479 6.16 4.87 8.54
N HIS B 480 7.13 4.77 9.47
CA HIS B 480 7.45 5.88 10.34
C HIS B 480 8.01 7.08 9.55
N ARG B 481 8.39 6.90 8.27
CA ARG B 481 8.79 8.04 7.41
C ARG B 481 7.63 8.88 6.90
N SER B 482 6.41 8.39 7.07
CA SER B 482 5.22 9.03 6.50
C SER B 482 4.88 10.37 7.20
N THR B 483 3.83 11.00 6.68
CA THR B 483 3.32 12.26 7.21
C THR B 483 1.82 12.17 7.40
N THR B 484 1.34 12.69 8.52
CA THR B 484 -0.12 12.83 8.74
C THR B 484 -0.60 14.26 8.93
N LEU B 485 0.33 15.19 9.16
CA LEU B 485 0.01 16.59 9.39
C LEU B 485 0.04 17.40 8.08
N GLY B 486 -0.69 18.50 8.08
CA GLY B 486 -0.65 19.46 6.98
C GLY B 486 -1.35 18.94 5.74
N TYR B 487 -1.21 19.67 4.65
CA TYR B 487 -1.76 19.24 3.37
C TYR B 487 -1.04 18.00 2.86
N GLU B 488 0.29 17.94 3.04
CA GLU B 488 1.04 16.75 2.67
C GLU B 488 0.55 15.50 3.36
N GLY B 489 0.32 15.59 4.67
CA GLY B 489 -0.22 14.49 5.42
C GLY B 489 -1.60 14.08 5.00
N ALA B 490 -2.44 15.07 4.71
CA ALA B 490 -3.80 14.80 4.29
C ALA B 490 -3.77 14.10 2.95
N MET B 491 -2.88 14.52 2.05
N MET B 491 -2.87 14.60 2.10
CA MET B 491 -2.74 13.85 0.75
CA MET B 491 -2.64 13.96 0.85
C MET B 491 -2.32 12.40 0.92
C MET B 491 -2.53 12.50 1.26
N GLN B 492 -1.37 12.17 1.83
CA GLN B 492 -0.92 10.82 2.09
C GLN B 492 -2.02 9.98 2.70
N ILE B 493 -2.79 10.55 3.65
CA ILE B 493 -3.85 9.76 4.26
C ILE B 493 -4.96 9.43 3.23
N LEU B 494 -5.36 10.43 2.46
CA LEU B 494 -6.36 10.26 1.39
C LEU B 494 -5.96 9.11 0.45
N THR B 495 -4.71 9.18 -0.01
CA THR B 495 -4.20 8.19 -0.95
C THR B 495 -4.23 6.80 -0.34
N THR B 496 -3.76 6.67 0.89
CA THR B 496 -3.78 5.39 1.59
C THR B 496 -5.21 4.88 1.73
N LEU B 497 -6.14 5.75 2.12
CA LEU B 497 -7.53 5.29 2.32
C LEU B 497 -8.17 4.83 1.02
N VAL B 498 -8.08 5.65 -0.02
CA VAL B 498 -8.79 5.33 -1.25
C VAL B 498 -8.22 4.06 -1.88
N ASN B 499 -6.90 3.92 -1.82
CA ASN B 499 -6.32 2.74 -2.39
C ASN B 499 -6.52 1.47 -1.56
N SER B 500 -6.71 1.63 -0.24
CA SER B 500 -7.12 0.51 0.58
C SER B 500 -8.50 0.04 0.19
N ILE B 501 -9.40 1.01 -0.05
CA ILE B 501 -10.73 0.72 -0.57
C ILE B 501 -10.67 -0.03 -1.92
N LEU B 502 -9.84 0.46 -2.82
CA LEU B 502 -9.78 -0.14 -4.15
C LEU B 502 -9.08 -1.50 -4.15
N GLU B 503 -8.12 -1.71 -3.26
N GLU B 503 -8.07 -1.69 -3.29
CA GLU B 503 -7.46 -3.02 -3.16
CA GLU B 503 -7.47 -3.03 -3.11
C GLU B 503 -8.40 -4.11 -2.56
C GLU B 503 -8.51 -4.05 -2.66
N ARG B 504 -9.28 -3.70 -1.65
CA ARG B 504 -10.28 -4.61 -1.14
C ARG B 504 -11.31 -4.92 -2.24
N LEU B 505 -11.74 -3.91 -3.00
CA LEU B 505 -12.70 -4.12 -4.08
C LEU B 505 -12.13 -5.06 -5.16
N ASP B 506 -10.86 -4.86 -5.50
CA ASP B 506 -10.21 -5.75 -6.42
C ASP B 506 -10.19 -7.16 -5.88
N GLU B 507 -9.92 -7.32 -4.59
CA GLU B 507 -9.97 -8.67 -4.02
C GLU B 507 -11.36 -9.33 -4.17
N GLU B 508 -12.40 -8.58 -3.82
CA GLU B 508 -13.76 -9.09 -3.85
C GLU B 508 -14.28 -9.34 -5.27
N THR B 509 -13.63 -8.76 -6.29
CA THR B 509 -14.07 -8.87 -7.70
C THR B 509 -13.05 -9.65 -8.55
N ARG B 510 -12.12 -10.35 -7.90
CA ARG B 510 -11.08 -11.13 -8.60
C ARG B 510 -11.55 -12.53 -9.02
N GLY B 511 -12.77 -12.93 -8.65
CA GLY B 511 -13.25 -14.29 -8.86
C GLY B 511 -13.71 -14.52 -10.29
N MET B 512 -12.99 -15.39 -10.98
N MET B 512 -12.83 -15.07 -11.14
CA MET B 512 -13.24 -15.65 -12.37
CA MET B 512 -13.10 -15.19 -12.62
C MET B 512 -14.66 -16.15 -12.61
C MET B 512 -14.30 -16.11 -13.02
N GLN B 513 -15.37 -15.43 -13.47
CA GLN B 513 -16.76 -15.83 -13.84
C GLN B 513 -17.80 -15.68 -12.71
N ALA B 514 -17.37 -15.21 -11.55
CA ALA B 514 -18.24 -15.10 -10.42
C ALA B 514 -18.43 -13.64 -10.08
N THR B 515 -17.36 -12.95 -9.73
CA THR B 515 -17.43 -11.54 -9.36
C THR B 515 -16.61 -10.63 -10.27
N ASP B 516 -15.86 -11.22 -11.22
CA ASP B 516 -14.96 -10.39 -12.06
C ASP B 516 -15.67 -9.57 -13.15
N TYR B 517 -16.98 -9.67 -13.27
CA TYR B 517 -17.72 -8.71 -14.09
C TYR B 517 -17.42 -7.26 -13.65
N ASN B 518 -17.14 -7.05 -12.37
CA ASN B 518 -16.81 -5.75 -11.83
C ASN B 518 -15.31 -5.60 -11.56
N HIS B 519 -14.45 -6.39 -12.19
CA HIS B 519 -12.99 -6.24 -11.98
C HIS B 519 -12.44 -5.24 -13.00
N ASP B 520 -12.85 -3.99 -12.85
CA ASP B 520 -12.60 -2.93 -13.83
C ASP B 520 -11.12 -2.57 -13.93
N LEU B 521 -10.66 -2.37 -15.16
CA LEU B 521 -9.34 -1.82 -15.40
C LEU B 521 -9.21 -0.38 -14.84
N VAL B 522 -10.26 0.41 -15.03
CA VAL B 522 -10.26 1.83 -14.69
C VAL B 522 -11.20 2.06 -13.52
N ARG B 523 -10.71 2.69 -12.46
CA ARG B 523 -11.55 3.11 -11.31
C ARG B 523 -11.27 4.54 -10.99
N MET C 4 -31.94 31.99 -17.57
CA MET C 4 -31.73 32.97 -18.66
C MET C 4 -32.87 32.91 -19.63
N SER C 5 -33.18 34.05 -20.24
CA SER C 5 -34.19 34.14 -21.28
C SER C 5 -33.66 33.66 -22.61
N ARG C 6 -34.56 33.32 -23.53
CA ARG C 6 -34.15 33.05 -24.91
C ARG C 6 -33.13 34.09 -25.36
N GLU C 7 -33.33 35.35 -25.03
CA GLU C 7 -32.43 36.30 -25.60
C GLU C 7 -31.05 36.33 -24.95
N GLU C 8 -30.95 36.00 -23.67
CA GLU C 8 -29.68 35.88 -23.01
C GLU C 8 -28.90 34.66 -23.50
N VAL C 9 -29.58 33.56 -23.72
CA VAL C 9 -28.90 32.38 -24.26
C VAL C 9 -28.40 32.71 -25.66
N GLU C 10 -29.24 33.37 -26.45
CA GLU C 10 -28.89 33.75 -27.79
C GLU C 10 -27.66 34.66 -27.79
N SER C 11 -27.60 35.65 -26.88
CA SER C 11 -26.42 36.52 -26.88
C SER C 11 -25.23 35.80 -26.26
N LEU C 12 -25.47 34.82 -25.38
CA LEU C 12 -24.39 33.95 -24.91
C LEU C 12 -23.74 33.22 -26.09
N ILE C 13 -24.55 32.66 -26.98
CA ILE C 13 -24.00 31.96 -28.16
C ILE C 13 -23.15 32.92 -29.03
N GLN C 14 -23.72 34.06 -29.37
CA GLN C 14 -23.02 35.06 -30.15
C GLN C 14 -21.68 35.48 -29.51
N GLU C 15 -21.65 35.76 -28.21
CA GLU C 15 -20.40 36.18 -27.52
C GLU C 15 -19.36 35.10 -27.61
N VAL C 16 -19.77 33.87 -27.36
CA VAL C 16 -18.84 32.74 -27.38
C VAL C 16 -18.22 32.57 -28.77
N LEU C 17 -19.03 32.72 -29.82
CA LEU C 17 -18.56 32.56 -31.20
C LEU C 17 -17.63 33.68 -31.70
N GLU C 18 -17.57 34.79 -30.98
N GLU C 18 -17.55 34.78 -30.97
CA GLU C 18 -16.68 35.89 -31.34
CA GLU C 18 -16.68 35.89 -31.34
C GLU C 18 -15.20 35.51 -31.40
C GLU C 18 -15.20 35.51 -31.40
N VAL C 19 -14.82 34.46 -30.68
CA VAL C 19 -13.41 34.08 -30.64
C VAL C 19 -12.95 33.47 -31.96
N TYR C 20 -13.88 32.96 -32.75
CA TYR C 20 -13.51 32.11 -33.87
C TYR C 20 -13.16 32.89 -35.12
N PRO C 21 -12.23 32.35 -35.94
CA PRO C 21 -12.14 32.85 -37.32
C PRO C 21 -13.49 32.68 -38.04
N GLU C 22 -13.71 33.45 -39.09
CA GLU C 22 -15.00 33.48 -39.73
C GLU C 22 -15.53 32.13 -40.20
N LYS C 23 -14.73 31.30 -40.85
CA LYS C 23 -15.23 30.01 -41.32
C LYS C 23 -15.74 29.14 -40.18
N ALA C 24 -14.97 29.06 -39.11
CA ALA C 24 -15.36 28.29 -37.95
C ALA C 24 -16.59 28.90 -37.28
N ARG C 25 -16.62 30.22 -37.18
CA ARG C 25 -17.74 30.90 -36.57
C ARG C 25 -19.03 30.62 -37.29
N LYS C 26 -19.02 30.73 -38.62
CA LYS C 26 -20.23 30.48 -39.38
C LYS C 26 -20.66 29.04 -39.27
N ASP C 27 -19.73 28.11 -39.19
CA ASP C 27 -20.08 26.71 -39.01
C ASP C 27 -20.69 26.45 -37.62
N ARG C 28 -20.00 26.91 -36.57
CA ARG C 28 -20.43 26.58 -35.22
C ARG C 28 -21.76 27.19 -34.90
N ASN C 29 -22.06 28.36 -35.45
CA ASN C 29 -23.38 28.99 -35.28
C ASN C 29 -24.54 28.03 -35.62
N LYS C 30 -24.32 27.18 -36.61
CA LYS C 30 -25.36 26.26 -37.07
C LYS C 30 -25.61 25.07 -36.14
N HIS C 31 -24.68 24.84 -35.20
CA HIS C 31 -24.65 23.67 -34.34
C HIS C 31 -25.05 24.02 -32.91
N LEU C 32 -25.52 25.25 -32.70
CA LEU C 32 -25.87 25.75 -31.37
C LEU C 32 -27.26 26.33 -31.47
N ALA C 33 -28.16 25.97 -30.57
CA ALA C 33 -29.55 26.45 -30.67
C ALA C 33 -30.16 26.64 -29.30
N VAL C 34 -31.16 27.50 -29.23
CA VAL C 34 -32.00 27.61 -28.05
C VAL C 34 -33.28 26.81 -28.28
N ASN C 35 -33.55 25.89 -27.39
CA ASN C 35 -34.66 25.01 -27.59
C ASN C 35 -35.99 25.71 -27.64
N ASP C 36 -36.80 25.20 -28.55
CA ASP C 36 -38.23 25.49 -28.62
C ASP C 36 -38.99 24.17 -28.70
N PRO C 37 -39.66 23.78 -27.61
CA PRO C 37 -40.29 22.47 -27.64
C PRO C 37 -41.49 22.39 -28.59
N ALA C 38 -41.96 23.53 -29.13
CA ALA C 38 -42.99 23.58 -30.19
C ALA C 38 -42.46 22.93 -31.50
N VAL C 39 -41.18 23.08 -31.80
CA VAL C 39 -40.62 22.47 -33.04
C VAL C 39 -40.58 20.93 -33.13
N THR C 40 -40.99 20.37 -34.26
CA THR C 40 -40.88 18.94 -34.47
C THR C 40 -39.90 18.63 -35.60
N GLN C 41 -39.50 19.65 -36.36
CA GLN C 41 -38.45 19.50 -37.39
C GLN C 41 -37.16 20.23 -36.97
N SER C 42 -36.24 19.48 -36.37
CA SER C 42 -35.01 20.07 -35.87
C SER C 42 -34.09 20.61 -36.98
N LYS C 43 -34.33 20.19 -38.23
CA LYS C 43 -33.58 20.71 -39.36
C LYS C 43 -33.94 22.17 -39.66
N LYS C 44 -34.94 22.73 -38.94
CA LYS C 44 -35.14 24.19 -38.91
C LYS C 44 -34.31 24.96 -37.86
N CYS C 45 -33.65 24.28 -36.94
N CYS C 45 -33.66 24.21 -36.97
CA CYS C 45 -32.93 24.99 -35.87
CA CYS C 45 -33.08 24.74 -35.73
C CYS C 45 -31.54 24.50 -35.49
C CYS C 45 -31.58 24.49 -35.54
N ILE C 46 -31.11 23.32 -35.95
CA ILE C 46 -29.75 22.88 -35.70
C ILE C 46 -29.30 21.91 -36.79
N ILE C 47 -28.01 22.01 -37.15
CA ILE C 47 -27.32 21.11 -38.07
C ILE C 47 -26.57 20.06 -37.24
N SER C 48 -26.47 18.83 -37.75
CA SER C 48 -25.79 17.75 -37.03
C SER C 48 -25.18 16.76 -38.03
N ASN C 49 -24.32 15.89 -37.50
CA ASN C 49 -23.70 14.81 -38.26
C ASN C 49 -22.91 15.34 -39.46
N LYS C 50 -22.20 16.45 -39.24
CA LYS C 50 -21.26 17.00 -40.18
C LYS C 50 -19.84 16.86 -39.65
N LYS C 51 -18.87 17.10 -40.53
N LYS C 51 -18.85 17.11 -40.52
CA LYS C 51 -17.48 17.09 -40.09
CA LYS C 51 -17.44 17.07 -40.11
C LYS C 51 -17.18 18.05 -38.97
C LYS C 51 -17.19 18.04 -38.95
N SER C 52 -16.24 17.70 -38.10
CA SER C 52 -15.75 18.64 -37.11
C SER C 52 -14.80 19.64 -37.74
N GLN C 53 -14.85 20.86 -37.23
CA GLN C 53 -13.92 21.88 -37.67
C GLN C 53 -12.52 21.63 -37.12
N PRO C 54 -11.49 21.73 -37.98
CA PRO C 54 -10.12 21.49 -37.54
C PRO C 54 -9.69 22.38 -36.38
N GLY C 55 -9.01 21.79 -35.40
CA GLY C 55 -8.31 22.54 -34.38
C GLY C 55 -9.12 23.03 -33.23
N LEU C 56 -10.40 22.63 -33.14
CA LEU C 56 -11.32 23.22 -32.16
C LEU C 56 -11.56 22.33 -30.94
N MET C 57 -10.87 21.20 -30.89
CA MET C 57 -10.95 20.27 -29.75
C MET C 57 -12.35 19.70 -29.59
N THR C 58 -12.86 19.13 -30.68
CA THR C 58 -14.01 18.20 -30.58
C THR C 58 -13.72 17.11 -29.56
N ILE C 59 -14.81 16.60 -28.99
CA ILE C 59 -14.78 15.54 -28.00
C ILE C 59 -15.02 14.20 -28.70
N ARG C 60 -15.37 14.26 -29.99
CA ARG C 60 -15.65 13.05 -30.75
C ARG C 60 -14.50 12.10 -30.90
N GLY C 61 -14.89 10.86 -31.08
CA GLY C 61 -14.01 9.80 -31.56
C GLY C 61 -14.23 9.49 -33.04
N CYS C 62 -13.94 8.24 -33.41
CA CYS C 62 -13.93 7.80 -34.82
C CYS C 62 -14.78 6.57 -35.04
N ALA C 63 -14.87 6.17 -36.31
CA ALA C 63 -15.66 5.03 -36.69
C ALA C 63 -15.21 3.72 -36.05
N TYR C 64 -13.90 3.57 -35.82
CA TYR C 64 -13.40 2.36 -35.11
C TYR C 64 -13.95 2.27 -33.66
N ALA C 65 -13.97 3.41 -32.97
CA ALA C 65 -14.58 3.47 -31.64
C ALA C 65 -16.03 3.04 -31.74
N GLY C 66 -16.78 3.52 -32.73
CA GLY C 66 -18.20 3.17 -32.85
C GLY C 66 -18.45 1.73 -33.26
N SER C 67 -17.51 1.14 -33.99
CA SER C 67 -17.62 -0.26 -34.37
C SER C 67 -17.03 -1.20 -33.33
N LYS C 68 -15.73 -1.09 -33.14
CA LYS C 68 -15.04 -1.99 -32.20
C LYS C 68 -15.40 -1.67 -30.77
N GLY C 69 -15.23 -0.41 -30.40
CA GLY C 69 -15.47 -0.01 -29.02
C GLY C 69 -16.91 -0.18 -28.55
N VAL C 70 -17.83 0.11 -29.44
CA VAL C 70 -19.24 0.22 -29.08
C VAL C 70 -20.05 -1.04 -29.44
N VAL C 71 -20.14 -1.37 -30.72
CA VAL C 71 -21.01 -2.45 -31.16
C VAL C 71 -20.42 -3.86 -31.04
N TRP C 72 -19.24 -4.08 -31.61
CA TRP C 72 -18.63 -5.42 -31.67
C TRP C 72 -17.94 -5.86 -30.39
N GLY C 73 -17.16 -4.94 -29.81
CA GLY C 73 -16.33 -5.27 -28.64
C GLY C 73 -17.01 -6.01 -27.49
N PRO C 74 -18.28 -5.65 -27.19
CA PRO C 74 -19.01 -6.34 -26.09
C PRO C 74 -19.37 -7.79 -26.33
N ILE C 75 -19.42 -8.22 -27.59
CA ILE C 75 -19.80 -9.60 -27.93
C ILE C 75 -18.74 -10.54 -27.32
N LYS C 76 -19.18 -11.34 -26.36
CA LYS C 76 -18.23 -11.85 -25.38
C LYS C 76 -17.49 -13.11 -25.80
N ASP C 77 -18.11 -13.91 -26.66
CA ASP C 77 -17.52 -15.20 -27.03
C ASP C 77 -16.86 -15.20 -28.40
N MET C 78 -16.74 -14.01 -29.00
CA MET C 78 -15.93 -13.79 -30.19
C MET C 78 -14.65 -13.10 -29.84
N ILE C 79 -13.67 -13.24 -30.74
CA ILE C 79 -12.43 -12.50 -30.63
C ILE C 79 -12.43 -11.41 -31.67
N HIS C 80 -12.21 -10.17 -31.21
CA HIS C 80 -12.21 -8.98 -32.04
C HIS C 80 -10.79 -8.50 -32.26
N ILE C 81 -10.36 -8.50 -33.51
CA ILE C 81 -8.99 -8.12 -33.83
C ILE C 81 -8.95 -6.64 -34.16
N SER C 82 -8.15 -5.90 -33.41
CA SER C 82 -7.83 -4.52 -33.78
C SER C 82 -6.72 -4.55 -34.80
N HIS C 83 -7.13 -4.38 -36.06
CA HIS C 83 -6.32 -4.67 -37.21
C HIS C 83 -5.65 -3.41 -37.79
N GLY C 84 -4.32 -3.35 -37.65
CA GLY C 84 -3.55 -2.13 -37.91
C GLY C 84 -2.55 -1.94 -36.79
N PRO C 85 -2.07 -0.70 -36.61
CA PRO C 85 -1.02 -0.47 -35.64
C PRO C 85 -1.54 -0.55 -34.21
N VAL C 86 -0.63 -0.49 -33.27
CA VAL C 86 -0.92 -0.84 -31.90
C VAL C 86 -1.78 0.13 -31.09
N GLY C 87 -1.88 1.38 -31.49
CA GLY C 87 -2.51 2.35 -30.65
C GLY C 87 -3.97 2.05 -30.34
N CYS C 88 -4.78 1.83 -31.38
CA CYS C 88 -6.23 1.99 -31.20
C CYS C 88 -6.77 0.92 -30.25
N GLY C 89 -6.28 -0.30 -30.40
CA GLY C 89 -6.65 -1.38 -29.50
C GLY C 89 -6.17 -1.21 -28.07
N GLN C 90 -5.04 -0.52 -27.90
CA GLN C 90 -4.50 -0.31 -26.55
C GLN C 90 -5.31 0.78 -25.82
N TYR C 91 -5.59 1.89 -26.47
CA TYR C 91 -6.35 2.97 -25.80
C TYR C 91 -7.77 2.54 -25.49
N SER C 92 -8.31 1.63 -26.30
CA SER C 92 -9.69 1.23 -26.11
C SER C 92 -9.79 -0.08 -25.33
N ARG C 93 -8.67 -0.59 -24.84
CA ARG C 93 -8.72 -1.85 -24.08
C ARG C 93 -9.37 -1.64 -22.72
N ALA C 94 -10.53 -2.27 -22.50
CA ALA C 94 -11.28 -2.22 -21.23
C ALA C 94 -11.62 -0.78 -20.77
N GLY C 95 -11.72 0.16 -21.71
CA GLY C 95 -12.14 1.55 -21.37
C GLY C 95 -13.64 1.65 -21.14
N ARG C 96 -14.40 0.79 -21.81
CA ARG C 96 -15.85 0.87 -21.75
C ARG C 96 -16.37 -0.31 -20.96
N ARG C 97 -17.25 -0.01 -20.01
CA ARG C 97 -17.69 -0.97 -19.02
C ARG C 97 -18.86 -1.85 -19.48
N ASN C 98 -18.67 -2.49 -20.63
CA ASN C 98 -19.71 -3.34 -21.23
C ASN C 98 -19.66 -4.72 -20.57
N TYR C 99 -20.46 -4.92 -19.53
CA TYR C 99 -20.24 -6.01 -18.61
C TYR C 99 -20.71 -7.34 -19.19
N TYR C 100 -20.08 -8.40 -18.72
CA TYR C 100 -20.38 -9.74 -19.20
C TYR C 100 -20.03 -10.79 -18.15
N ILE C 101 -20.65 -11.95 -18.31
CA ILE C 101 -20.29 -13.16 -17.59
C ILE C 101 -19.52 -14.11 -18.50
N GLY C 102 -18.30 -14.42 -18.10
CA GLY C 102 -17.47 -15.36 -18.85
C GLY C 102 -16.16 -15.66 -18.15
N THR C 103 -15.38 -16.54 -18.78
CA THR C 103 -14.06 -16.92 -18.28
C THR C 103 -13.06 -16.33 -19.25
N THR C 104 -12.52 -15.16 -18.89
CA THR C 104 -11.75 -14.36 -19.81
C THR C 104 -10.43 -15.03 -20.17
N GLY C 105 -10.16 -15.09 -21.48
CA GLY C 105 -8.97 -15.73 -22.02
C GLY C 105 -9.26 -17.17 -22.38
N VAL C 106 -10.46 -17.64 -22.02
CA VAL C 106 -10.83 -19.04 -22.22
C VAL C 106 -12.08 -19.15 -23.12
N ASN C 107 -13.23 -18.75 -22.60
CA ASN C 107 -14.44 -18.71 -23.45
C ASN C 107 -14.97 -17.31 -23.79
N ALA C 108 -14.41 -16.27 -23.17
CA ALA C 108 -14.87 -14.89 -23.35
C ALA C 108 -13.63 -14.02 -23.42
N PHE C 109 -13.71 -12.90 -24.13
CA PHE C 109 -12.47 -12.22 -24.53
C PHE C 109 -12.54 -10.70 -24.48
N VAL C 110 -13.57 -10.17 -23.82
CA VAL C 110 -13.97 -8.78 -23.99
C VAL C 110 -12.90 -7.78 -23.58
N THR C 111 -12.28 -8.01 -22.42
CA THR C 111 -11.31 -7.04 -21.89
C THR C 111 -9.87 -7.23 -22.38
N MET C 112 -9.67 -8.19 -23.28
CA MET C 112 -8.39 -8.46 -23.93
C MET C 112 -8.17 -7.56 -25.14
N ASN C 113 -6.90 -7.38 -25.51
CA ASN C 113 -6.61 -6.61 -26.69
C ASN C 113 -5.85 -7.49 -27.67
N PHE C 114 -6.55 -7.94 -28.72
CA PHE C 114 -5.97 -8.70 -29.82
C PHE C 114 -5.68 -7.74 -30.94
N THR C 115 -4.46 -7.80 -31.48
CA THR C 115 -4.03 -6.85 -32.48
C THR C 115 -3.03 -7.47 -33.44
N SER C 116 -3.05 -6.99 -34.67
CA SER C 116 -2.02 -7.34 -35.64
C SER C 116 -0.80 -6.41 -35.59
N ASP C 117 -0.77 -5.42 -34.70
CA ASP C 117 0.43 -4.61 -34.40
C ASP C 117 1.24 -4.25 -35.67
N PHE C 118 0.60 -3.55 -36.61
CA PHE C 118 1.28 -3.26 -37.89
C PHE C 118 2.60 -2.55 -37.68
N GLN C 119 3.59 -3.06 -38.40
CA GLN C 119 4.92 -2.47 -38.56
C GLN C 119 5.08 -1.92 -39.97
N GLU C 120 6.22 -1.30 -40.23
N GLU C 120 6.24 -1.32 -40.21
CA GLU C 120 6.47 -0.68 -41.53
CA GLU C 120 6.49 -0.70 -41.50
C GLU C 120 6.29 -1.66 -42.69
C GLU C 120 6.31 -1.65 -42.66
N LYS C 121 6.78 -2.88 -42.53
CA LYS C 121 6.64 -3.84 -43.62
C LYS C 121 5.17 -4.20 -43.94
N ASP C 122 4.32 -4.16 -42.92
CA ASP C 122 2.89 -4.39 -43.14
C ASP C 122 2.22 -3.26 -43.92
N ILE C 123 2.63 -2.04 -43.66
CA ILE C 123 2.12 -0.89 -44.42
C ILE C 123 2.60 -0.94 -45.86
N VAL C 124 3.88 -1.25 -46.06
CA VAL C 124 4.49 -1.24 -47.38
C VAL C 124 4.00 -2.38 -48.28
N PHE C 125 3.88 -3.58 -47.72
CA PHE C 125 3.52 -4.75 -48.49
C PHE C 125 2.13 -5.29 -48.20
N GLY C 126 1.43 -4.71 -47.24
CA GLY C 126 0.06 -5.15 -46.98
C GLY C 126 0.01 -6.12 -45.82
N GLY C 127 -1.12 -6.14 -45.12
CA GLY C 127 -1.28 -7.00 -43.97
C GLY C 127 -2.15 -8.21 -44.13
N ASP C 128 -2.59 -8.54 -45.34
CA ASP C 128 -3.49 -9.68 -45.51
C ASP C 128 -2.84 -11.04 -45.18
N LYS C 129 -1.55 -11.19 -45.48
CA LYS C 129 -0.85 -12.42 -45.11
C LYS C 129 -0.70 -12.52 -43.61
N LYS C 130 -0.39 -11.40 -42.97
CA LYS C 130 -0.31 -11.36 -41.52
C LYS C 130 -1.66 -11.71 -40.88
N LEU C 131 -2.73 -11.18 -41.46
CA LEU C 131 -4.05 -11.42 -40.94
C LEU C 131 -4.37 -12.92 -41.03
N ALA C 132 -4.05 -13.57 -42.15
CA ALA C 132 -4.33 -15.02 -42.27
C ALA C 132 -3.55 -15.85 -41.24
N LYS C 133 -2.29 -15.52 -41.03
CA LYS C 133 -1.46 -16.17 -40.03
C LYS C 133 -2.01 -15.89 -38.63
N LEU C 134 -2.40 -14.64 -38.38
CA LEU C 134 -2.93 -14.25 -37.09
C LEU C 134 -4.18 -15.09 -36.75
N ILE C 135 -5.06 -15.29 -37.72
CA ILE C 135 -6.23 -16.14 -37.53
C ILE C 135 -5.88 -17.57 -37.10
N ASP C 136 -4.87 -18.17 -37.72
CA ASP C 136 -4.47 -19.50 -37.33
C ASP C 136 -3.93 -19.50 -35.90
N GLU C 137 -3.17 -18.46 -35.55
CA GLU C 137 -2.62 -18.33 -34.20
C GLU C 137 -3.72 -18.19 -33.16
N VAL C 138 -4.75 -17.43 -33.51
CA VAL C 138 -5.91 -17.29 -32.66
C VAL C 138 -6.58 -18.65 -32.45
N GLU C 139 -6.76 -19.41 -33.52
CA GLU C 139 -7.41 -20.69 -33.41
C GLU C 139 -6.66 -21.67 -32.51
N THR C 140 -5.34 -21.68 -32.65
CA THR C 140 -4.49 -22.53 -31.83
C THR C 140 -4.56 -22.15 -30.36
N LEU C 141 -4.47 -20.87 -30.07
CA LEU C 141 -4.33 -20.43 -28.66
C LEU C 141 -5.61 -20.16 -27.91
N PHE C 142 -6.69 -19.99 -28.67
CA PHE C 142 -8.00 -19.65 -28.16
C PHE C 142 -9.06 -20.52 -28.82
N PRO C 143 -8.95 -21.83 -28.64
CA PRO C 143 -9.78 -22.78 -29.37
C PRO C 143 -11.30 -22.67 -29.08
N LEU C 144 -11.68 -22.08 -27.94
CA LEU C 144 -13.10 -21.95 -27.62
C LEU C 144 -13.73 -20.67 -28.13
N ASN C 145 -13.00 -19.84 -28.89
CA ASN C 145 -13.62 -18.64 -29.52
C ASN C 145 -14.71 -19.14 -30.49
N LYS C 146 -15.82 -18.40 -30.59
CA LYS C 146 -16.96 -18.81 -31.41
C LYS C 146 -17.09 -17.97 -32.67
N GLY C 147 -16.04 -17.24 -33.01
CA GLY C 147 -16.05 -16.39 -34.15
C GLY C 147 -15.05 -15.29 -33.93
N ILE C 148 -14.64 -14.70 -35.05
CA ILE C 148 -13.63 -13.66 -35.08
C ILE C 148 -14.19 -12.47 -35.85
N SER C 149 -13.93 -11.26 -35.36
CA SER C 149 -14.15 -10.06 -36.19
C SER C 149 -12.84 -9.35 -36.43
N VAL C 150 -12.79 -8.66 -37.57
CA VAL C 150 -11.60 -7.90 -37.96
C VAL C 150 -11.99 -6.43 -38.01
N GLN C 151 -11.52 -5.68 -37.01
CA GLN C 151 -11.91 -4.28 -36.82
C GLN C 151 -10.83 -3.44 -37.46
N SER C 152 -11.10 -2.93 -38.67
CA SER C 152 -10.10 -2.20 -39.44
C SER C 152 -9.79 -0.85 -38.84
N GLU C 153 -8.48 -0.57 -38.69
CA GLU C 153 -7.99 0.74 -38.31
C GLU C 153 -7.55 1.52 -39.54
N CYS C 154 -7.26 2.81 -39.34
CA CYS C 154 -7.03 3.72 -40.46
C CYS C 154 -6.25 3.12 -41.65
N PRO C 155 -5.09 2.48 -41.42
CA PRO C 155 -4.30 2.10 -42.60
C PRO C 155 -4.90 1.06 -43.56
N ILE C 156 -5.86 0.26 -43.12
CA ILE C 156 -6.21 -0.93 -43.89
C ILE C 156 -6.74 -0.59 -45.29
N GLY C 157 -7.77 0.24 -45.34
CA GLY C 157 -8.30 0.70 -46.61
C GLY C 157 -7.34 1.59 -47.37
N LEU C 158 -6.57 2.40 -46.64
CA LEU C 158 -5.64 3.32 -47.28
C LEU C 158 -4.58 2.57 -48.10
N ILE C 159 -4.12 1.41 -47.63
CA ILE C 159 -3.08 0.67 -48.35
C ILE C 159 -3.65 -0.38 -49.30
N GLY C 160 -4.97 -0.54 -49.33
CA GLY C 160 -5.61 -1.40 -50.30
C GLY C 160 -5.66 -2.88 -49.94
N ASP C 161 -5.63 -3.19 -48.65
CA ASP C 161 -5.77 -4.58 -48.19
C ASP C 161 -7.18 -5.09 -48.48
N ASP C 162 -7.32 -6.40 -48.57
CA ASP C 162 -8.58 -7.02 -48.89
C ASP C 162 -8.94 -7.99 -47.78
N ILE C 163 -9.44 -7.41 -46.68
CA ILE C 163 -9.77 -8.20 -45.53
C ILE C 163 -11.00 -9.03 -45.78
N GLU C 164 -11.84 -8.65 -46.74
CA GLU C 164 -13.00 -9.48 -47.09
C GLU C 164 -12.60 -10.82 -47.67
N SER C 165 -11.62 -10.80 -48.58
CA SER C 165 -11.12 -12.04 -49.15
C SER C 165 -10.52 -12.95 -48.08
N VAL C 166 -9.71 -12.35 -47.23
CA VAL C 166 -9.09 -13.11 -46.16
C VAL C 166 -10.16 -13.71 -45.26
N SER C 167 -11.17 -12.92 -44.89
CA SER C 167 -12.22 -13.46 -44.03
C SER C 167 -12.98 -14.61 -44.71
N LYS C 168 -13.31 -14.50 -46.00
CA LYS C 168 -14.05 -15.58 -46.70
C LYS C 168 -13.24 -16.88 -46.79
N VAL C 169 -11.99 -16.73 -47.20
CA VAL C 169 -11.08 -17.85 -47.46
C VAL C 169 -10.81 -18.57 -46.15
N LYS C 170 -10.39 -17.81 -45.13
CA LYS C 170 -10.16 -18.41 -43.80
C LYS C 170 -11.41 -18.94 -43.13
N GLY C 171 -12.52 -18.23 -43.30
CA GLY C 171 -13.81 -18.64 -42.75
C GLY C 171 -14.21 -19.98 -43.33
N ALA C 172 -14.00 -20.13 -44.63
CA ALA C 172 -14.36 -21.36 -45.30
C ALA C 172 -13.43 -22.50 -44.87
N GLU C 173 -12.13 -22.22 -44.89
CA GLU C 173 -11.13 -23.21 -44.48
C GLU C 173 -11.34 -23.73 -43.07
N LEU C 174 -11.75 -22.85 -42.14
CA LEU C 174 -11.83 -23.19 -40.72
C LEU C 174 -13.26 -23.47 -40.20
N SER C 175 -14.23 -23.40 -41.11
CA SER C 175 -15.68 -23.45 -40.77
C SER C 175 -16.00 -22.55 -39.60
N LYS C 176 -15.59 -21.31 -39.75
CA LYS C 176 -15.62 -20.31 -38.71
C LYS C 176 -16.25 -19.02 -39.24
N THR C 177 -17.03 -18.35 -38.41
CA THR C 177 -17.55 -17.04 -38.73
C THR C 177 -16.45 -16.03 -38.49
N ILE C 178 -15.98 -15.42 -39.57
CA ILE C 178 -14.94 -14.39 -39.52
C ILE C 178 -15.50 -13.17 -40.23
N VAL C 179 -15.58 -12.06 -39.51
CA VAL C 179 -16.34 -10.93 -39.97
C VAL C 179 -15.42 -9.76 -40.31
N PRO C 180 -15.32 -9.37 -41.61
CA PRO C 180 -14.52 -8.18 -41.94
C PRO C 180 -15.31 -6.92 -41.66
N VAL C 181 -14.73 -6.03 -40.87
CA VAL C 181 -15.39 -4.78 -40.57
C VAL C 181 -14.55 -3.59 -41.01
N ARG C 182 -15.09 -2.87 -41.99
CA ARG C 182 -14.42 -1.71 -42.58
C ARG C 182 -14.74 -0.42 -41.82
N CYS C 183 -14.29 -0.38 -40.58
CA CYS C 183 -14.55 0.72 -39.70
C CYS C 183 -13.36 1.67 -39.52
N GLU C 184 -12.48 1.73 -40.51
CA GLU C 184 -11.35 2.66 -40.44
C GLU C 184 -11.77 4.04 -39.97
N GLY C 185 -10.97 4.64 -39.08
CA GLY C 185 -11.35 5.90 -38.48
C GLY C 185 -11.38 7.09 -39.45
N PHE C 186 -10.84 6.95 -40.67
CA PHE C 186 -10.98 7.99 -41.70
C PHE C 186 -12.39 8.04 -42.25
N ARG C 187 -13.20 7.03 -42.01
CA ARG C 187 -14.55 7.02 -42.57
C ARG C 187 -15.54 7.81 -41.70
N GLY C 188 -16.50 8.44 -42.35
CA GLY C 188 -17.47 9.25 -41.62
C GLY C 188 -16.85 10.43 -40.88
N VAL C 189 -17.48 10.85 -39.79
CA VAL C 189 -17.11 12.08 -39.09
C VAL C 189 -17.00 11.88 -37.59
N SER C 190 -17.28 10.67 -37.13
CA SER C 190 -17.48 10.41 -35.69
C SER C 190 -17.69 8.95 -35.46
N GLN C 191 -18.00 8.58 -34.22
CA GLN C 191 -18.40 7.22 -33.88
C GLN C 191 -19.61 6.73 -34.69
N SER C 192 -20.49 7.66 -35.08
CA SER C 192 -21.76 7.29 -35.69
C SER C 192 -21.63 6.35 -36.89
N LEU C 193 -20.80 6.67 -37.87
CA LEU C 193 -20.73 5.82 -39.09
C LEU C 193 -20.21 4.45 -38.69
N GLY C 194 -19.42 4.40 -37.63
CA GLY C 194 -18.97 3.12 -37.10
C GLY C 194 -20.12 2.23 -36.68
N HIS C 195 -21.14 2.80 -36.05
CA HIS C 195 -22.30 2.00 -35.70
C HIS C 195 -22.92 1.39 -36.95
N HIS C 196 -23.11 2.24 -37.95
CA HIS C 196 -23.80 1.81 -39.18
C HIS C 196 -23.03 0.69 -39.89
N ILE C 197 -21.74 0.94 -40.08
CA ILE C 197 -20.81 -0.05 -40.63
C ILE C 197 -20.92 -1.35 -39.85
N ALA C 198 -20.90 -1.27 -38.51
CA ALA C 198 -20.98 -2.46 -37.67
C ALA C 198 -22.28 -3.20 -37.83
N ASN C 199 -23.38 -2.45 -37.90
CA ASN C 199 -24.69 -3.05 -38.11
C ASN C 199 -24.74 -3.83 -39.43
N ASP C 200 -24.25 -3.20 -40.49
CA ASP C 200 -24.25 -3.84 -41.80
C ASP C 200 -23.36 -5.10 -41.81
N ALA C 201 -22.26 -5.08 -41.04
CA ALA C 201 -21.39 -6.26 -40.90
C ALA C 201 -22.11 -7.40 -40.19
N VAL C 202 -22.84 -7.11 -39.13
CA VAL C 202 -23.67 -8.14 -38.50
C VAL C 202 -24.67 -8.72 -39.53
N ARG C 203 -25.39 -7.83 -40.20
CA ARG C 203 -26.35 -8.21 -41.25
C ARG C 203 -25.74 -9.16 -42.27
N ASP C 204 -24.58 -8.77 -42.78
CA ASP C 204 -24.02 -9.44 -43.93
C ASP C 204 -23.31 -10.72 -43.58
N TRP C 205 -22.80 -10.84 -42.36
CA TRP C 205 -21.87 -11.95 -42.02
C TRP C 205 -22.31 -12.87 -40.89
N VAL C 206 -23.28 -12.44 -40.09
CA VAL C 206 -23.72 -13.19 -38.94
C VAL C 206 -25.21 -13.47 -38.93
N LEU C 207 -26.02 -12.45 -39.17
CA LEU C 207 -27.44 -12.53 -38.81
C LEU C 207 -28.26 -13.57 -39.58
N GLY C 208 -27.87 -13.86 -40.82
CA GLY C 208 -28.54 -14.84 -41.65
C GLY C 208 -28.23 -16.30 -41.44
N LYS C 209 -27.34 -16.63 -40.49
N LYS C 209 -27.36 -16.64 -40.50
CA LYS C 209 -26.79 -17.99 -40.40
CA LYS C 209 -26.83 -17.99 -40.44
C LYS C 209 -27.88 -19.01 -40.19
C LYS C 209 -27.92 -19.03 -40.20
N ARG C 210 -28.92 -18.68 -39.41
CA ARG C 210 -29.98 -19.64 -39.06
C ARG C 210 -31.26 -19.41 -39.83
N ASP C 211 -31.17 -18.75 -40.97
CA ASP C 211 -32.36 -18.43 -41.74
C ASP C 211 -33.15 -19.66 -42.14
N GLU C 212 -32.48 -20.77 -42.40
CA GLU C 212 -33.21 -21.98 -42.81
C GLU C 212 -33.38 -22.99 -41.68
N ASP C 213 -32.96 -22.61 -40.47
CA ASP C 213 -33.02 -23.46 -39.28
C ASP C 213 -34.30 -23.17 -38.47
N THR C 214 -35.15 -24.19 -38.36
CA THR C 214 -36.43 -24.04 -37.68
C THR C 214 -36.45 -24.76 -36.31
N THR C 215 -35.27 -25.10 -35.77
CA THR C 215 -35.26 -25.85 -34.51
C THR C 215 -35.52 -24.98 -33.28
N PHE C 216 -35.42 -23.65 -33.36
CA PHE C 216 -35.56 -22.84 -32.16
C PHE C 216 -36.97 -22.93 -31.58
N ALA C 217 -37.04 -23.16 -30.28
CA ALA C 217 -38.29 -23.34 -29.55
C ALA C 217 -38.86 -21.95 -29.26
N SER C 218 -39.57 -21.38 -30.22
CA SER C 218 -40.06 -19.99 -30.11
C SER C 218 -41.36 -19.94 -29.29
N THR C 219 -41.63 -18.78 -28.67
CA THR C 219 -42.87 -18.54 -27.94
C THR C 219 -43.44 -17.15 -28.33
N PRO C 220 -44.71 -16.89 -27.96
CA PRO C 220 -45.28 -15.58 -28.27
C PRO C 220 -44.64 -14.42 -27.55
N TYR C 221 -43.87 -14.70 -26.50
CA TYR C 221 -43.33 -13.67 -25.62
C TYR C 221 -41.84 -13.38 -25.81
N ASP C 222 -41.28 -13.81 -26.95
CA ASP C 222 -39.87 -13.65 -27.22
C ASP C 222 -39.55 -12.25 -27.74
N VAL C 223 -38.58 -11.63 -27.09
CA VAL C 223 -38.08 -10.33 -27.45
C VAL C 223 -36.56 -10.31 -27.46
N ALA C 224 -36.02 -9.25 -28.03
CA ALA C 224 -34.61 -8.94 -27.92
C ALA C 224 -34.45 -7.50 -27.47
N ILE C 225 -33.45 -7.30 -26.60
CA ILE C 225 -33.02 -5.99 -26.16
C ILE C 225 -31.97 -5.52 -27.18
N ILE C 226 -32.34 -4.49 -27.93
CA ILE C 226 -31.50 -3.99 -29.00
C ILE C 226 -30.90 -2.64 -28.63
N GLY C 227 -29.57 -2.56 -28.61
CA GLY C 227 -28.86 -1.32 -28.25
C GLY C 227 -28.81 -1.02 -26.76
N ASP C 228 -28.44 -2.05 -25.98
CA ASP C 228 -28.03 -1.87 -24.58
C ASP C 228 -26.72 -2.62 -24.41
N TYR C 229 -25.69 -1.86 -24.09
CA TYR C 229 -24.34 -2.37 -24.04
C TYR C 229 -23.93 -2.71 -22.59
N ASN C 230 -24.92 -2.75 -21.70
CA ASN C 230 -24.75 -3.31 -20.35
C ASN C 230 -23.68 -2.59 -19.55
N ILE C 231 -23.69 -1.26 -19.64
CA ILE C 231 -22.69 -0.48 -18.91
C ILE C 231 -22.96 -0.67 -17.42
N GLY C 232 -21.97 -1.16 -16.70
CA GLY C 232 -22.13 -1.44 -15.33
C GLY C 232 -23.26 -2.40 -14.98
N GLY C 233 -23.73 -3.19 -15.97
CA GLY C 233 -24.83 -4.12 -15.76
C GLY C 233 -26.23 -3.61 -16.15
N ASP C 234 -26.29 -2.47 -16.82
CA ASP C 234 -27.55 -1.82 -17.26
C ASP C 234 -28.53 -2.75 -17.97
N ALA C 235 -28.00 -3.65 -18.80
CA ALA C 235 -28.89 -4.56 -19.54
C ALA C 235 -29.48 -5.62 -18.64
N TRP C 236 -28.71 -6.10 -17.67
CA TRP C 236 -29.22 -7.08 -16.72
C TRP C 236 -30.31 -6.49 -15.84
N SER C 237 -30.16 -5.23 -15.44
N SER C 237 -30.16 -5.24 -15.45
CA SER C 237 -31.19 -4.58 -14.62
CA SER C 237 -31.19 -4.60 -14.62
C SER C 237 -32.40 -4.13 -15.42
C SER C 237 -32.40 -4.13 -15.43
N SER C 238 -32.34 -4.32 -16.75
CA SER C 238 -33.49 -4.14 -17.65
C SER C 238 -34.18 -5.49 -17.92
N ARG C 239 -33.36 -6.45 -18.32
CA ARG C 239 -33.77 -7.81 -18.59
C ARG C 239 -34.62 -8.38 -17.45
N ILE C 240 -34.18 -8.18 -16.21
CA ILE C 240 -34.89 -8.72 -15.07
C ILE C 240 -36.34 -8.28 -15.08
N LEU C 241 -36.59 -7.01 -15.38
CA LEU C 241 -37.95 -6.50 -15.41
C LEU C 241 -38.79 -7.05 -16.57
N LEU C 242 -38.18 -7.15 -17.73
CA LEU C 242 -38.88 -7.67 -18.89
C LEU C 242 -39.34 -9.10 -18.63
N GLU C 243 -38.47 -9.89 -17.97
CA GLU C 243 -38.77 -11.31 -17.69
C GLU C 243 -39.74 -11.48 -16.50
N GLU C 244 -39.70 -10.54 -15.55
CA GLU C 244 -40.67 -10.52 -14.46
C GLU C 244 -42.04 -10.21 -15.04
N MET C 245 -42.06 -9.44 -16.13
CA MET C 245 -43.28 -9.16 -16.85
C MET C 245 -43.78 -10.33 -17.72
N GLY C 246 -43.04 -11.42 -17.78
CA GLY C 246 -43.49 -12.63 -18.47
C GLY C 246 -42.88 -12.76 -19.85
N LEU C 247 -42.01 -11.84 -20.22
CA LEU C 247 -41.35 -11.96 -21.55
C LEU C 247 -40.11 -12.84 -21.48
N ARG C 248 -39.62 -13.28 -22.64
CA ARG C 248 -38.43 -14.08 -22.72
C ARG C 248 -37.42 -13.33 -23.56
N CYS C 249 -36.34 -12.87 -22.94
N CYS C 249 -36.34 -12.89 -22.94
CA CYS C 249 -35.30 -12.09 -23.62
CA CYS C 249 -35.34 -12.08 -23.62
C CYS C 249 -34.29 -13.00 -24.31
C CYS C 249 -34.31 -12.99 -24.30
N VAL C 250 -34.54 -13.25 -25.58
CA VAL C 250 -33.72 -14.17 -26.36
C VAL C 250 -32.32 -13.62 -26.59
N ALA C 251 -32.20 -12.30 -26.71
CA ALA C 251 -30.92 -11.66 -27.05
C ALA C 251 -30.73 -10.27 -26.45
N GLN C 252 -29.45 -9.94 -26.19
CA GLN C 252 -28.99 -8.63 -25.77
C GLN C 252 -27.96 -8.16 -26.76
N TRP C 253 -28.27 -7.08 -27.46
CA TRP C 253 -27.33 -6.48 -28.43
C TRP C 253 -26.71 -5.19 -27.89
N SER C 254 -25.44 -5.18 -27.51
CA SER C 254 -24.55 -6.34 -27.51
C SER C 254 -23.92 -6.55 -26.13
N GLY C 255 -24.38 -5.83 -25.11
CA GLY C 255 -23.81 -5.99 -23.77
C GLY C 255 -24.09 -7.40 -23.22
N ASP C 256 -23.05 -8.09 -22.75
CA ASP C 256 -23.12 -9.52 -22.33
C ASP C 256 -23.65 -10.43 -23.45
N GLY C 257 -23.51 -9.93 -24.68
CA GLY C 257 -24.02 -10.62 -25.88
C GLY C 257 -23.16 -11.77 -26.36
N SER C 258 -23.80 -12.87 -26.70
CA SER C 258 -23.15 -14.01 -27.36
C SER C 258 -23.49 -14.07 -28.86
N ILE C 259 -22.60 -14.71 -29.64
CA ILE C 259 -22.86 -14.82 -31.08
C ILE C 259 -24.15 -15.60 -31.31
N SER C 260 -24.41 -16.67 -30.55
CA SER C 260 -25.63 -17.45 -30.77
C SER C 260 -26.89 -16.61 -30.54
N GLU C 261 -26.89 -15.78 -29.50
CA GLU C 261 -28.08 -15.02 -29.19
C GLU C 261 -28.33 -13.97 -30.33
N ILE C 262 -27.25 -13.47 -30.94
CA ILE C 262 -27.40 -12.62 -32.12
C ILE C 262 -28.02 -13.45 -33.28
N GLU C 263 -27.48 -14.63 -33.54
CA GLU C 263 -28.02 -15.46 -34.62
C GLU C 263 -29.47 -15.92 -34.39
N LEU C 264 -29.89 -15.97 -33.12
CA LEU C 264 -31.26 -16.35 -32.76
C LEU C 264 -32.27 -15.17 -32.83
N THR C 265 -31.79 -13.94 -32.97
CA THR C 265 -32.64 -12.77 -32.85
C THR C 265 -33.71 -12.74 -33.95
N PRO C 266 -33.40 -13.22 -35.18
CA PRO C 266 -34.47 -13.21 -36.19
C PRO C 266 -35.69 -14.09 -35.86
N LYS C 267 -35.60 -14.89 -34.81
CA LYS C 267 -36.72 -15.71 -34.34
C LYS C 267 -37.65 -15.01 -33.34
N VAL C 268 -37.34 -13.80 -32.92
CA VAL C 268 -38.16 -13.14 -31.90
C VAL C 268 -39.42 -12.50 -32.45
N LYS C 269 -40.32 -12.12 -31.55
CA LYS C 269 -41.59 -11.49 -31.89
C LYS C 269 -41.53 -9.95 -31.89
N LEU C 270 -40.56 -9.39 -31.17
CA LEU C 270 -40.45 -7.95 -31.01
C LEU C 270 -39.03 -7.54 -30.63
N ASN C 271 -38.53 -6.54 -31.32
CA ASN C 271 -37.24 -5.92 -31.02
C ASN C 271 -37.48 -4.65 -30.19
N LEU C 272 -36.88 -4.60 -29.00
CA LEU C 272 -37.00 -3.48 -28.08
C LEU C 272 -35.74 -2.65 -28.21
N VAL C 273 -35.87 -1.45 -28.77
CA VAL C 273 -34.72 -0.61 -29.06
C VAL C 273 -34.51 0.46 -27.99
N HIS C 274 -33.39 0.36 -27.26
CA HIS C 274 -33.01 1.38 -26.30
C HIS C 274 -32.15 2.39 -27.06
N CYS C 275 -30.94 2.02 -27.44
CA CYS C 275 -30.13 2.93 -28.24
C CYS C 275 -30.57 2.98 -29.71
N TYR C 276 -31.43 3.95 -30.01
CA TYR C 276 -31.90 4.22 -31.38
C TYR C 276 -30.72 4.51 -32.33
N ARG C 277 -29.86 5.40 -31.91
CA ARG C 277 -28.80 5.90 -32.78
C ARG C 277 -27.97 4.74 -33.31
N SER C 278 -27.51 3.89 -32.40
CA SER C 278 -26.56 2.85 -32.77
C SER C 278 -27.15 1.61 -33.45
N MET C 279 -28.42 1.32 -33.21
N MET C 279 -28.43 1.31 -33.18
CA MET C 279 -28.94 0.07 -33.75
CA MET C 279 -29.05 0.04 -33.61
C MET C 279 -30.31 0.16 -34.45
C MET C 279 -30.31 0.16 -34.47
N ASN C 280 -30.73 1.37 -34.78
CA ASN C 280 -31.92 1.51 -35.66
C ASN C 280 -31.70 0.83 -37.00
N TYR C 281 -30.46 0.83 -37.49
CA TYR C 281 -30.17 0.27 -38.84
C TYR C 281 -30.55 -1.21 -38.91
N ILE C 282 -30.07 -1.98 -37.94
CA ILE C 282 -30.33 -3.41 -37.99
C ILE C 282 -31.79 -3.70 -37.62
N SER C 283 -32.37 -2.85 -36.79
CA SER C 283 -33.78 -2.95 -36.43
C SER C 283 -34.66 -2.81 -37.67
N ARG C 284 -34.38 -1.80 -38.50
CA ARG C 284 -35.10 -1.64 -39.76
C ARG C 284 -34.89 -2.84 -40.69
N HIS C 285 -33.66 -3.32 -40.79
CA HIS C 285 -33.36 -4.48 -41.59
C HIS C 285 -34.21 -5.67 -41.12
N MET C 286 -34.29 -5.86 -39.82
CA MET C 286 -35.04 -7.04 -39.32
C MET C 286 -36.55 -6.97 -39.59
N GLU C 287 -37.10 -5.76 -39.59
CA GLU C 287 -38.48 -5.55 -39.96
C GLU C 287 -38.67 -5.86 -41.43
N GLU C 288 -37.75 -5.35 -42.25
CA GLU C 288 -37.83 -5.54 -43.69
C GLU C 288 -37.72 -7.02 -44.08
N LYS C 289 -36.71 -7.71 -43.54
CA LYS C 289 -36.45 -9.09 -43.95
C LYS C 289 -37.33 -10.10 -43.23
N TYR C 290 -37.47 -9.98 -41.91
CA TYR C 290 -38.13 -11.01 -41.10
C TYR C 290 -39.53 -10.64 -40.60
N GLY C 291 -39.94 -9.39 -40.84
CA GLY C 291 -41.26 -8.92 -40.43
C GLY C 291 -41.34 -8.62 -38.95
N ILE C 292 -40.20 -8.55 -38.27
CA ILE C 292 -40.19 -8.27 -36.84
C ILE C 292 -40.36 -6.76 -36.54
N PRO C 293 -41.41 -6.38 -35.78
CA PRO C 293 -41.56 -4.97 -35.44
C PRO C 293 -40.56 -4.56 -34.39
N TRP C 294 -40.30 -3.27 -34.36
CA TRP C 294 -39.41 -2.71 -33.34
C TRP C 294 -40.02 -1.48 -32.73
N MET C 295 -39.63 -1.18 -31.50
CA MET C 295 -40.16 -0.02 -30.80
C MET C 295 -39.10 0.54 -29.87
N GLU C 296 -39.04 1.87 -29.81
CA GLU C 296 -38.16 2.60 -28.92
C GLU C 296 -38.68 2.57 -27.49
N TYR C 297 -37.77 2.41 -26.52
CA TYR C 297 -38.18 2.49 -25.10
C TYR C 297 -37.11 3.24 -24.28
N ASN C 298 -37.39 3.48 -23.00
CA ASN C 298 -36.52 4.21 -22.13
C ASN C 298 -36.64 3.66 -20.73
N PHE C 299 -35.51 3.20 -20.19
CA PHE C 299 -35.43 2.60 -18.85
C PHE C 299 -34.65 3.46 -17.86
N PHE C 300 -34.56 4.75 -18.14
CA PHE C 300 -34.05 5.69 -17.17
C PHE C 300 -35.10 6.35 -16.26
N GLY C 301 -35.06 5.95 -15.00
CA GLY C 301 -35.89 6.54 -13.96
C GLY C 301 -37.24 5.83 -13.94
N PRO C 302 -37.99 5.97 -12.83
CA PRO C 302 -39.26 5.22 -12.68
C PRO C 302 -40.33 5.68 -13.67
N THR C 303 -40.45 6.98 -13.92
CA THR C 303 -41.51 7.47 -14.82
C THR C 303 -41.39 6.87 -16.22
N LYS C 304 -40.18 6.92 -16.78
CA LYS C 304 -39.93 6.37 -18.13
C LYS C 304 -39.99 4.87 -18.15
N THR C 305 -39.45 4.24 -17.11
CA THR C 305 -39.47 2.79 -17.03
C THR C 305 -40.90 2.25 -16.96
N ILE C 306 -41.76 2.88 -16.16
CA ILE C 306 -43.15 2.45 -16.03
C ILE C 306 -43.86 2.64 -17.38
N GLU C 307 -43.66 3.79 -18.00
CA GLU C 307 -44.28 4.04 -19.31
C GLU C 307 -43.84 3.01 -20.34
N SER C 308 -42.55 2.68 -20.32
CA SER C 308 -41.99 1.68 -21.23
C SER C 308 -42.53 0.29 -20.98
N LEU C 309 -42.51 -0.18 -19.75
CA LEU C 309 -43.10 -1.48 -19.43
C LEU C 309 -44.53 -1.58 -19.96
N ARG C 310 -45.35 -0.56 -19.68
CA ARG C 310 -46.73 -0.53 -20.18
C ARG C 310 -46.84 -0.55 -21.69
N ALA C 311 -46.04 0.26 -22.37
CA ALA C 311 -46.09 0.30 -23.84
C ALA C 311 -45.66 -1.02 -24.47
N ILE C 312 -44.66 -1.66 -23.87
CA ILE C 312 -44.19 -2.96 -24.34
C ILE C 312 -45.26 -4.04 -24.09
N ALA C 313 -45.79 -4.06 -22.87
CA ALA C 313 -46.81 -5.05 -22.50
C ALA C 313 -48.03 -4.94 -23.40
N ALA C 314 -48.34 -3.73 -23.84
CA ALA C 314 -49.49 -3.54 -24.72
C ALA C 314 -49.38 -4.23 -26.10
N LYS C 315 -48.15 -4.58 -26.51
CA LYS C 315 -47.90 -5.34 -27.76
C LYS C 315 -48.24 -6.82 -27.61
N PHE C 316 -48.45 -7.30 -26.37
CA PHE C 316 -48.74 -8.72 -26.10
C PHE C 316 -50.18 -8.92 -25.65
N ASP C 317 -50.44 -9.89 -24.80
CA ASP C 317 -51.79 -10.25 -24.48
C ASP C 317 -52.10 -9.78 -23.06
N GLU C 318 -53.29 -10.11 -22.58
CA GLU C 318 -53.74 -9.72 -21.24
C GLU C 318 -52.83 -10.27 -20.12
N SER C 319 -52.26 -11.47 -20.34
CA SER C 319 -51.44 -12.12 -19.31
C SER C 319 -50.21 -11.27 -19.04
N ILE C 320 -49.64 -10.69 -20.08
CA ILE C 320 -48.45 -9.85 -19.94
C ILE C 320 -48.79 -8.45 -19.37
N GLN C 321 -49.93 -7.91 -19.81
CA GLN C 321 -50.41 -6.64 -19.28
C GLN C 321 -50.66 -6.76 -17.78
N LYS C 322 -51.19 -7.89 -17.34
CA LYS C 322 -51.43 -8.16 -15.92
C LYS C 322 -50.11 -8.26 -15.16
N LYS C 323 -49.17 -9.04 -15.70
CA LYS C 323 -47.85 -9.11 -15.08
C LYS C 323 -47.16 -7.75 -15.04
N CYS C 324 -47.34 -6.94 -16.09
CA CYS C 324 -46.77 -5.59 -16.11
C CYS C 324 -47.21 -4.81 -14.87
N GLU C 325 -48.51 -4.86 -14.57
CA GLU C 325 -48.98 -4.13 -13.40
C GLU C 325 -48.48 -4.72 -12.10
N GLU C 326 -48.30 -6.03 -12.04
CA GLU C 326 -47.67 -6.67 -10.88
C GLU C 326 -46.23 -6.21 -10.67
N VAL C 327 -45.48 -6.09 -11.77
CA VAL C 327 -44.10 -5.62 -11.67
C VAL C 327 -44.09 -4.17 -11.16
N ILE C 328 -44.96 -3.36 -11.71
CA ILE C 328 -45.02 -1.96 -11.35
C ILE C 328 -45.37 -1.81 -9.88
N ALA C 329 -46.36 -2.58 -9.41
CA ALA C 329 -46.74 -2.58 -7.99
C ALA C 329 -45.60 -3.06 -7.07
N LYS C 330 -44.81 -4.01 -7.56
CA LYS C 330 -43.76 -4.61 -6.77
C LYS C 330 -42.73 -3.53 -6.48
N TYR C 331 -42.35 -2.81 -7.53
CA TYR C 331 -41.25 -1.87 -7.39
C TYR C 331 -41.62 -0.49 -6.88
N LYS C 332 -42.91 -0.18 -6.87
CA LYS C 332 -43.42 1.12 -6.42
C LYS C 332 -42.81 1.57 -5.10
N PRO C 333 -42.87 0.70 -4.05
CA PRO C 333 -42.31 1.18 -2.77
C PRO C 333 -40.80 1.41 -2.83
N GLU C 334 -40.12 0.65 -3.68
CA GLU C 334 -38.67 0.75 -3.75
C GLU C 334 -38.25 2.09 -4.37
N TRP C 335 -38.79 2.43 -5.55
CA TRP C 335 -38.42 3.71 -6.13
C TRP C 335 -39.03 4.88 -5.36
N GLU C 336 -40.18 4.70 -4.72
CA GLU C 336 -40.74 5.80 -3.95
C GLU C 336 -39.80 6.13 -2.80
N ALA C 337 -39.22 5.10 -2.20
CA ALA C 337 -38.29 5.30 -1.09
C ALA C 337 -37.04 6.03 -1.57
N VAL C 338 -36.58 5.70 -2.77
CA VAL C 338 -35.44 6.44 -3.37
C VAL C 338 -35.77 7.92 -3.55
N VAL C 339 -36.94 8.19 -4.15
CA VAL C 339 -37.38 9.57 -4.31
C VAL C 339 -37.51 10.29 -2.95
N ALA C 340 -38.11 9.62 -1.97
CA ALA C 340 -38.32 10.27 -0.68
C ALA C 340 -37.01 10.65 -0.01
N LYS C 341 -35.98 9.83 -0.20
CA LYS C 341 -34.68 10.09 0.42
C LYS C 341 -33.89 11.16 -0.33
N TYR C 342 -33.85 11.03 -1.66
CA TYR C 342 -32.95 11.86 -2.48
C TYR C 342 -33.54 13.11 -3.13
N ARG C 343 -34.82 13.11 -3.50
CA ARG C 343 -35.38 14.26 -4.16
C ARG C 343 -35.25 15.52 -3.28
N PRO C 344 -35.47 15.42 -1.93
CA PRO C 344 -35.27 16.66 -1.15
C PRO C 344 -33.85 17.18 -1.11
N ARG C 345 -32.90 16.31 -1.42
N ARG C 345 -32.89 16.29 -1.40
CA ARG C 345 -31.50 16.66 -1.46
CA ARG C 345 -31.49 16.63 -1.46
C ARG C 345 -31.08 17.25 -2.81
C ARG C 345 -31.10 17.29 -2.80
N LEU C 346 -31.95 17.13 -3.82
CA LEU C 346 -31.60 17.51 -5.18
C LEU C 346 -32.60 18.46 -5.86
N GLU C 347 -33.73 18.69 -5.20
CA GLU C 347 -34.83 19.47 -5.78
C GLU C 347 -34.33 20.82 -6.25
N GLY C 348 -34.64 21.17 -7.49
CA GLY C 348 -34.26 22.48 -8.02
C GLY C 348 -32.89 22.59 -8.64
N LYS C 349 -32.05 21.57 -8.43
CA LYS C 349 -30.71 21.66 -8.92
C LYS C 349 -30.69 21.51 -10.44
N ARG C 350 -29.76 22.22 -11.07
N ARG C 350 -29.77 22.22 -11.07
CA ARG C 350 -29.67 22.39 -12.52
CA ARG C 350 -29.71 22.38 -12.52
C ARG C 350 -28.48 21.66 -13.09
C ARG C 350 -28.52 21.64 -13.11
N VAL C 351 -28.71 20.91 -14.17
N VAL C 351 -28.73 20.87 -14.18
CA VAL C 351 -27.71 20.03 -14.77
CA VAL C 351 -27.66 20.03 -14.72
C VAL C 351 -27.47 20.42 -16.21
C VAL C 351 -27.47 20.31 -16.21
N MET C 352 -26.21 20.32 -16.65
CA MET C 352 -25.91 20.37 -18.09
C MET C 352 -25.28 19.04 -18.46
N LEU C 353 -25.72 18.47 -19.58
CA LEU C 353 -25.22 17.20 -20.07
C LEU C 353 -24.51 17.38 -21.39
N TYR C 354 -23.53 16.49 -21.63
CA TYR C 354 -22.95 16.33 -22.95
C TYR C 354 -22.48 14.90 -23.12
N ILE C 355 -23.13 14.15 -24.02
CA ILE C 355 -22.83 12.72 -24.15
C ILE C 355 -22.86 12.38 -25.67
N GLY C 356 -23.13 11.13 -26.05
CA GLY C 356 -22.81 10.66 -27.42
C GLY C 356 -23.97 10.77 -28.40
N GLY C 357 -24.92 9.87 -28.25
CA GLY C 357 -26.00 9.74 -29.22
C GLY C 357 -27.37 9.42 -28.68
N LEU C 358 -27.48 9.20 -27.36
CA LEU C 358 -28.76 8.72 -26.79
C LEU C 358 -29.02 9.36 -25.43
N ARG C 359 -28.07 9.18 -24.53
CA ARG C 359 -28.24 9.62 -23.16
C ARG C 359 -28.56 11.09 -22.93
N PRO C 360 -28.03 11.99 -23.80
CA PRO C 360 -28.32 13.41 -23.60
C PRO C 360 -29.82 13.77 -23.57
N ARG C 361 -30.67 12.97 -24.23
CA ARG C 361 -32.10 13.10 -24.01
C ARG C 361 -32.64 12.03 -23.08
N HIS C 362 -32.11 10.82 -23.14
CA HIS C 362 -32.78 9.71 -22.48
C HIS C 362 -32.80 9.79 -20.97
N VAL C 363 -31.81 10.46 -20.41
CA VAL C 363 -31.72 10.55 -18.93
C VAL C 363 -32.50 11.71 -18.30
N ILE C 364 -33.09 12.57 -19.11
CA ILE C 364 -33.74 13.76 -18.58
C ILE C 364 -34.86 13.41 -17.60
N GLY C 365 -35.67 12.40 -17.94
CA GLY C 365 -36.78 11.96 -17.10
C GLY C 365 -36.33 11.54 -15.70
N ALA C 366 -35.19 10.86 -15.66
CA ALA C 366 -34.61 10.41 -14.41
C ALA C 366 -34.19 11.60 -13.56
N TYR C 367 -33.55 12.60 -14.15
CA TYR C 367 -33.26 13.82 -13.43
C TYR C 367 -34.53 14.44 -12.91
N GLU C 368 -35.55 14.48 -13.75
CA GLU C 368 -36.81 15.12 -13.35
C GLU C 368 -37.54 14.38 -12.21
N ASP C 369 -37.37 13.06 -12.13
CA ASP C 369 -37.86 12.25 -11.03
C ASP C 369 -37.19 12.56 -9.70
N LEU C 370 -36.09 13.32 -9.75
CA LEU C 370 -35.41 13.78 -8.56
C LEU C 370 -35.54 15.29 -8.41
N GLY C 371 -36.44 15.91 -9.18
CA GLY C 371 -36.70 17.34 -9.07
C GLY C 371 -35.65 18.22 -9.70
N MET C 372 -34.79 17.63 -10.53
CA MET C 372 -33.70 18.39 -11.11
C MET C 372 -34.10 18.86 -12.50
N GLU C 373 -33.42 19.90 -13.00
N GLU C 373 -33.41 19.88 -12.99
CA GLU C 373 -33.75 20.48 -14.29
CA GLU C 373 -33.72 20.46 -14.29
C GLU C 373 -32.52 20.36 -15.20
C GLU C 373 -32.52 20.33 -15.20
N VAL C 374 -32.73 19.88 -16.42
CA VAL C 374 -31.66 19.81 -17.43
C VAL C 374 -31.71 21.09 -18.24
N VAL C 375 -30.74 21.96 -17.99
CA VAL C 375 -30.77 23.32 -18.54
C VAL C 375 -29.97 23.41 -19.84
N GLY C 376 -29.14 22.41 -20.11
CA GLY C 376 -28.41 22.35 -21.36
C GLY C 376 -28.12 20.91 -21.68
N THR C 377 -28.18 20.55 -22.95
CA THR C 377 -27.80 19.21 -23.34
C THR C 377 -27.23 19.21 -24.75
N GLY C 378 -26.53 18.15 -25.13
CA GLY C 378 -25.98 18.09 -26.46
C GLY C 378 -25.35 16.75 -26.68
N TYR C 379 -25.01 16.52 -27.94
CA TYR C 379 -24.47 15.26 -28.36
C TYR C 379 -23.19 15.41 -29.16
N GLU C 380 -22.31 14.43 -29.00
CA GLU C 380 -21.13 14.30 -29.87
C GLU C 380 -21.47 14.04 -31.31
N PHE C 381 -22.39 13.11 -31.57
CA PHE C 381 -22.49 12.51 -32.92
C PHE C 381 -23.92 12.17 -33.35
N ALA C 382 -24.92 12.72 -32.66
CA ALA C 382 -26.30 12.53 -33.01
C ALA C 382 -26.64 13.08 -34.39
N HIS C 383 -27.75 12.57 -34.92
CA HIS C 383 -28.28 13.05 -36.22
C HIS C 383 -29.55 13.88 -35.96
N ASN C 384 -30.16 14.52 -36.97
CA ASN C 384 -31.33 15.32 -36.67
C ASN C 384 -32.53 14.51 -36.16
N ASP C 385 -32.62 13.23 -36.48
CA ASP C 385 -33.71 12.42 -35.91
C ASP C 385 -33.58 12.26 -34.39
N ASP C 386 -32.34 12.28 -33.89
CA ASP C 386 -32.13 12.42 -32.44
C ASP C 386 -32.55 13.78 -31.89
N TYR C 387 -32.13 14.86 -32.56
CA TYR C 387 -32.57 16.22 -32.14
C TYR C 387 -34.08 16.37 -32.17
N ASP C 388 -34.76 15.76 -33.12
CA ASP C 388 -36.23 15.79 -33.17
C ASP C 388 -36.82 15.21 -31.89
N ARG C 389 -36.21 14.14 -31.41
CA ARG C 389 -36.68 13.48 -30.19
C ARG C 389 -36.27 14.21 -28.92
N THR C 390 -35.33 15.16 -29.04
CA THR C 390 -34.77 15.89 -27.91
C THR C 390 -35.58 17.15 -27.58
N MET C 391 -36.03 17.86 -28.61
CA MET C 391 -36.59 19.19 -28.36
C MET C 391 -37.87 19.09 -27.51
N LYS C 392 -38.63 18.02 -27.63
CA LYS C 392 -39.84 17.86 -26.82
C LYS C 392 -39.52 17.43 -25.37
N GLU C 393 -38.33 16.87 -25.13
CA GLU C 393 -37.91 16.41 -23.80
C GLU C 393 -37.23 17.51 -22.99
N MET C 394 -36.74 18.54 -23.65
CA MET C 394 -36.08 19.64 -22.98
C MET C 394 -37.05 20.81 -22.80
N GLY C 395 -36.80 21.61 -21.78
CA GLY C 395 -37.58 22.80 -21.54
C GLY C 395 -37.41 23.93 -22.55
N ASP C 396 -38.40 24.81 -22.56
CA ASP C 396 -38.25 25.97 -23.40
C ASP C 396 -37.02 26.81 -22.98
N SER C 397 -36.33 27.36 -23.98
CA SER C 397 -35.23 28.32 -23.82
C SER C 397 -33.99 27.69 -23.18
N THR C 398 -33.91 26.36 -23.19
CA THR C 398 -32.70 25.67 -22.79
C THR C 398 -31.70 25.65 -23.95
N LEU C 399 -30.44 25.36 -23.62
CA LEU C 399 -29.35 25.36 -24.60
C LEU C 399 -29.08 23.96 -25.16
N LEU C 400 -29.00 23.86 -26.49
CA LEU C 400 -28.62 22.64 -27.20
C LEU C 400 -27.33 22.87 -27.94
N TYR C 401 -26.42 21.90 -27.91
CA TYR C 401 -25.14 22.00 -28.59
C TYR C 401 -24.80 20.67 -29.25
N ASP C 402 -24.51 20.75 -30.54
CA ASP C 402 -24.06 19.62 -31.37
C ASP C 402 -22.53 19.69 -31.60
N ASP C 403 -21.82 18.60 -31.31
CA ASP C 403 -20.38 18.49 -31.46
C ASP C 403 -19.74 19.71 -30.83
N VAL C 404 -20.05 19.90 -29.56
CA VAL C 404 -19.58 21.07 -28.84
C VAL C 404 -18.04 21.09 -28.78
N THR C 405 -17.46 22.29 -28.89
CA THR C 405 -16.03 22.42 -28.77
C THR C 405 -15.68 22.56 -27.29
N GLY C 406 -14.44 22.28 -26.96
CA GLY C 406 -14.01 22.45 -25.58
C GLY C 406 -14.21 23.86 -25.08
N TYR C 407 -13.79 24.83 -25.90
CA TYR C 407 -13.98 26.23 -25.59
C TYR C 407 -15.46 26.58 -25.30
N GLU C 408 -16.34 26.20 -26.21
CA GLU C 408 -17.75 26.48 -26.03
C GLU C 408 -18.29 25.91 -24.73
N PHE C 409 -17.94 24.65 -24.46
CA PHE C 409 -18.50 23.97 -23.30
C PHE C 409 -18.05 24.71 -22.06
N GLU C 410 -16.78 25.10 -21.98
CA GLU C 410 -16.30 25.83 -20.81
C GLU C 410 -17.02 27.18 -20.65
N GLU C 411 -17.15 27.91 -21.76
CA GLU C 411 -17.73 29.26 -21.70
C GLU C 411 -19.23 29.20 -21.36
N PHE C 412 -19.92 28.21 -21.89
CA PHE C 412 -21.33 28.01 -21.55
C PHE C 412 -21.52 27.71 -20.07
N VAL C 413 -20.67 26.86 -19.54
CA VAL C 413 -20.72 26.52 -18.13
C VAL C 413 -20.41 27.74 -17.25
N LYS C 414 -19.40 28.53 -17.63
CA LYS C 414 -19.13 29.75 -16.86
C LYS C 414 -20.33 30.66 -16.70
N ARG C 415 -21.14 30.77 -17.74
CA ARG C 415 -22.28 31.68 -17.70
C ARG C 415 -23.50 31.06 -17.04
N ILE C 416 -23.79 29.82 -17.43
CA ILE C 416 -24.96 29.11 -16.95
C ILE C 416 -24.82 28.67 -15.47
N LYS C 417 -23.60 28.32 -15.04
CA LYS C 417 -23.34 27.95 -13.65
C LYS C 417 -24.27 26.84 -13.17
N PRO C 418 -24.29 25.73 -13.93
CA PRO C 418 -25.01 24.54 -13.51
C PRO C 418 -24.54 24.03 -12.13
N ASP C 419 -25.42 23.35 -11.42
CA ASP C 419 -25.08 22.74 -10.13
C ASP C 419 -24.34 21.40 -10.31
N LEU C 420 -24.52 20.78 -11.48
CA LEU C 420 -23.94 19.50 -11.84
C LEU C 420 -23.75 19.43 -13.36
N ILE C 421 -22.69 18.77 -13.77
CA ILE C 421 -22.44 18.45 -15.16
C ILE C 421 -22.30 16.93 -15.32
N GLY C 422 -22.88 16.40 -16.39
CA GLY C 422 -22.83 14.97 -16.71
C GLY C 422 -22.26 14.80 -18.09
N SER C 423 -21.02 14.35 -18.16
CA SER C 423 -20.34 14.19 -19.44
C SER C 423 -19.29 13.08 -19.35
N GLY C 424 -18.17 13.21 -20.09
CA GLY C 424 -17.19 12.15 -20.18
C GLY C 424 -15.86 12.43 -19.51
N ILE C 425 -14.92 11.52 -19.73
CA ILE C 425 -13.63 11.52 -19.04
C ILE C 425 -12.75 12.69 -19.43
N LYS C 426 -12.88 13.14 -20.69
CA LYS C 426 -12.09 14.28 -21.16
C LYS C 426 -12.59 15.61 -20.59
N GLU C 427 -13.81 15.57 -20.09
CA GLU C 427 -14.47 16.75 -19.54
C GLU C 427 -14.38 16.84 -18.01
N LYS C 428 -14.44 15.68 -17.35
CA LYS C 428 -14.54 15.55 -15.89
C LYS C 428 -13.67 16.50 -15.12
N PHE C 429 -12.36 16.46 -15.38
CA PHE C 429 -11.43 17.13 -14.47
C PHE C 429 -11.40 18.63 -14.68
N ILE C 430 -11.84 19.07 -15.85
CA ILE C 430 -11.91 20.47 -16.17
C ILE C 430 -12.93 21.10 -15.22
N PHE C 431 -14.11 20.49 -15.18
CA PHE C 431 -15.23 21.07 -14.46
C PHE C 431 -15.12 20.95 -12.96
N GLN C 432 -14.49 19.88 -12.50
CA GLN C 432 -14.21 19.76 -11.06
C GLN C 432 -13.32 20.89 -10.59
N LYS C 433 -12.31 21.24 -11.38
CA LYS C 433 -11.42 22.35 -11.00
C LYS C 433 -12.14 23.69 -10.94
N MET C 434 -13.18 23.84 -11.76
CA MET C 434 -14.03 25.00 -11.75
C MET C 434 -15.03 25.03 -10.57
N GLY C 435 -15.02 23.97 -9.74
CA GLY C 435 -15.91 23.88 -8.59
C GLY C 435 -17.31 23.40 -8.91
N ILE C 436 -17.46 22.71 -10.02
CA ILE C 436 -18.77 22.21 -10.41
C ILE C 436 -18.77 20.68 -10.29
N PRO C 437 -19.63 20.12 -9.39
CA PRO C 437 -19.82 18.66 -9.32
C PRO C 437 -20.00 18.02 -10.69
N PHE C 438 -19.29 16.92 -10.90
CA PHE C 438 -19.29 16.28 -12.20
C PHE C 438 -19.54 14.80 -12.03
N ARG C 439 -20.43 14.26 -12.86
CA ARG C 439 -20.64 12.81 -12.93
C ARG C 439 -20.41 12.33 -14.36
N GLN C 440 -19.64 11.26 -14.49
CA GLN C 440 -19.41 10.66 -15.79
C GLN C 440 -20.66 9.98 -16.23
N MET C 441 -21.18 10.37 -17.38
CA MET C 441 -22.43 9.80 -17.84
C MET C 441 -22.24 8.83 -19.02
N HIS C 442 -20.98 8.47 -19.29
CA HIS C 442 -20.69 7.30 -20.13
C HIS C 442 -20.39 6.09 -19.23
N SER C 443 -19.32 6.22 -18.46
CA SER C 443 -18.86 5.13 -17.61
C SER C 443 -19.58 4.99 -16.27
N TRP C 444 -20.51 5.90 -16.02
CA TRP C 444 -21.19 5.98 -14.73
C TRP C 444 -20.22 6.19 -13.59
N ASP C 445 -19.03 6.73 -13.88
CA ASP C 445 -18.01 7.01 -12.84
C ASP C 445 -17.76 5.73 -12.04
N TYR C 446 -17.79 4.60 -12.74
CA TYR C 446 -17.38 3.27 -12.20
C TYR C 446 -18.41 2.72 -11.24
N SER C 447 -19.62 3.25 -11.38
CA SER C 447 -20.78 2.87 -10.60
C SER C 447 -21.86 2.28 -11.53
N GLY C 448 -23.12 2.35 -11.12
CA GLY C 448 -24.19 1.75 -11.91
C GLY C 448 -24.45 0.33 -11.47
N PRO C 449 -25.44 -0.31 -12.10
CA PRO C 449 -26.20 0.17 -13.26
C PRO C 449 -27.08 1.37 -12.99
N TYR C 450 -27.48 2.05 -14.06
CA TYR C 450 -28.47 3.13 -13.97
C TYR C 450 -29.80 2.78 -14.60
N HIS C 451 -29.84 1.74 -15.45
CA HIS C 451 -31.13 1.36 -16.06
C HIS C 451 -32.07 0.69 -15.06
N GLY C 452 -33.37 0.90 -15.25
CA GLY C 452 -34.41 0.15 -14.52
C GLY C 452 -34.63 0.69 -13.12
N PHE C 453 -35.41 -0.05 -12.34
CA PHE C 453 -35.70 0.36 -10.98
C PHE C 453 -34.46 0.23 -10.10
N ASP C 454 -33.73 -0.88 -10.22
CA ASP C 454 -32.51 -1.03 -9.39
C ASP C 454 -31.45 0.01 -9.77
N GLY C 455 -31.37 0.35 -11.06
CA GLY C 455 -30.46 1.39 -11.51
C GLY C 455 -30.78 2.78 -11.00
N PHE C 456 -32.07 3.08 -10.84
CA PHE C 456 -32.45 4.42 -10.43
C PHE C 456 -31.95 4.70 -9.01
N ALA C 457 -31.99 3.67 -8.17
CA ALA C 457 -31.51 3.84 -6.79
C ALA C 457 -30.05 4.29 -6.82
N ILE C 458 -29.27 3.63 -7.66
CA ILE C 458 -27.82 3.90 -7.71
C ILE C 458 -27.57 5.28 -8.33
N PHE C 459 -28.32 5.57 -9.40
CA PHE C 459 -28.28 6.90 -10.03
C PHE C 459 -28.52 8.01 -9.01
N ALA C 460 -29.59 7.88 -8.25
CA ALA C 460 -29.94 8.87 -7.24
C ALA C 460 -28.83 9.03 -6.20
N ARG C 461 -28.36 7.90 -5.67
CA ARG C 461 -27.28 7.88 -4.68
C ARG C 461 -26.08 8.67 -5.24
N ASP C 462 -25.76 8.36 -6.48
CA ASP C 462 -24.59 8.95 -7.11
C ASP C 462 -24.71 10.43 -7.36
N MET C 463 -25.85 10.91 -7.90
CA MET C 463 -25.99 12.33 -8.15
C MET C 463 -25.92 13.07 -6.80
N ASP C 464 -26.50 12.47 -5.75
CA ASP C 464 -26.49 13.09 -4.43
C ASP C 464 -25.08 13.12 -3.81
N MET C 465 -24.34 12.02 -3.94
CA MET C 465 -23.03 11.95 -3.22
C MET C 465 -22.07 12.97 -3.78
N THR C 466 -22.19 13.23 -5.08
CA THR C 466 -21.31 14.16 -5.79
C THR C 466 -21.80 15.62 -5.69
N LEU C 467 -23.06 15.88 -6.03
CA LEU C 467 -23.54 17.25 -6.00
C LEU C 467 -23.43 17.81 -4.59
N ASN C 468 -23.77 17.00 -3.59
CA ASN C 468 -23.77 17.45 -2.19
C ASN C 468 -22.50 17.15 -1.39
N ASN C 469 -21.42 16.79 -2.08
CA ASN C 469 -20.24 16.38 -1.37
C ASN C 469 -19.61 17.54 -0.62
N PRO C 470 -19.04 17.29 0.57
CA PRO C 470 -18.41 18.40 1.30
C PRO C 470 -17.22 19.05 0.56
N CYS C 471 -16.59 18.35 -0.37
CA CYS C 471 -15.42 18.92 -1.02
C CYS C 471 -15.70 20.23 -1.74
N TRP C 472 -16.93 20.39 -2.23
CA TRP C 472 -17.25 21.54 -3.11
C TRP C 472 -17.27 22.87 -2.39
N LYS C 473 -17.26 22.83 -1.07
CA LYS C 473 -17.28 24.04 -0.24
C LYS C 473 -15.86 24.51 0.08
N LYS C 474 -14.87 23.82 -0.48
CA LYS C 474 -13.49 23.95 -0.01
C LYS C 474 -12.52 24.49 -1.04
N LEU C 475 -12.99 24.82 -2.24
CA LEU C 475 -12.08 25.21 -3.30
C LEU C 475 -11.46 26.58 -3.01
N GLN C 476 -12.17 27.44 -2.30
CA GLN C 476 -11.65 28.79 -2.02
C GLN C 476 -10.85 28.77 -0.71
N ALA C 477 -9.55 29.05 -0.79
CA ALA C 477 -8.74 29.25 0.42
C ALA C 477 -9.31 30.37 1.29
N PRO C 478 -9.36 30.15 2.62
CA PRO C 478 -9.99 31.19 3.43
C PRO C 478 -9.22 32.52 3.52
N TRP C 479 -7.98 32.56 3.06
CA TRP C 479 -7.26 33.82 3.01
C TRP C 479 -7.35 34.56 1.68
N GLU C 480 -8.13 34.04 0.74
CA GLU C 480 -8.39 34.75 -0.52
C GLU C 480 -9.85 35.12 -0.65
N SER D 2 -33.93 -5.91 -6.84
CA SER D 2 -34.54 -5.09 -5.76
C SER D 2 -33.43 -4.35 -5.08
N GLN D 3 -33.78 -3.21 -4.49
CA GLN D 3 -32.88 -2.45 -3.66
C GLN D 3 -33.53 -2.14 -2.32
N GLN D 4 -32.70 -2.11 -1.28
CA GLN D 4 -33.05 -1.58 0.04
C GLN D 4 -32.45 -0.18 0.11
N VAL D 5 -33.28 0.82 0.34
CA VAL D 5 -32.87 2.20 0.14
C VAL D 5 -31.71 2.65 1.05
N ASP D 6 -31.56 2.06 2.22
N ASP D 6 -31.58 1.99 2.19
CA ASP D 6 -30.49 2.52 3.10
CA ASP D 6 -30.64 2.30 3.22
C ASP D 6 -29.21 1.74 2.93
C ASP D 6 -29.24 1.74 2.90
N LYS D 7 -29.20 0.74 2.03
CA LYS D 7 -27.98 0.01 1.69
C LYS D 7 -28.07 -0.39 0.22
N ILE D 8 -27.97 0.62 -0.64
CA ILE D 8 -28.06 0.43 -2.10
C ILE D 8 -26.84 -0.34 -2.62
N LYS D 9 -27.09 -1.31 -3.48
CA LYS D 9 -26.02 -2.14 -4.05
C LYS D 9 -25.73 -1.68 -5.48
N ALA D 10 -24.47 -1.40 -5.77
CA ALA D 10 -24.00 -1.27 -7.14
C ALA D 10 -23.78 -2.66 -7.74
N SER D 11 -23.39 -2.68 -9.01
CA SER D 11 -23.26 -3.93 -9.78
C SER D 11 -22.67 -5.06 -8.93
N TYR D 12 -21.54 -4.77 -8.29
CA TYR D 12 -21.08 -5.60 -7.19
C TYR D 12 -21.55 -5.00 -5.86
N PRO D 13 -22.38 -5.71 -5.08
CA PRO D 13 -22.83 -7.10 -5.15
C PRO D 13 -24.26 -7.32 -5.66
N LEU D 14 -24.87 -6.31 -6.29
CA LEU D 14 -26.25 -6.47 -6.76
C LEU D 14 -26.52 -7.78 -7.52
N PHE D 15 -25.66 -8.09 -8.50
CA PHE D 15 -25.89 -9.20 -9.42
C PHE D 15 -25.62 -10.57 -8.81
N LEU D 16 -25.15 -10.60 -7.56
CA LEU D 16 -25.12 -11.82 -6.76
C LEU D 16 -26.44 -12.11 -6.06
N ASP D 17 -27.41 -11.19 -6.05
CA ASP D 17 -28.72 -11.52 -5.50
C ASP D 17 -29.27 -12.74 -6.24
N GLN D 18 -30.06 -13.58 -5.56
CA GLN D 18 -30.52 -14.84 -6.15
C GLN D 18 -31.32 -14.62 -7.44
N ASP D 19 -32.16 -13.58 -7.47
CA ASP D 19 -32.99 -13.41 -8.66
C ASP D 19 -32.14 -13.04 -9.89
N TYR D 20 -31.12 -12.22 -9.72
CA TYR D 20 -30.19 -11.95 -10.82
C TYR D 20 -29.41 -13.21 -11.22
N LYS D 21 -28.94 -13.98 -10.23
N LYS D 21 -28.97 -13.97 -10.23
CA LYS D 21 -28.17 -15.19 -10.54
CA LYS D 21 -28.19 -15.15 -10.51
C LYS D 21 -29.02 -16.15 -11.37
C LYS D 21 -29.01 -16.17 -11.32
N ASP D 22 -30.26 -16.38 -10.94
CA ASP D 22 -31.14 -17.30 -11.65
C ASP D 22 -31.43 -16.78 -13.05
N MET D 23 -31.58 -15.46 -13.20
CA MET D 23 -31.86 -14.85 -14.51
C MET D 23 -30.67 -15.07 -15.44
N LEU D 24 -29.47 -14.91 -14.89
CA LEU D 24 -28.23 -15.07 -15.68
C LEU D 24 -27.98 -16.52 -16.08
N ALA D 25 -28.30 -17.44 -15.17
CA ALA D 25 -28.28 -18.85 -15.50
C ALA D 25 -29.24 -19.16 -16.65
N LYS D 26 -30.46 -18.61 -16.59
CA LYS D 26 -31.42 -18.81 -17.66
C LYS D 26 -30.96 -18.25 -18.99
N LYS D 27 -30.34 -17.07 -18.96
CA LYS D 27 -29.85 -16.47 -20.19
C LYS D 27 -28.80 -17.38 -20.84
N ARG D 28 -27.84 -17.80 -20.01
CA ARG D 28 -26.81 -18.73 -20.46
C ARG D 28 -27.39 -20.02 -21.07
N ASP D 29 -28.26 -20.67 -20.31
CA ASP D 29 -28.77 -21.99 -20.74
C ASP D 29 -29.66 -21.86 -21.96
N GLY D 30 -30.44 -20.79 -22.02
CA GLY D 30 -31.38 -20.63 -23.13
C GLY D 30 -30.78 -20.22 -24.46
N PHE D 31 -29.79 -19.34 -24.41
CA PHE D 31 -29.46 -18.58 -25.61
C PHE D 31 -27.99 -18.46 -25.94
N GLU D 32 -27.10 -18.78 -24.99
CA GLU D 32 -25.66 -18.51 -25.19
C GLU D 32 -24.89 -19.67 -25.80
N GLU D 33 -25.47 -20.86 -25.79
CA GLU D 33 -24.84 -22.04 -26.37
C GLU D 33 -23.40 -22.12 -25.91
N LYS D 34 -23.26 -22.00 -24.62
CA LYS D 34 -21.97 -21.88 -23.97
C LYS D 34 -21.25 -23.24 -23.88
N TYR D 35 -19.94 -23.25 -24.07
CA TYR D 35 -19.15 -24.45 -23.79
C TYR D 35 -19.41 -24.95 -22.36
N PRO D 36 -19.51 -26.29 -22.16
CA PRO D 36 -19.71 -26.84 -20.81
C PRO D 36 -18.57 -26.42 -19.88
N GLN D 37 -18.89 -26.25 -18.60
CA GLN D 37 -17.92 -25.82 -17.62
C GLN D 37 -16.69 -26.74 -17.55
N ASP D 38 -16.89 -28.06 -17.67
N ASP D 38 -16.83 -28.05 -17.71
CA ASP D 38 -15.74 -28.97 -17.68
CA ASP D 38 -15.59 -28.80 -17.61
C ASP D 38 -14.75 -28.65 -18.83
C ASP D 38 -14.72 -28.60 -18.84
N LYS D 39 -15.27 -28.28 -19.99
N LYS D 39 -15.26 -28.24 -20.01
CA LYS D 39 -14.43 -27.93 -21.14
CA LYS D 39 -14.43 -27.92 -21.15
C LYS D 39 -13.72 -26.60 -20.90
C LYS D 39 -13.73 -26.59 -20.89
N ILE D 40 -14.44 -25.63 -20.33
CA ILE D 40 -13.82 -24.34 -19.96
C ILE D 40 -12.68 -24.60 -19.00
N ASP D 41 -12.94 -25.42 -17.97
CA ASP D 41 -11.90 -25.76 -16.98
C ASP D 41 -10.69 -26.45 -17.64
N GLU D 42 -10.97 -27.36 -18.57
CA GLU D 42 -9.92 -28.13 -19.26
C GLU D 42 -9.05 -27.19 -20.07
N VAL D 43 -9.69 -26.29 -20.83
CA VAL D 43 -8.91 -25.33 -21.63
C VAL D 43 -8.11 -24.35 -20.76
N PHE D 44 -8.77 -23.80 -19.73
CA PHE D 44 -8.05 -22.96 -18.79
C PHE D 44 -6.77 -23.66 -18.31
N GLN D 45 -6.93 -24.87 -17.81
N GLN D 45 -6.90 -24.90 -17.88
CA GLN D 45 -5.78 -25.61 -17.27
CA GLN D 45 -5.73 -25.60 -17.33
C GLN D 45 -4.66 -25.73 -18.35
C GLN D 45 -4.66 -25.73 -18.36
N TRP D 46 -5.05 -26.06 -19.58
CA TRP D 46 -4.10 -26.14 -20.70
C TRP D 46 -3.36 -24.80 -20.92
N THR D 47 -4.05 -23.67 -20.79
CA THR D 47 -3.38 -22.38 -20.97
C THR D 47 -2.33 -22.05 -19.91
N THR D 48 -2.26 -22.84 -18.84
CA THR D 48 -1.25 -22.64 -17.78
C THR D 48 -0.01 -23.49 -17.96
N THR D 49 -0.02 -24.32 -19.02
CA THR D 49 1.03 -25.33 -19.24
C THR D 49 2.24 -24.85 -20.03
N LYS D 50 3.32 -25.61 -19.85
CA LYS D 50 4.52 -25.44 -20.65
C LYS D 50 4.23 -25.69 -22.14
N GLU D 51 3.41 -26.70 -22.45
N GLU D 51 3.41 -26.70 -22.46
CA GLU D 51 3.03 -26.99 -23.86
CA GLU D 51 3.02 -26.97 -23.86
C GLU D 51 2.34 -25.78 -24.50
C GLU D 51 2.33 -25.78 -24.51
N TYR D 52 1.42 -25.15 -23.78
CA TYR D 52 0.75 -23.97 -24.28
C TYR D 52 1.76 -22.84 -24.41
N GLN D 53 2.65 -22.69 -23.42
CA GLN D 53 3.65 -21.61 -23.49
C GLN D 53 4.48 -21.69 -24.75
N GLU D 54 4.85 -22.91 -25.14
N GLU D 54 4.80 -22.91 -25.16
CA GLU D 54 5.67 -23.12 -26.31
CA GLU D 54 5.67 -23.05 -26.28
C GLU D 54 4.92 -22.64 -27.56
C GLU D 54 4.94 -22.66 -27.57
N LEU D 55 3.65 -22.98 -27.68
CA LEU D 55 2.87 -22.51 -28.80
C LEU D 55 2.74 -20.99 -28.78
N ASN D 56 2.54 -20.46 -27.58
CA ASN D 56 2.34 -19.03 -27.37
C ASN D 56 3.57 -18.24 -27.83
N PHE D 57 4.75 -18.78 -27.49
CA PHE D 57 6.00 -18.13 -27.85
C PHE D 57 6.37 -18.27 -29.34
N GLN D 58 5.67 -19.13 -30.07
CA GLN D 58 5.85 -19.25 -31.53
C GLN D 58 5.03 -18.26 -32.34
N ARG D 59 4.20 -17.46 -31.67
CA ARG D 59 3.41 -16.47 -32.40
C ARG D 59 4.33 -15.59 -33.22
N GLU D 60 3.92 -15.36 -34.47
CA GLU D 60 4.57 -14.40 -35.39
C GLU D 60 3.66 -13.22 -35.84
N ALA D 61 2.36 -13.45 -35.90
CA ALA D 61 1.40 -12.47 -36.46
C ALA D 61 0.48 -11.85 -35.43
N LEU D 62 0.09 -12.65 -34.44
CA LEU D 62 -0.83 -12.20 -33.40
C LEU D 62 -0.12 -11.58 -32.21
N THR D 63 -0.64 -10.44 -31.79
CA THR D 63 -0.26 -9.82 -30.54
C THR D 63 -1.48 -9.81 -29.62
N VAL D 64 -1.27 -10.15 -28.34
CA VAL D 64 -2.34 -10.20 -27.33
C VAL D 64 -1.88 -9.44 -26.10
N ASN D 65 -2.64 -8.42 -25.70
CA ASN D 65 -2.35 -7.66 -24.50
C ASN D 65 -0.97 -7.05 -24.55
N PRO D 66 -0.77 -6.15 -25.53
CA PRO D 66 0.53 -5.46 -25.64
C PRO D 66 0.89 -4.62 -24.42
N ALA D 67 2.20 -4.42 -24.23
CA ALA D 67 2.71 -3.51 -23.24
C ALA D 67 3.48 -2.36 -23.90
N LYS D 68 2.78 -1.73 -24.83
CA LYS D 68 3.25 -0.53 -25.48
C LYS D 68 2.07 0.20 -26.11
N ALA D 69 2.29 1.46 -26.44
CA ALA D 69 1.31 2.24 -27.22
C ALA D 69 1.98 2.87 -28.45
N CYS D 70 1.30 3.80 -29.14
CA CYS D 70 1.80 4.31 -30.43
C CYS D 70 2.45 5.67 -30.31
N GLN D 71 3.32 5.94 -31.28
CA GLN D 71 4.14 7.18 -31.29
C GLN D 71 3.44 8.47 -30.86
N PRO D 72 2.31 8.82 -31.49
CA PRO D 72 1.83 10.19 -31.17
C PRO D 72 1.43 10.41 -29.69
N LEU D 73 1.10 9.36 -28.94
CA LEU D 73 0.88 9.47 -27.50
C LEU D 73 2.08 10.12 -26.81
N GLY D 74 3.27 9.65 -27.18
CA GLY D 74 4.52 10.21 -26.65
C GLY D 74 4.82 11.59 -27.16
N ALA D 75 4.48 11.91 -28.42
CA ALA D 75 4.67 13.28 -28.91
C ALA D 75 3.77 14.24 -28.10
N VAL D 76 2.55 13.82 -27.80
CA VAL D 76 1.60 14.67 -27.04
C VAL D 76 2.16 14.93 -25.64
N LEU D 77 2.63 13.88 -24.96
CA LEU D 77 3.18 14.12 -23.63
C LEU D 77 4.41 15.05 -23.67
N CYS D 78 5.26 14.83 -24.65
CA CYS D 78 6.42 15.73 -24.83
C CYS D 78 6.00 17.18 -24.98
N ALA D 79 5.06 17.42 -25.89
CA ALA D 79 4.54 18.74 -26.18
C ALA D 79 3.95 19.42 -24.95
N LEU D 80 3.25 18.64 -24.11
CA LEU D 80 2.60 19.20 -22.92
C LEU D 80 3.60 19.85 -21.96
N GLY D 81 4.87 19.48 -22.06
CA GLY D 81 5.90 19.98 -21.16
C GLY D 81 6.47 21.33 -21.54
N PHE D 82 5.91 21.96 -22.57
CA PHE D 82 6.37 23.28 -23.02
C PHE D 82 5.37 24.36 -22.66
N GLU D 83 5.90 25.52 -22.29
CA GLU D 83 5.09 26.60 -21.78
C GLU D 83 4.03 27.02 -22.81
N LYS D 84 2.79 27.12 -22.33
CA LYS D 84 1.65 27.54 -23.15
C LYS D 84 1.64 26.87 -24.54
N THR D 85 1.89 25.56 -24.55
CA THR D 85 1.99 24.81 -25.80
C THR D 85 0.79 23.89 -25.96
N MET D 86 0.18 23.97 -27.14
CA MET D 86 -0.87 23.07 -27.48
C MET D 86 -0.33 21.90 -28.28
N PRO D 87 -0.48 20.65 -27.76
CA PRO D 87 -0.25 19.51 -28.64
C PRO D 87 -1.31 19.49 -29.75
N TYR D 88 -0.85 19.18 -30.96
CA TYR D 88 -1.64 19.22 -32.18
C TYR D 88 -1.27 18.03 -33.03
N VAL D 89 -2.21 17.11 -33.23
CA VAL D 89 -1.91 15.94 -34.02
C VAL D 89 -2.62 16.04 -35.36
N HIS D 90 -1.80 16.14 -36.40
CA HIS D 90 -2.28 16.25 -37.79
C HIS D 90 -2.75 14.87 -38.23
N GLY D 91 -4.01 14.79 -38.67
CA GLY D 91 -4.62 13.51 -39.02
C GLY D 91 -6.00 13.35 -38.45
N SER D 92 -6.26 12.14 -37.99
CA SER D 92 -7.56 11.66 -37.65
C SER D 92 -7.96 11.96 -36.20
N GLN D 93 -9.17 12.49 -35.99
CA GLN D 93 -9.54 12.95 -34.65
C GLN D 93 -9.78 11.82 -33.63
N GLY D 94 -10.14 10.61 -34.09
CA GLY D 94 -10.37 9.46 -33.18
C GLY D 94 -9.16 9.27 -32.29
N CYS D 95 -7.99 9.45 -32.88
CA CYS D 95 -6.73 9.26 -32.15
C CYS D 95 -6.61 10.18 -30.96
N VAL D 96 -6.89 11.46 -31.18
CA VAL D 96 -6.81 12.46 -30.10
C VAL D 96 -7.79 12.20 -28.94
N ALA D 97 -9.01 11.77 -29.24
CA ALA D 97 -9.93 11.36 -28.16
C ALA D 97 -9.29 10.27 -27.26
N TYR D 98 -8.65 9.29 -27.88
CA TYR D 98 -7.95 8.25 -27.16
C TYR D 98 -6.74 8.72 -26.39
N PHE D 99 -5.89 9.57 -27.00
CA PHE D 99 -4.66 10.01 -26.31
C PHE D 99 -5.04 10.78 -25.03
N ARG D 100 -6.02 11.67 -25.17
CA ARG D 100 -6.48 12.49 -24.06
C ARG D 100 -7.03 11.61 -22.95
N SER D 101 -7.93 10.69 -23.30
CA SER D 101 -8.58 9.79 -22.32
C SER D 101 -7.56 8.90 -21.59
N TYR D 102 -6.59 8.38 -22.32
CA TYR D 102 -5.54 7.53 -21.76
C TYR D 102 -4.79 8.30 -20.69
N PHE D 103 -4.32 9.51 -21.00
CA PHE D 103 -3.67 10.31 -19.96
C PHE D 103 -4.63 10.84 -18.88
N ASN D 104 -5.87 11.15 -19.25
CA ASN D 104 -6.86 11.64 -18.28
C ASN D 104 -6.96 10.59 -17.17
N ARG D 105 -7.04 9.32 -17.55
CA ARG D 105 -7.26 8.24 -16.60
C ARG D 105 -6.06 7.95 -15.70
N HIS D 106 -4.86 8.21 -16.21
CA HIS D 106 -3.65 8.00 -15.43
C HIS D 106 -3.37 9.15 -14.47
N PHE D 107 -3.47 10.38 -14.96
CA PHE D 107 -3.20 11.57 -14.14
C PHE D 107 -4.39 12.07 -13.34
N ARG D 108 -5.60 11.64 -13.72
CA ARG D 108 -6.85 12.23 -13.18
C ARG D 108 -6.81 13.76 -13.29
N GLU D 109 -6.56 14.21 -14.51
CA GLU D 109 -6.38 15.62 -14.82
C GLU D 109 -6.87 15.87 -16.22
N PRO D 110 -7.19 17.14 -16.55
CA PRO D 110 -7.45 17.48 -17.94
C PRO D 110 -6.20 17.23 -18.78
N VAL D 111 -6.41 16.92 -20.05
CA VAL D 111 -5.32 16.71 -21.01
C VAL D 111 -5.79 17.33 -22.30
N SER D 112 -5.15 18.43 -22.64
CA SER D 112 -5.55 19.26 -23.77
C SER D 112 -4.69 18.90 -25.00
N CYS D 113 -5.35 18.71 -26.15
CA CYS D 113 -4.73 18.30 -27.38
C CYS D 113 -5.77 18.50 -28.46
N VAL D 114 -5.33 18.94 -29.64
CA VAL D 114 -6.27 19.11 -30.77
C VAL D 114 -5.88 18.22 -31.93
N SER D 115 -6.85 18.04 -32.82
CA SER D 115 -6.73 17.36 -34.09
C SER D 115 -7.03 18.41 -35.15
N ASP D 116 -6.62 18.17 -36.39
CA ASP D 116 -7.19 18.92 -37.49
C ASP D 116 -8.19 18.13 -38.34
N SER D 117 -8.64 17.00 -37.81
CA SER D 117 -9.84 16.34 -38.28
C SER D 117 -9.83 16.04 -39.77
N MET D 118 -8.78 15.38 -40.24
CA MET D 118 -8.77 14.91 -41.59
C MET D 118 -9.80 13.79 -41.75
N THR D 119 -10.47 13.81 -42.89
CA THR D 119 -11.49 12.82 -43.19
C THR D 119 -11.12 12.07 -44.48
N GLU D 120 -11.97 11.16 -44.89
CA GLU D 120 -11.68 10.33 -46.05
C GLU D 120 -11.34 11.15 -47.31
N ASP D 121 -11.94 12.33 -47.40
CA ASP D 121 -11.78 13.24 -48.54
C ASP D 121 -10.35 13.68 -48.70
N ALA D 122 -9.63 13.79 -47.59
CA ALA D 122 -8.24 14.21 -47.61
C ALA D 122 -7.29 13.23 -48.33
N ALA D 123 -7.75 12.03 -48.61
CA ALA D 123 -6.95 11.05 -49.33
C ALA D 123 -6.67 11.45 -50.78
N VAL D 124 -7.54 12.26 -51.36
CA VAL D 124 -7.37 12.66 -52.76
C VAL D 124 -6.27 13.68 -52.82
N PHE D 125 -6.42 14.67 -51.94
CA PHE D 125 -5.77 15.92 -52.05
C PHE D 125 -4.70 16.13 -50.94
N GLY D 126 -4.70 15.31 -49.89
CA GLY D 126 -3.87 15.53 -48.70
C GLY D 126 -4.51 16.47 -47.70
N GLY D 127 -3.87 16.61 -46.54
CA GLY D 127 -4.45 17.41 -45.47
C GLY D 127 -3.93 18.84 -45.34
N GLN D 128 -3.52 19.48 -46.44
CA GLN D 128 -2.97 20.85 -46.38
C GLN D 128 -4.01 21.84 -45.85
N GLN D 129 -5.25 21.75 -46.33
CA GLN D 129 -6.28 22.70 -45.89
C GLN D 129 -6.62 22.46 -44.42
N ASN D 130 -6.65 21.21 -43.99
CA ASN D 130 -6.85 20.90 -42.55
C ASN D 130 -5.80 21.58 -41.68
N MET D 131 -4.56 21.59 -42.16
CA MET D 131 -3.48 22.24 -41.39
C MET D 131 -3.68 23.76 -41.32
N LYS D 132 -4.06 24.37 -42.44
CA LYS D 132 -4.22 25.84 -42.55
C LYS D 132 -5.32 26.29 -41.58
N ASP D 133 -6.51 25.69 -41.71
CA ASP D 133 -7.62 26.07 -40.85
C ASP D 133 -7.37 25.61 -39.42
N GLY D 134 -6.83 24.40 -39.25
CA GLY D 134 -6.54 23.85 -37.92
C GLY D 134 -5.62 24.73 -37.09
N LEU D 135 -4.51 25.13 -37.71
CA LEU D 135 -3.56 26.02 -37.05
C LEU D 135 -4.24 27.36 -36.73
N GLN D 136 -4.96 27.93 -37.69
CA GLN D 136 -5.64 29.24 -37.44
C GLN D 136 -6.65 29.15 -36.28
N ASN D 137 -7.46 28.10 -36.33
CA ASN D 137 -8.54 27.86 -35.37
C ASN D 137 -8.03 27.60 -33.98
N CYS D 138 -6.99 26.78 -33.92
CA CYS D 138 -6.39 26.41 -32.65
C CYS D 138 -5.81 27.66 -31.99
N LYS D 139 -5.00 28.39 -32.75
CA LYS D 139 -4.40 29.61 -32.23
C LYS D 139 -5.43 30.62 -31.72
N ALA D 140 -6.47 30.88 -32.50
CA ALA D 140 -7.50 31.86 -32.10
C ALA D 140 -8.27 31.41 -30.89
N THR D 141 -8.58 30.13 -30.83
CA THR D 141 -9.56 29.63 -29.86
C THR D 141 -8.93 29.32 -28.49
N TYR D 142 -7.77 28.67 -28.52
CA TYR D 142 -7.09 28.21 -27.29
C TYR D 142 -5.89 29.07 -26.94
N LYS D 143 -5.56 30.05 -27.76
CA LYS D 143 -4.46 31.00 -27.49
C LYS D 143 -3.16 30.42 -26.90
N PRO D 144 -2.68 29.30 -27.48
CA PRO D 144 -1.34 28.85 -27.14
C PRO D 144 -0.26 29.83 -27.65
N ASP D 145 0.91 29.81 -27.00
CA ASP D 145 2.09 30.49 -27.54
C ASP D 145 2.93 29.64 -28.52
N MET D 146 2.66 28.34 -28.58
CA MET D 146 3.35 27.42 -29.46
C MET D 146 2.38 26.30 -29.77
N ILE D 147 2.43 25.78 -30.98
CA ILE D 147 1.65 24.60 -31.38
C ILE D 147 2.66 23.57 -31.82
N ALA D 148 2.65 22.39 -31.18
CA ALA D 148 3.62 21.34 -31.46
C ALA D 148 2.91 20.22 -32.21
N VAL D 149 3.33 20.01 -33.47
CA VAL D 149 2.58 19.19 -34.41
C VAL D 149 3.20 17.82 -34.58
N SER D 150 2.35 16.81 -34.43
CA SER D 150 2.69 15.39 -34.67
C SER D 150 1.67 14.80 -35.66
N THR D 151 1.73 13.49 -35.94
CA THR D 151 0.83 12.92 -36.94
C THR D 151 0.18 11.64 -36.48
N THR D 152 -0.98 11.38 -37.06
CA THR D 152 -1.64 10.07 -36.93
C THR D 152 -1.31 9.22 -38.16
N CYS D 153 -1.66 7.95 -38.09
CA CYS D 153 -1.17 7.03 -39.08
C CYS D 153 -1.78 7.30 -40.47
N MET D 154 -3.00 7.81 -40.52
N MET D 154 -3.00 7.80 -40.57
CA MET D 154 -3.61 8.19 -41.80
CA MET D 154 -3.54 8.09 -41.91
C MET D 154 -2.74 9.20 -42.54
C MET D 154 -2.76 9.22 -42.58
N ALA D 155 -2.32 10.22 -41.81
CA ALA D 155 -1.51 11.29 -42.38
C ALA D 155 -0.16 10.76 -42.87
N GLU D 156 0.41 9.81 -42.13
CA GLU D 156 1.66 9.16 -42.55
C GLU D 156 1.49 8.30 -43.80
N VAL D 157 0.43 7.49 -43.84
CA VAL D 157 0.21 6.63 -44.98
C VAL D 157 -0.06 7.45 -46.24
N ILE D 158 -0.86 8.53 -46.15
CA ILE D 158 -1.09 9.30 -47.37
C ILE D 158 0.09 10.19 -47.73
N GLY D 159 1.02 10.33 -46.79
CA GLY D 159 2.29 11.00 -47.08
C GLY D 159 2.34 12.53 -46.94
N ASP D 160 1.53 13.11 -46.09
CA ASP D 160 1.47 14.56 -45.97
C ASP D 160 2.83 15.11 -45.51
N ASP D 161 3.30 16.15 -46.18
CA ASP D 161 4.58 16.79 -45.82
C ASP D 161 4.33 17.90 -44.79
N LEU D 162 4.55 17.57 -43.52
CA LEU D 162 4.28 18.51 -42.44
C LEU D 162 5.00 19.82 -42.65
N ASN D 163 6.30 19.72 -42.93
CA ASN D 163 7.10 20.91 -43.13
C ASN D 163 6.48 21.82 -44.18
N ALA D 164 6.14 21.24 -45.34
CA ALA D 164 5.62 22.07 -46.43
C ALA D 164 4.27 22.65 -46.07
N PHE D 165 3.42 21.85 -45.42
CA PHE D 165 2.08 22.29 -45.02
C PHE D 165 2.12 23.44 -44.02
N ILE D 166 3.04 23.37 -43.06
CA ILE D 166 3.18 24.41 -42.07
C ILE D 166 3.76 25.66 -42.72
N ASN D 167 4.76 25.49 -43.57
CA ASN D 167 5.32 26.62 -44.31
C ASN D 167 4.25 27.34 -45.13
N ASN D 168 3.40 26.55 -45.79
CA ASN D 168 2.33 27.14 -46.62
C ASN D 168 1.25 27.80 -45.81
N SER D 169 1.06 27.29 -44.60
CA SER D 169 0.13 27.90 -43.66
C SER D 169 0.59 29.30 -43.28
N LYS D 170 1.89 29.42 -43.01
CA LYS D 170 2.50 30.72 -42.73
C LYS D 170 2.50 31.64 -43.96
N LYS D 171 2.89 31.10 -45.12
CA LYS D 171 2.94 31.87 -46.37
C LYS D 171 1.58 32.51 -46.67
N GLU D 172 0.50 31.76 -46.49
CA GLU D 172 -0.84 32.24 -46.85
C GLU D 172 -1.56 32.93 -45.67
N GLY D 173 -0.84 33.18 -44.58
CA GLY D 173 -1.36 34.03 -43.50
C GLY D 173 -2.27 33.37 -42.48
N PHE D 174 -2.35 32.04 -42.45
CA PHE D 174 -3.18 31.37 -41.45
C PHE D 174 -2.68 31.46 -40.01
N ILE D 175 -1.37 31.55 -39.84
CA ILE D 175 -0.73 31.88 -38.55
C ILE D 175 0.49 32.75 -38.84
N PRO D 176 0.93 33.55 -37.85
CA PRO D 176 2.00 34.48 -38.16
C PRO D 176 3.31 33.74 -38.47
N ASP D 177 4.16 34.35 -39.30
CA ASP D 177 5.43 33.74 -39.65
C ASP D 177 6.26 33.41 -38.41
N GLU D 178 6.23 34.28 -37.41
CA GLU D 178 7.08 34.10 -36.24
C GLU D 178 6.49 33.15 -35.21
N PHE D 179 5.26 32.71 -35.41
CA PHE D 179 4.61 31.88 -34.43
C PHE D 179 5.23 30.48 -34.44
N PRO D 180 5.69 29.97 -33.29
CA PRO D 180 6.40 28.69 -33.31
C PRO D 180 5.51 27.49 -33.56
N VAL D 181 5.84 26.74 -34.61
CA VAL D 181 5.15 25.51 -34.98
C VAL D 181 6.18 24.40 -35.27
N PRO D 182 6.85 23.92 -34.21
CA PRO D 182 7.73 22.78 -34.40
C PRO D 182 6.90 21.55 -34.73
N PHE D 183 7.52 20.59 -35.41
CA PHE D 183 6.79 19.41 -35.89
C PHE D 183 7.66 18.16 -35.87
N ALA D 184 6.98 17.03 -35.89
CA ALA D 184 7.60 15.76 -36.08
C ALA D 184 6.62 14.75 -36.68
N HIS D 185 7.12 13.99 -37.61
CA HIS D 185 6.44 12.81 -38.11
C HIS D 185 6.48 11.69 -37.07
N THR D 186 5.31 11.12 -36.75
CA THR D 186 5.17 10.17 -35.68
C THR D 186 4.33 8.96 -36.09
N PRO D 187 4.89 8.12 -36.99
CA PRO D 187 4.14 6.97 -37.48
C PRO D 187 3.93 5.88 -36.40
N SER D 188 2.67 5.52 -36.16
CA SER D 188 2.32 4.52 -35.14
C SER D 188 2.83 3.12 -35.40
N PHE D 189 3.17 2.87 -36.66
CA PHE D 189 3.67 1.56 -37.11
C PHE D 189 5.20 1.48 -37.06
N VAL D 190 5.87 2.47 -36.47
CA VAL D 190 7.28 2.38 -36.16
C VAL D 190 7.46 2.57 -34.67
N GLY D 191 8.29 1.71 -34.06
CA GLY D 191 8.58 1.78 -32.65
C GLY D 191 7.34 1.84 -31.77
N SER D 192 7.31 2.81 -30.86
CA SER D 192 6.22 2.89 -29.87
C SER D 192 6.06 4.33 -29.39
N HIS D 193 5.21 4.50 -28.39
CA HIS D 193 5.01 5.83 -27.79
C HIS D 193 6.31 6.54 -27.41
N VAL D 194 7.31 5.80 -26.92
CA VAL D 194 8.56 6.47 -26.55
C VAL D 194 9.32 7.07 -27.75
N THR D 195 9.20 6.41 -28.90
CA THR D 195 9.78 6.89 -30.16
C THR D 195 9.12 8.21 -30.55
N GLY D 196 7.81 8.32 -30.31
CA GLY D 196 7.06 9.54 -30.57
C GLY D 196 7.56 10.70 -29.74
N TRP D 197 7.94 10.39 -28.50
CA TRP D 197 8.50 11.39 -27.59
C TRP D 197 9.85 11.89 -28.16
N ASP D 198 10.76 10.98 -28.51
CA ASP D 198 12.05 11.31 -29.06
C ASP D 198 11.88 12.17 -30.33
N ASN D 199 11.00 11.71 -31.21
CA ASN D 199 10.79 12.44 -32.45
C ASN D 199 10.28 13.84 -32.23
N MET D 200 9.29 13.97 -31.35
CA MET D 200 8.75 15.31 -31.03
C MET D 200 9.81 16.23 -30.40
N PHE D 201 10.53 15.71 -29.41
CA PHE D 201 11.52 16.53 -28.75
C PHE D 201 12.57 16.99 -29.74
N GLU D 202 13.06 16.07 -30.56
CA GLU D 202 14.10 16.41 -31.53
C GLU D 202 13.60 17.51 -32.50
N GLY D 203 12.32 17.43 -32.86
CA GLY D 203 11.68 18.42 -33.75
C GLY D 203 11.63 19.79 -33.09
N ILE D 204 11.29 19.81 -31.80
CA ILE D 204 11.26 21.06 -31.06
C ILE D 204 12.66 21.63 -30.89
N ALA D 205 13.63 20.77 -30.59
CA ALA D 205 15.00 21.23 -30.42
C ALA D 205 15.53 21.81 -31.73
N ARG D 206 15.26 21.12 -32.83
CA ARG D 206 15.69 21.62 -34.14
C ARG D 206 15.02 22.98 -34.46
N TYR D 207 13.71 23.07 -34.23
CA TYR D 207 12.97 24.30 -34.49
C TYR D 207 13.63 25.54 -33.87
N PHE D 208 14.03 25.43 -32.61
CA PHE D 208 14.57 26.57 -31.88
C PHE D 208 16.04 26.81 -32.01
N THR D 209 16.78 25.87 -32.60
CA THR D 209 18.24 25.97 -32.60
C THR D 209 19.02 25.77 -33.89
N LEU D 210 18.46 25.06 -34.87
CA LEU D 210 19.24 24.66 -36.03
C LEU D 210 19.79 25.87 -36.80
N LYS D 211 18.95 26.89 -36.98
CA LYS D 211 19.30 28.02 -37.81
C LYS D 211 20.03 29.13 -37.06
N SER D 212 20.21 29.02 -35.74
CA SER D 212 20.82 30.11 -34.98
C SER D 212 22.06 29.65 -34.25
N MET D 213 22.73 28.64 -34.77
CA MET D 213 23.88 28.06 -34.09
C MET D 213 25.11 28.96 -34.10
N ASP D 214 25.25 29.86 -35.05
CA ASP D 214 26.55 30.52 -35.15
C ASP D 214 26.90 31.44 -33.94
N ASP D 215 25.94 31.87 -33.11
CA ASP D 215 26.29 32.68 -31.93
C ASP D 215 26.46 31.87 -30.64
N LYS D 216 26.35 30.55 -30.73
CA LYS D 216 26.34 29.68 -29.56
C LYS D 216 27.74 29.29 -29.16
N VAL D 217 28.00 29.25 -27.86
CA VAL D 217 29.27 28.81 -27.30
C VAL D 217 28.96 27.80 -26.19
N VAL D 218 29.42 26.55 -26.34
CA VAL D 218 29.14 25.51 -25.36
C VAL D 218 29.67 25.98 -24.03
N GLY D 219 28.84 25.84 -23.00
CA GLY D 219 29.18 26.16 -21.62
C GLY D 219 28.94 27.60 -21.20
N SER D 220 28.65 28.47 -22.16
CA SER D 220 28.53 29.91 -21.86
C SER D 220 27.39 30.28 -20.90
N ASN D 221 26.35 29.45 -20.80
CA ASN D 221 25.29 29.73 -19.81
C ASN D 221 25.47 28.98 -18.51
N LYS D 222 26.46 28.12 -18.46
CA LYS D 222 26.88 27.46 -17.22
C LYS D 222 25.81 26.54 -16.65
N LYS D 223 24.90 26.07 -17.49
CA LYS D 223 23.84 25.21 -17.07
C LYS D 223 24.08 23.85 -17.70
N ILE D 224 23.33 22.87 -17.19
CA ILE D 224 23.22 21.53 -17.79
C ILE D 224 21.78 21.32 -18.26
N ASN D 225 21.59 20.92 -19.52
CA ASN D 225 20.25 20.59 -19.98
C ASN D 225 19.90 19.19 -19.48
N ILE D 226 18.64 18.99 -19.13
CA ILE D 226 18.14 17.69 -18.69
C ILE D 226 16.96 17.35 -19.56
N VAL D 227 17.01 16.20 -20.23
CA VAL D 227 15.91 15.74 -21.10
C VAL D 227 15.32 14.51 -20.43
N PRO D 228 14.05 14.60 -19.99
CA PRO D 228 13.52 13.51 -19.17
C PRO D 228 12.97 12.30 -19.93
N GLY D 229 12.59 12.49 -21.20
CA GLY D 229 11.93 11.45 -21.94
C GLY D 229 10.51 11.27 -21.44
N PHE D 230 9.85 10.22 -21.94
CA PHE D 230 8.47 9.90 -21.64
C PHE D 230 8.38 9.49 -20.18
N GLU D 231 7.67 10.28 -19.37
CA GLU D 231 7.71 10.17 -17.91
C GLU D 231 6.33 10.53 -17.37
N THR D 232 5.77 9.61 -16.61
CA THR D 232 4.39 9.71 -16.15
C THR D 232 4.26 9.67 -14.61
N TYR D 233 5.39 9.82 -13.92
CA TYR D 233 5.42 10.12 -12.47
C TYR D 233 5.82 11.58 -12.23
N LEU D 234 4.90 12.33 -11.62
CA LEU D 234 5.18 13.71 -11.27
C LEU D 234 6.42 13.76 -10.38
N GLY D 235 6.60 12.79 -9.51
CA GLY D 235 7.70 12.84 -8.55
C GLY D 235 9.05 12.78 -9.24
N ASN D 236 9.08 12.25 -10.45
CA ASN D 236 10.34 12.13 -11.19
C ASN D 236 10.82 13.44 -11.77
N PHE D 237 9.92 14.25 -12.33
CA PHE D 237 10.35 15.60 -12.74
C PHE D 237 10.79 16.38 -11.50
N ARG D 238 10.05 16.22 -10.41
CA ARG D 238 10.28 17.01 -9.21
C ARG D 238 11.59 16.65 -8.51
N VAL D 239 11.91 15.35 -8.42
CA VAL D 239 13.11 14.93 -7.68
C VAL D 239 14.37 15.39 -8.39
N ILE D 240 14.37 15.35 -9.71
CA ILE D 240 15.55 15.76 -10.48
C ILE D 240 15.79 17.27 -10.26
N LYS D 241 14.74 18.07 -10.37
CA LYS D 241 14.88 19.51 -10.11
C LYS D 241 15.33 19.76 -8.67
N ARG D 242 14.77 18.99 -7.74
CA ARG D 242 15.10 19.14 -6.33
C ARG D 242 16.59 18.87 -6.08
N MET D 243 17.09 17.77 -6.65
N MET D 243 17.09 17.78 -6.65
CA MET D 243 18.47 17.35 -6.40
CA MET D 243 18.46 17.34 -6.40
C MET D 243 19.42 18.34 -7.00
C MET D 243 19.42 18.34 -7.00
N LEU D 244 19.12 18.79 -8.22
CA LEU D 244 20.01 19.74 -8.88
C LEU D 244 20.03 21.08 -8.15
N SER D 245 18.87 21.55 -7.67
CA SER D 245 18.82 22.81 -6.92
C SER D 245 19.59 22.71 -5.61
N GLU D 246 19.45 21.58 -4.90
N GLU D 246 19.51 21.58 -4.94
CA GLU D 246 20.18 21.36 -3.64
CA GLU D 246 20.21 21.48 -3.68
C GLU D 246 21.68 21.35 -3.83
C GLU D 246 21.71 21.34 -3.87
N MET D 247 22.10 20.99 -5.04
N MET D 247 22.14 20.93 -5.06
CA MET D 247 23.48 20.87 -5.40
CA MET D 247 23.57 20.86 -5.38
C MET D 247 24.04 22.19 -5.91
C MET D 247 24.07 22.21 -5.92
N GLY D 248 23.16 23.16 -6.09
CA GLY D 248 23.53 24.45 -6.61
C GLY D 248 23.91 24.45 -8.09
N VAL D 249 23.31 23.53 -8.87
CA VAL D 249 23.66 23.29 -10.27
C VAL D 249 22.66 23.99 -11.14
N GLY D 250 23.15 24.83 -12.05
CA GLY D 250 22.30 25.51 -12.99
C GLY D 250 21.81 24.47 -13.98
N TYR D 251 20.52 24.46 -14.26
CA TYR D 251 19.96 23.45 -15.17
C TYR D 251 18.77 23.99 -15.93
N SER D 252 18.45 23.34 -17.06
CA SER D 252 17.20 23.55 -17.79
C SER D 252 16.56 22.18 -18.03
N LEU D 253 15.38 21.96 -17.45
CA LEU D 253 14.62 20.74 -17.70
C LEU D 253 13.80 20.99 -18.96
N LEU D 254 14.14 20.24 -20.00
CA LEU D 254 13.56 20.43 -21.33
C LEU D 254 12.45 19.40 -21.57
N SER D 255 11.21 19.92 -21.57
CA SER D 255 9.90 19.20 -21.49
C SER D 255 9.62 18.91 -20.03
N ASP D 256 8.82 19.76 -19.41
CA ASP D 256 8.54 19.70 -17.99
C ASP D 256 7.03 19.93 -17.78
N PRO D 257 6.24 18.86 -17.79
CA PRO D 257 4.80 18.97 -17.67
C PRO D 257 4.31 18.92 -16.23
N GLU D 258 5.19 19.03 -15.23
CA GLU D 258 4.68 18.73 -13.89
C GLU D 258 3.65 19.72 -13.41
N GLU D 259 3.72 20.99 -13.81
CA GLU D 259 2.68 21.91 -13.42
C GLU D 259 1.33 21.67 -14.13
N VAL D 260 1.36 21.42 -15.44
CA VAL D 260 0.12 21.30 -16.23
C VAL D 260 -0.59 19.97 -15.93
N LEU D 261 0.15 19.01 -15.39
CA LEU D 261 -0.41 17.74 -14.96
C LEU D 261 -0.74 17.70 -13.45
N ASP D 262 -0.79 18.87 -12.80
CA ASP D 262 -1.06 18.94 -11.36
C ASP D 262 -1.53 20.33 -10.95
N THR D 263 -2.50 20.85 -11.69
CA THR D 263 -3.07 22.15 -11.32
C THR D 263 -3.99 22.04 -10.10
N PRO D 264 -4.04 23.11 -9.29
CA PRO D 264 -4.95 23.07 -8.14
C PRO D 264 -6.42 23.18 -8.50
N ALA D 265 -7.28 22.58 -7.68
CA ALA D 265 -8.73 22.72 -7.80
C ALA D 265 -9.15 23.91 -6.95
N ASP D 266 -9.08 25.08 -7.55
CA ASP D 266 -9.29 26.35 -6.83
C ASP D 266 -10.39 27.24 -7.45
N GLY D 267 -11.19 26.66 -8.32
CA GLY D 267 -12.31 27.36 -8.93
C GLY D 267 -12.07 27.83 -10.35
N GLN D 268 -10.86 27.62 -10.86
CA GLN D 268 -10.62 27.83 -12.28
C GLN D 268 -9.87 26.72 -12.93
N PHE D 269 -10.15 26.57 -14.21
CA PHE D 269 -9.46 25.64 -15.09
C PHE D 269 -8.32 26.38 -15.76
N ARG D 270 -7.16 25.77 -15.68
CA ARG D 270 -5.93 26.33 -16.31
C ARG D 270 -5.49 25.42 -17.43
N MET D 271 -5.74 25.82 -18.67
CA MET D 271 -5.42 24.95 -19.78
C MET D 271 -3.91 24.69 -19.87
N TYR D 272 -3.13 25.72 -19.53
CA TYR D 272 -1.67 25.68 -19.53
C TYR D 272 -1.16 26.06 -18.16
N ALA D 273 -0.04 25.47 -17.75
CA ALA D 273 0.64 25.85 -16.54
C ALA D 273 2.13 25.46 -16.62
N GLY D 274 3.01 26.36 -16.21
CA GLY D 274 4.43 26.05 -16.15
C GLY D 274 5.04 25.67 -17.49
N GLY D 275 5.94 24.69 -17.48
CA GLY D 275 6.57 24.20 -18.70
C GLY D 275 7.88 24.85 -19.05
N THR D 276 8.64 24.14 -19.87
CA THR D 276 9.85 24.68 -20.42
C THR D 276 9.57 25.90 -21.28
N THR D 277 10.31 26.99 -21.09
CA THR D 277 10.11 28.18 -21.93
C THR D 277 10.80 28.13 -23.30
N GLN D 278 10.28 28.90 -24.24
CA GLN D 278 10.95 29.03 -25.54
C GLN D 278 12.38 29.55 -25.37
N GLU D 279 12.57 30.44 -24.41
N GLU D 279 12.58 30.43 -24.40
CA GLU D 279 13.85 31.03 -24.20
CA GLU D 279 13.90 31.00 -24.20
C GLU D 279 14.83 29.94 -23.71
C GLU D 279 14.85 29.94 -23.70
N GLU D 280 14.35 29.00 -22.90
CA GLU D 280 15.18 27.85 -22.49
C GLU D 280 15.59 26.96 -23.66
N MET D 281 14.69 26.74 -24.61
CA MET D 281 15.07 25.95 -25.78
C MET D 281 16.05 26.68 -26.68
N LYS D 282 15.81 27.97 -26.90
CA LYS D 282 16.70 28.78 -27.73
C LYS D 282 18.11 28.87 -27.16
N ASP D 283 18.23 28.95 -25.84
CA ASP D 283 19.51 29.09 -25.15
C ASP D 283 20.19 27.75 -24.85
N ALA D 284 19.49 26.64 -25.05
CA ALA D 284 20.03 25.34 -24.70
C ALA D 284 21.40 24.98 -25.29
N PRO D 285 21.70 25.41 -26.53
CA PRO D 285 23.05 25.09 -27.01
C PRO D 285 24.18 25.73 -26.22
N ASN D 286 23.87 26.78 -25.46
CA ASN D 286 24.88 27.43 -24.59
C ASN D 286 25.17 26.67 -23.29
N ALA D 287 24.44 25.59 -23.04
CA ALA D 287 24.69 24.75 -21.86
C ALA D 287 26.08 24.11 -21.87
N LEU D 288 26.55 23.70 -20.70
CA LEU D 288 27.80 22.93 -20.62
C LEU D 288 27.69 21.60 -21.33
N ASN D 289 26.51 20.98 -21.21
CA ASN D 289 26.28 19.65 -21.74
C ASN D 289 24.78 19.37 -21.59
N THR D 290 24.35 18.20 -22.07
CA THR D 290 22.97 17.74 -22.05
C THR D 290 22.98 16.32 -21.51
N VAL D 291 22.20 16.10 -20.47
CA VAL D 291 22.04 14.78 -19.88
C VAL D 291 20.67 14.22 -20.24
N LEU D 292 20.68 12.97 -20.73
CA LEU D 292 19.47 12.24 -21.13
C LEU D 292 19.10 11.27 -20.02
N LEU D 293 17.94 11.47 -19.39
CA LEU D 293 17.55 10.65 -18.26
C LEU D 293 17.14 9.26 -18.70
N GLN D 294 16.67 9.14 -19.94
CA GLN D 294 16.16 7.86 -20.46
C GLN D 294 16.74 7.65 -21.86
N PRO D 295 18.05 7.34 -21.89
CA PRO D 295 18.76 7.33 -23.16
C PRO D 295 18.27 6.28 -24.17
N TRP D 296 17.66 5.19 -23.70
CA TRP D 296 17.27 4.17 -24.64
C TRP D 296 16.08 4.54 -25.47
N HIS D 297 15.38 5.62 -25.13
CA HIS D 297 14.43 6.14 -26.12
C HIS D 297 14.70 7.60 -26.53
N LEU D 298 15.96 8.06 -26.42
CA LEU D 298 16.31 9.42 -26.82
C LEU D 298 17.47 9.39 -27.81
N GLU D 299 17.52 8.36 -28.64
CA GLU D 299 18.64 8.21 -29.58
C GLU D 299 18.65 9.26 -30.67
N LYS D 300 17.48 9.64 -31.20
CA LYS D 300 17.45 10.68 -32.21
C LYS D 300 17.81 12.05 -31.61
N THR D 301 17.23 12.36 -30.46
CA THR D 301 17.63 13.51 -29.71
C THR D 301 19.16 13.57 -29.46
N LYS D 302 19.73 12.46 -29.02
CA LYS D 302 21.14 12.41 -28.74
C LYS D 302 21.97 12.80 -29.97
N LYS D 303 21.62 12.25 -31.14
CA LYS D 303 22.36 12.56 -32.38
C LYS D 303 22.28 14.03 -32.73
N PHE D 304 21.13 14.66 -32.46
CA PHE D 304 20.99 16.09 -32.75
C PHE D 304 21.81 16.94 -31.78
N VAL D 305 21.75 16.59 -30.49
CA VAL D 305 22.45 17.33 -29.46
C VAL D 305 23.94 17.22 -29.67
N GLU D 306 24.41 16.01 -29.98
N GLU D 306 24.38 16.02 -30.01
CA GLU D 306 25.83 15.79 -30.26
CA GLU D 306 25.78 15.82 -30.29
C GLU D 306 26.28 16.44 -31.57
C GLU D 306 26.24 16.48 -31.57
N GLY D 307 25.52 16.25 -32.66
CA GLY D 307 25.93 16.67 -33.99
C GLY D 307 25.78 18.15 -34.23
N THR D 308 24.75 18.74 -33.62
CA THR D 308 24.44 20.14 -33.86
C THR D 308 24.81 21.00 -32.66
N TRP D 309 24.46 20.61 -31.44
CA TRP D 309 24.87 21.44 -30.28
C TRP D 309 26.33 21.24 -29.86
N LYS D 310 26.95 20.17 -30.32
CA LYS D 310 28.33 19.83 -30.00
C LYS D 310 28.49 19.56 -28.51
N HIS D 311 27.44 19.01 -27.88
CA HIS D 311 27.52 18.61 -26.48
C HIS D 311 28.02 17.19 -26.39
N GLU D 312 28.91 16.92 -25.46
CA GLU D 312 29.47 15.57 -25.31
C GLU D 312 28.61 14.76 -24.34
N VAL D 313 27.45 14.31 -24.81
CA VAL D 313 26.41 13.75 -23.96
C VAL D 313 27.02 12.58 -23.18
N PRO D 314 26.98 12.62 -21.83
CA PRO D 314 27.60 11.51 -21.09
C PRO D 314 26.83 10.19 -21.17
N LYS D 315 27.57 9.08 -21.04
CA LYS D 315 27.01 7.73 -21.09
C LYS D 315 26.59 7.46 -19.65
N LEU D 316 25.33 7.75 -19.39
CA LEU D 316 24.70 7.56 -18.09
C LEU D 316 23.45 6.75 -18.26
N ASN D 317 23.28 5.81 -17.34
CA ASN D 317 22.03 5.11 -17.23
C ASN D 317 21.01 6.01 -16.55
N ILE D 318 19.75 5.64 -16.71
CA ILE D 318 18.66 6.28 -15.98
C ILE D 318 19.05 6.35 -14.49
N PRO D 319 18.75 7.46 -13.81
CA PRO D 319 19.19 7.52 -12.40
C PRO D 319 18.19 6.81 -11.49
N MET D 320 18.26 5.48 -11.48
CA MET D 320 17.39 4.59 -10.67
C MET D 320 18.28 3.68 -9.86
N GLY D 321 17.90 3.46 -8.60
CA GLY D 321 18.67 2.65 -7.69
C GLY D 321 19.86 3.42 -7.16
N LEU D 322 20.67 2.71 -6.38
CA LEU D 322 21.78 3.33 -5.69
C LEU D 322 22.94 3.66 -6.60
N ASP D 323 23.49 2.68 -7.31
CA ASP D 323 24.69 2.95 -8.11
C ASP D 323 24.45 4.00 -9.21
N TRP D 324 23.30 3.91 -9.85
CA TRP D 324 23.07 4.79 -10.99
C TRP D 324 22.69 6.19 -10.57
N THR D 325 22.13 6.33 -9.36
CA THR D 325 21.93 7.68 -8.81
C THR D 325 23.29 8.28 -8.44
N ASP D 326 24.15 7.46 -7.84
CA ASP D 326 25.49 7.89 -7.48
C ASP D 326 26.22 8.38 -8.75
N GLU D 327 26.14 7.58 -9.81
CA GLU D 327 26.85 7.92 -11.05
C GLU D 327 26.33 9.23 -11.68
N PHE D 328 25.03 9.43 -11.65
CA PHE D 328 24.40 10.62 -12.18
C PHE D 328 24.90 11.84 -11.41
N LEU D 329 24.94 11.72 -10.09
CA LEU D 329 25.37 12.85 -9.26
C LEU D 329 26.85 13.13 -9.44
N MET D 330 27.66 12.08 -9.53
CA MET D 330 29.08 12.28 -9.77
C MET D 330 29.35 12.93 -11.13
N LYS D 331 28.62 12.54 -12.16
CA LYS D 331 28.81 13.18 -13.46
C LYS D 331 28.35 14.63 -13.51
N VAL D 332 27.21 14.93 -12.88
CA VAL D 332 26.70 16.28 -12.77
C VAL D 332 27.71 17.11 -11.97
N SER D 333 28.33 16.51 -10.97
CA SER D 333 29.36 17.23 -10.22
C SER D 333 30.55 17.60 -11.11
N GLU D 334 30.97 16.64 -11.92
CA GLU D 334 32.08 16.81 -12.83
C GLU D 334 31.79 17.91 -13.82
N ILE D 335 30.61 17.87 -14.42
CA ILE D 335 30.29 18.82 -15.48
C ILE D 335 30.11 20.24 -14.94
N SER D 336 29.42 20.35 -13.79
CA SER D 336 29.07 21.63 -13.20
C SER D 336 30.17 22.23 -12.34
N GLY D 337 31.05 21.41 -11.80
CA GLY D 337 32.02 21.90 -10.83
C GLY D 337 31.45 21.99 -9.43
N GLN D 338 30.19 21.60 -9.24
CA GLN D 338 29.55 21.68 -7.93
C GLN D 338 29.80 20.41 -7.15
N PRO D 339 30.23 20.54 -5.89
CA PRO D 339 30.36 19.33 -5.07
C PRO D 339 28.99 18.75 -4.72
N ILE D 340 28.93 17.44 -4.53
CA ILE D 340 27.71 16.85 -4.02
C ILE D 340 27.52 17.30 -2.55
N PRO D 341 26.37 17.90 -2.22
CA PRO D 341 26.15 18.52 -0.94
C PRO D 341 25.87 17.50 0.16
N ALA D 342 26.12 17.92 1.39
CA ALA D 342 25.83 17.12 2.57
C ALA D 342 24.39 16.55 2.59
N SER D 343 23.42 17.28 2.05
CA SER D 343 22.02 16.84 2.11
C SER D 343 21.83 15.56 1.29
N LEU D 344 22.44 15.53 0.12
CA LEU D 344 22.36 14.35 -0.75
C LEU D 344 23.17 13.17 -0.23
N THR D 345 24.35 13.42 0.33
CA THR D 345 25.10 12.36 0.99
C THR D 345 24.29 11.67 2.11
N LYS D 346 23.60 12.49 2.91
CA LYS D 346 22.80 11.97 3.99
C LYS D 346 21.62 11.20 3.44
N GLU D 347 20.98 11.74 2.41
CA GLU D 347 19.84 11.04 1.79
C GLU D 347 20.24 9.66 1.30
N ARG D 348 21.39 9.59 0.63
CA ARG D 348 21.92 8.32 0.18
C ARG D 348 22.06 7.32 1.32
N GLY D 349 22.66 7.79 2.42
CA GLY D 349 22.89 6.94 3.59
C GLY D 349 21.62 6.50 4.26
N ARG D 350 20.56 7.32 4.12
CA ARG D 350 19.25 6.91 4.65
C ARG D 350 18.64 5.82 3.78
N LEU D 351 18.81 5.93 2.46
CA LEU D 351 18.43 4.81 1.59
C LEU D 351 19.20 3.54 1.97
N VAL D 352 20.51 3.66 2.15
CA VAL D 352 21.30 2.50 2.51
C VAL D 352 20.81 1.93 3.85
N ASP D 353 20.46 2.80 4.78
CA ASP D 353 19.94 2.33 6.05
C ASP D 353 18.68 1.50 5.84
N MET D 354 17.81 1.99 4.98
CA MET D 354 16.57 1.27 4.69
C MET D 354 16.84 -0.09 4.06
N MET D 355 17.83 -0.17 3.19
CA MET D 355 18.24 -1.42 2.59
C MET D 355 18.72 -2.40 3.65
N THR D 356 19.55 -1.93 4.58
CA THR D 356 20.02 -2.79 5.65
C THR D 356 18.85 -3.29 6.53
N ASP D 357 17.89 -2.41 6.80
CA ASP D 357 16.76 -2.75 7.67
C ASP D 357 15.80 -3.76 7.05
N SER D 358 15.64 -3.70 5.72
CA SER D 358 14.67 -4.51 4.99
C SER D 358 15.22 -5.69 4.21
N HIS D 359 16.54 -5.88 4.22
CA HIS D 359 17.15 -6.86 3.34
C HIS D 359 16.69 -8.30 3.54
N THR D 360 16.35 -8.67 4.78
CA THR D 360 16.01 -10.07 5.04
C THR D 360 14.70 -10.46 4.41
N TRP D 361 13.75 -9.53 4.29
CA TRP D 361 12.50 -9.86 3.61
C TRP D 361 12.60 -9.77 2.09
N LEU D 362 13.50 -8.94 1.59
CA LEU D 362 13.71 -8.80 0.14
C LEU D 362 14.51 -9.96 -0.46
N HIS D 363 15.42 -10.52 0.34
CA HIS D 363 16.39 -11.47 -0.18
C HIS D 363 15.76 -12.64 -0.92
N GLY D 364 16.22 -12.84 -2.16
CA GLY D 364 15.78 -13.95 -2.97
C GLY D 364 14.39 -13.86 -3.55
N LYS D 365 13.67 -12.78 -3.28
CA LYS D 365 12.33 -12.67 -3.82
C LYS D 365 12.40 -12.54 -5.34
N ARG D 366 11.47 -13.24 -5.99
CA ARG D 366 11.44 -13.41 -7.44
C ARG D 366 10.35 -12.56 -8.06
N PHE D 367 10.72 -11.76 -9.08
CA PHE D 367 9.80 -10.84 -9.74
C PHE D 367 9.70 -11.04 -11.23
N ALA D 368 8.47 -10.94 -11.71
CA ALA D 368 8.22 -10.65 -13.12
C ALA D 368 7.94 -9.17 -13.25
N LEU D 369 8.38 -8.53 -14.33
CA LEU D 369 8.22 -7.11 -14.48
C LEU D 369 8.22 -6.69 -15.94
N TRP D 370 7.62 -5.53 -16.19
CA TRP D 370 7.56 -4.96 -17.53
C TRP D 370 7.45 -3.45 -17.52
N GLY D 371 7.55 -2.86 -18.72
CA GLY D 371 7.51 -1.42 -18.89
C GLY D 371 8.39 -0.99 -20.03
N ASP D 372 8.72 0.29 -20.03
CA ASP D 372 9.56 0.86 -21.07
C ASP D 372 11.02 0.54 -20.76
N PRO D 373 11.89 0.60 -21.78
CA PRO D 373 13.24 0.06 -21.62
C PRO D 373 14.10 0.64 -20.48
N ASP D 374 14.17 1.97 -20.39
CA ASP D 374 14.95 2.57 -19.33
C ASP D 374 14.36 2.26 -17.96
N PHE D 375 13.04 2.41 -17.80
CA PHE D 375 12.37 2.07 -16.54
C PHE D 375 12.67 0.63 -16.15
N VAL D 376 12.55 -0.29 -17.11
CA VAL D 376 12.75 -1.72 -16.84
C VAL D 376 14.19 -1.98 -16.41
N MET D 377 15.16 -1.41 -17.12
CA MET D 377 16.54 -1.70 -16.75
C MET D 377 16.91 -1.11 -15.38
N GLY D 378 16.35 0.06 -15.04
CA GLY D 378 16.59 0.67 -13.73
C GLY D 378 16.01 -0.14 -12.62
N LEU D 379 14.80 -0.64 -12.88
CA LEU D 379 14.14 -1.51 -11.93
C LEU D 379 14.92 -2.81 -11.72
N VAL D 380 15.41 -3.41 -12.82
CA VAL D 380 16.26 -4.61 -12.73
C VAL D 380 17.50 -4.33 -11.86
N LYS D 381 18.19 -3.23 -12.13
CA LYS D 381 19.38 -2.87 -11.40
C LYS D 381 19.11 -2.71 -9.92
N PHE D 382 18.07 -1.96 -9.56
CA PHE D 382 17.73 -1.77 -8.16
C PHE D 382 17.34 -3.08 -7.52
N LEU D 383 16.59 -3.91 -8.21
CA LEU D 383 16.24 -5.22 -7.67
C LEU D 383 17.49 -6.03 -7.35
N LEU D 384 18.48 -6.02 -8.23
CA LEU D 384 19.74 -6.72 -7.92
C LEU D 384 20.44 -6.12 -6.68
N GLU D 385 20.40 -4.80 -6.56
CA GLU D 385 21.01 -4.14 -5.42
C GLU D 385 20.33 -4.55 -4.11
N LEU D 386 19.03 -4.86 -4.20
CA LEU D 386 18.25 -5.33 -3.05
C LEU D 386 18.40 -6.82 -2.74
N GLY D 387 19.21 -7.54 -3.53
CA GLY D 387 19.30 -8.99 -3.41
C GLY D 387 18.04 -9.71 -3.83
N CYS D 388 17.30 -9.13 -4.78
CA CYS D 388 16.13 -9.76 -5.38
C CYS D 388 16.50 -10.36 -6.73
N GLU D 389 15.66 -11.29 -7.21
CA GLU D 389 15.88 -11.95 -8.49
C GLU D 389 14.82 -11.56 -9.52
N PRO D 390 15.20 -10.71 -10.50
CA PRO D 390 14.26 -10.28 -11.55
C PRO D 390 14.14 -11.30 -12.67
N VAL D 391 13.38 -12.38 -12.43
CA VAL D 391 13.46 -13.59 -13.26
C VAL D 391 12.83 -13.46 -14.65
N HIS D 392 11.72 -12.73 -14.75
CA HIS D 392 11.07 -12.49 -16.04
C HIS D 392 11.06 -11.00 -16.31
N ILE D 393 11.86 -10.58 -17.28
CA ILE D 393 12.05 -9.18 -17.62
C ILE D 393 11.48 -8.95 -19.01
N LEU D 394 10.34 -8.27 -19.09
CA LEU D 394 9.62 -8.15 -20.35
C LEU D 394 9.58 -6.70 -20.78
N CYS D 395 10.06 -6.44 -21.99
CA CYS D 395 10.00 -5.10 -22.54
C CYS D 395 9.54 -5.24 -23.97
N HIS D 396 8.24 -5.07 -24.15
CA HIS D 396 7.61 -5.30 -25.46
C HIS D 396 8.26 -4.42 -26.54
N ASN D 397 8.50 -3.18 -26.17
CA ASN D 397 9.13 -2.23 -27.08
C ASN D 397 10.66 -2.12 -26.98
N GLY D 398 11.32 -3.14 -26.45
CA GLY D 398 12.77 -3.12 -26.34
C GLY D 398 13.43 -3.58 -27.61
N ASN D 399 14.72 -3.37 -27.71
CA ASN D 399 15.47 -3.77 -28.88
C ASN D 399 16.64 -4.66 -28.50
N LYS D 400 17.29 -5.24 -29.50
CA LYS D 400 18.40 -6.15 -29.30
C LYS D 400 19.58 -5.54 -28.56
N ARG D 401 19.93 -4.29 -28.89
CA ARG D 401 21.06 -3.63 -28.24
C ARG D 401 20.74 -3.42 -26.77
N TRP D 402 19.51 -3.03 -26.50
CA TRP D 402 19.08 -2.87 -25.10
C TRP D 402 19.09 -4.22 -24.35
N LYS D 403 18.60 -5.27 -24.97
CA LYS D 403 18.63 -6.58 -24.34
C LYS D 403 20.05 -6.98 -23.98
N LYS D 404 21.00 -6.72 -24.88
CA LYS D 404 22.37 -7.07 -24.60
C LYS D 404 22.86 -6.33 -23.37
N ALA D 405 22.51 -5.06 -23.28
CA ALA D 405 22.88 -4.24 -22.11
C ALA D 405 22.30 -4.81 -20.83
N VAL D 406 21.04 -5.18 -20.87
CA VAL D 406 20.43 -5.76 -19.66
C VAL D 406 21.03 -7.14 -19.30
N ASP D 407 21.24 -7.99 -20.30
CA ASP D 407 21.90 -9.26 -20.07
C ASP D 407 23.26 -9.03 -19.40
N ALA D 408 23.96 -7.98 -19.76
CA ALA D 408 25.26 -7.68 -19.11
C ALA D 408 25.13 -7.25 -17.62
N ILE D 409 24.09 -6.49 -17.36
CA ILE D 409 23.81 -6.08 -16.01
C ILE D 409 23.49 -7.33 -15.18
N LEU D 410 22.73 -8.26 -15.77
CA LEU D 410 22.41 -9.48 -15.04
C LEU D 410 23.67 -10.27 -14.76
N ALA D 411 24.54 -10.38 -15.76
CA ALA D 411 25.80 -11.08 -15.58
C ALA D 411 26.72 -10.49 -14.48
N ALA D 412 26.59 -9.20 -14.16
CA ALA D 412 27.42 -8.59 -13.14
C ALA D 412 27.02 -8.96 -11.70
N SER D 413 25.91 -9.70 -11.52
CA SER D 413 25.37 -10.02 -10.22
C SER D 413 24.95 -11.48 -10.09
N PRO D 414 25.30 -12.12 -8.97
CA PRO D 414 24.72 -13.44 -8.79
C PRO D 414 23.22 -13.49 -8.71
N TYR D 415 22.58 -12.35 -8.44
CA TYR D 415 21.13 -12.31 -8.36
C TYR D 415 20.48 -12.32 -9.73
N GLY D 416 21.28 -12.27 -10.80
CA GLY D 416 20.71 -12.38 -12.13
C GLY D 416 20.76 -13.73 -12.79
N LYS D 417 21.17 -14.76 -12.07
N LYS D 417 21.17 -14.76 -12.07
N LYS D 417 21.17 -14.76 -12.07
CA LYS D 417 21.43 -16.02 -12.71
CA LYS D 417 21.39 -16.07 -12.64
CA LYS D 417 21.37 -16.09 -12.64
C LYS D 417 20.18 -16.74 -13.22
C LYS D 417 20.17 -16.71 -13.24
C LYS D 417 20.16 -16.71 -13.25
N ASN D 418 19.01 -16.43 -12.66
CA ASN D 418 17.79 -17.12 -13.06
C ASN D 418 16.87 -16.23 -13.91
N ALA D 419 17.44 -15.14 -14.45
CA ALA D 419 16.70 -14.10 -15.14
C ALA D 419 16.83 -14.23 -16.66
N THR D 420 15.74 -13.93 -17.35
CA THR D 420 15.71 -13.88 -18.80
C THR D 420 15.01 -12.58 -19.22
N VAL D 421 15.59 -11.95 -20.23
CA VAL D 421 15.05 -10.73 -20.81
C VAL D 421 14.32 -11.05 -22.12
N TYR D 422 13.12 -10.50 -22.25
CA TYR D 422 12.27 -10.75 -23.41
C TYR D 422 11.92 -9.44 -24.10
N ILE D 423 12.11 -9.40 -25.39
CA ILE D 423 11.74 -8.24 -26.18
C ILE D 423 10.77 -8.67 -27.27
N GLY D 424 9.87 -7.77 -27.62
CA GLY D 424 8.87 -8.07 -28.62
C GLY D 424 7.74 -8.96 -28.10
N LYS D 425 7.78 -9.34 -26.82
CA LYS D 425 6.77 -10.22 -26.24
C LYS D 425 5.76 -9.38 -25.46
N ASP D 426 4.55 -9.91 -25.28
CA ASP D 426 3.47 -9.14 -24.69
C ASP D 426 2.99 -9.77 -23.37
N LEU D 427 1.88 -9.28 -22.81
CA LEU D 427 1.43 -9.75 -21.50
C LEU D 427 0.73 -11.08 -21.56
N TRP D 428 0.34 -11.51 -22.74
CA TRP D 428 -0.09 -12.89 -22.86
C TRP D 428 1.10 -13.86 -22.82
N HIS D 429 2.24 -13.47 -23.37
CA HIS D 429 3.49 -14.24 -23.18
C HIS D 429 3.85 -14.22 -21.69
N LEU D 430 3.81 -13.05 -21.06
CA LEU D 430 4.18 -12.95 -19.64
C LEU D 430 3.28 -13.83 -18.75
N ARG D 431 1.99 -13.84 -19.07
CA ARG D 431 1.04 -14.72 -18.38
C ARG D 431 1.52 -16.18 -18.34
N SER D 432 1.98 -16.72 -19.47
CA SER D 432 2.53 -18.07 -19.46
C SER D 432 3.71 -18.19 -18.50
N LEU D 433 4.67 -17.27 -18.58
CA LEU D 433 5.86 -17.35 -17.74
C LEU D 433 5.52 -17.38 -16.26
N VAL D 434 4.53 -16.58 -15.83
CA VAL D 434 4.21 -16.58 -14.40
C VAL D 434 3.44 -17.81 -13.93
N PHE D 435 2.91 -18.58 -14.88
CA PHE D 435 2.40 -19.90 -14.58
C PHE D 435 3.49 -20.97 -14.58
N THR D 436 4.32 -21.01 -15.61
CA THR D 436 5.27 -22.10 -15.77
C THR D 436 6.53 -21.97 -14.87
N ASP D 437 6.91 -20.73 -14.56
CA ASP D 437 8.09 -20.43 -13.71
C ASP D 437 7.65 -19.33 -12.72
N LYS D 438 6.82 -19.74 -11.76
CA LYS D 438 6.07 -18.81 -10.94
C LYS D 438 7.01 -17.94 -10.11
N PRO D 439 6.90 -16.60 -10.23
CA PRO D 439 7.61 -15.72 -9.33
C PRO D 439 6.78 -15.42 -8.09
N ASP D 440 7.33 -14.60 -7.21
CA ASP D 440 6.60 -14.19 -6.02
C ASP D 440 5.61 -13.07 -6.30
N PHE D 441 6.02 -12.13 -7.14
CA PHE D 441 5.24 -10.93 -7.45
C PHE D 441 5.48 -10.49 -8.90
N MET D 442 4.53 -9.73 -9.41
CA MET D 442 4.73 -8.95 -10.63
C MET D 442 4.90 -7.52 -10.23
N ILE D 443 5.78 -6.82 -10.94
CA ILE D 443 5.82 -5.38 -10.88
C ILE D 443 5.45 -4.86 -12.26
N GLY D 444 4.35 -4.11 -12.35
CA GLY D 444 3.78 -3.74 -13.65
C GLY D 444 2.66 -2.73 -13.59
N ASN D 445 2.08 -2.44 -14.73
CA ASN D 445 0.99 -1.49 -14.82
C ASN D 445 -0.37 -2.18 -14.60
N SER D 446 -1.46 -1.43 -14.73
CA SER D 446 -2.77 -1.99 -14.36
C SER D 446 -3.19 -3.18 -15.19
N TYR D 447 -2.65 -3.32 -16.40
CA TYR D 447 -2.95 -4.49 -17.23
C TYR D 447 -2.51 -5.79 -16.57
N GLY D 448 -1.58 -5.70 -15.63
CA GLY D 448 -1.21 -6.82 -14.81
C GLY D 448 -2.30 -7.44 -13.96
N LYS D 449 -3.34 -6.68 -13.65
CA LYS D 449 -4.36 -7.20 -12.76
C LYS D 449 -5.02 -8.44 -13.33
N PHE D 450 -5.13 -8.49 -14.65
CA PHE D 450 -5.78 -9.61 -15.28
C PHE D 450 -4.95 -10.89 -15.26
N ILE D 451 -3.62 -10.74 -15.23
CA ILE D 451 -2.74 -11.87 -15.01
C ILE D 451 -2.89 -12.36 -13.56
N GLN D 452 -2.90 -11.46 -12.59
CA GLN D 452 -3.13 -11.89 -11.19
C GLN D 452 -4.47 -12.69 -11.03
N ARG D 453 -5.51 -12.14 -11.67
N ARG D 453 -5.67 -12.17 -11.29
CA ARG D 453 -6.82 -12.78 -11.71
CA ARG D 453 -6.87 -13.02 -11.53
C ARG D 453 -6.68 -14.21 -12.27
C ARG D 453 -6.56 -14.39 -12.22
N ASP D 454 -5.97 -14.35 -13.40
CA ASP D 454 -5.78 -15.65 -14.03
C ASP D 454 -5.04 -16.61 -13.09
N THR D 455 -3.99 -16.12 -12.43
CA THR D 455 -3.21 -16.98 -11.52
C THR D 455 -4.01 -17.47 -10.32
N LEU D 456 -4.81 -16.59 -9.72
CA LEU D 456 -5.68 -16.98 -8.61
C LEU D 456 -6.67 -18.04 -9.04
N HIS D 457 -7.19 -17.95 -10.26
CA HIS D 457 -8.15 -18.95 -10.73
C HIS D 457 -7.55 -20.38 -10.72
N LYS D 458 -6.25 -20.50 -11.02
N LYS D 458 -6.27 -20.52 -11.05
CA LYS D 458 -5.56 -21.80 -10.91
CA LYS D 458 -5.67 -21.84 -10.92
C LYS D 458 -5.53 -22.29 -9.45
C LYS D 458 -5.70 -22.28 -9.44
N GLY D 459 -5.39 -21.36 -8.53
CA GLY D 459 -5.49 -21.60 -7.10
C GLY D 459 -4.78 -20.51 -6.31
N LYS D 460 -5.16 -20.34 -5.04
CA LYS D 460 -4.50 -19.36 -4.19
C LYS D 460 -2.97 -19.54 -4.14
N GLU D 461 -2.53 -20.79 -4.07
CA GLU D 461 -1.11 -21.10 -3.99
C GLU D 461 -0.34 -20.69 -5.27
N PHE D 462 -1.04 -20.46 -6.38
CA PHE D 462 -0.43 -20.07 -7.64
C PHE D 462 -0.60 -18.58 -7.94
N GLU D 463 -1.38 -17.87 -7.11
CA GLU D 463 -1.59 -16.44 -7.32
C GLU D 463 -0.29 -15.64 -7.22
N VAL D 464 -0.10 -14.76 -8.20
CA VAL D 464 1.03 -13.85 -8.25
C VAL D 464 0.49 -12.43 -8.10
N PRO D 465 0.71 -11.80 -6.93
CA PRO D 465 0.17 -10.46 -6.73
C PRO D 465 0.89 -9.40 -7.56
N LEU D 466 0.12 -8.43 -8.05
CA LEU D 466 0.65 -7.31 -8.79
C LEU D 466 1.01 -6.18 -7.86
N ILE D 467 2.19 -5.63 -8.09
CA ILE D 467 2.69 -4.43 -7.46
C ILE D 467 2.68 -3.39 -8.58
N ARG D 468 1.90 -2.32 -8.40
CA ARG D 468 1.65 -1.37 -9.49
C ARG D 468 2.72 -0.27 -9.57
N ILE D 469 3.65 -0.43 -10.51
CA ILE D 469 4.66 0.56 -10.79
C ILE D 469 4.81 0.58 -12.32
N GLY D 470 4.62 1.75 -12.93
CA GLY D 470 4.72 1.93 -14.37
C GLY D 470 3.60 2.78 -14.92
N PHE D 471 3.20 2.48 -16.13
CA PHE D 471 2.22 3.27 -16.84
C PHE D 471 1.52 2.35 -17.84
N PRO D 472 0.19 2.48 -17.97
CA PRO D 472 -0.72 3.27 -17.14
C PRO D 472 -1.14 2.58 -15.86
N ILE D 473 -1.41 3.39 -14.84
CA ILE D 473 -2.04 2.92 -13.63
C ILE D 473 -3.39 3.63 -13.53
N PHE D 474 -4.45 2.86 -13.75
CA PHE D 474 -5.82 3.35 -13.85
C PHE D 474 -6.76 2.92 -12.73
N ASP D 475 -6.36 1.94 -11.92
CA ASP D 475 -7.26 1.33 -10.95
C ASP D 475 -6.88 1.60 -9.50
N ARG D 476 -5.95 2.55 -9.31
CA ARG D 476 -5.59 3.10 -8.05
C ARG D 476 -5.52 4.59 -8.29
N HIS D 477 -5.65 5.34 -7.22
CA HIS D 477 -5.69 6.79 -7.28
C HIS D 477 -4.41 7.42 -6.81
N HIS D 478 -3.93 8.37 -7.61
CA HIS D 478 -2.84 9.27 -7.24
C HIS D 478 -1.44 8.64 -7.18
N LEU D 479 -1.29 7.44 -7.73
CA LEU D 479 0.05 6.86 -7.79
C LEU D 479 0.97 7.62 -8.75
N HIS D 480 0.39 8.41 -9.67
CA HIS D 480 1.20 9.24 -10.56
C HIS D 480 1.94 10.34 -9.81
N ARG D 481 1.60 10.62 -8.55
CA ARG D 481 2.41 11.53 -7.73
C ARG D 481 3.74 10.93 -7.22
N SER D 482 3.90 9.62 -7.38
CA SER D 482 5.05 8.90 -6.81
C SER D 482 6.37 9.27 -7.48
N THR D 483 7.43 8.70 -6.94
CA THR D 483 8.77 8.88 -7.47
C THR D 483 9.44 7.54 -7.65
N THR D 484 10.14 7.36 -8.78
CA THR D 484 10.98 6.18 -8.99
C THR D 484 12.46 6.48 -9.22
N LEU D 485 12.81 7.74 -9.49
CA LEU D 485 14.19 8.14 -9.72
C LEU D 485 14.86 8.60 -8.44
N GLY D 486 16.18 8.60 -8.47
CA GLY D 486 17.00 9.08 -7.39
C GLY D 486 16.91 8.25 -6.14
N TYR D 487 17.50 8.78 -5.08
CA TYR D 487 17.47 8.09 -3.80
C TYR D 487 16.02 8.11 -3.26
N GLU D 488 15.29 9.21 -3.46
CA GLU D 488 13.86 9.26 -3.07
C GLU D 488 13.02 8.17 -3.71
N GLY D 489 13.22 7.99 -5.03
CA GLY D 489 12.50 6.97 -5.77
C GLY D 489 12.85 5.57 -5.32
N ALA D 490 14.13 5.36 -5.05
CA ALA D 490 14.57 4.06 -4.59
C ALA D 490 13.96 3.73 -3.20
N MET D 491 13.91 4.75 -2.34
N MET D 491 13.91 4.74 -2.31
CA MET D 491 13.32 4.60 -1.02
CA MET D 491 13.26 4.55 -1.01
C MET D 491 11.82 4.28 -1.14
C MET D 491 11.81 4.18 -1.21
N GLN D 492 11.14 4.91 -2.10
CA GLN D 492 9.74 4.62 -2.37
C GLN D 492 9.53 3.20 -2.91
N ILE D 493 10.34 2.79 -3.87
CA ILE D 493 10.23 1.47 -4.45
C ILE D 493 10.53 0.39 -3.40
N LEU D 494 11.62 0.58 -2.64
CA LEU D 494 11.96 -0.36 -1.56
C LEU D 494 10.78 -0.58 -0.60
N THR D 495 10.23 0.53 -0.15
CA THR D 495 9.11 0.52 0.77
C THR D 495 7.90 -0.22 0.21
N THR D 496 7.55 0.06 -1.03
CA THR D 496 6.44 -0.57 -1.64
C THR D 496 6.73 -2.05 -1.76
N LEU D 497 7.93 -2.41 -2.20
CA LEU D 497 8.24 -3.84 -2.34
C LEU D 497 8.19 -4.63 -1.03
N VAL D 498 8.92 -4.16 -0.02
CA VAL D 498 8.96 -4.90 1.22
C VAL D 498 7.56 -5.01 1.89
N ASN D 499 6.77 -3.96 1.78
CA ASN D 499 5.47 -4.01 2.40
C ASN D 499 4.45 -4.83 1.61
N SER D 500 4.68 -4.94 0.31
CA SER D 500 3.90 -5.87 -0.49
C SER D 500 4.19 -7.31 -0.09
N ILE D 501 5.47 -7.61 0.13
CA ILE D 501 5.89 -8.89 0.66
C ILE D 501 5.22 -9.17 2.03
N LEU D 502 5.26 -8.19 2.92
CA LEU D 502 4.72 -8.39 4.27
C LEU D 502 3.22 -8.46 4.29
N GLU D 503 2.55 -7.71 3.40
N GLU D 503 2.56 -7.73 3.41
CA GLU D 503 1.10 -7.84 3.25
CA GLU D 503 1.12 -7.82 3.25
C GLU D 503 0.71 -9.24 2.80
C GLU D 503 0.70 -9.22 2.79
N ARG D 504 1.40 -9.79 1.81
CA ARG D 504 1.06 -11.13 1.34
C ARG D 504 1.33 -12.15 2.47
N LEU D 505 2.43 -11.98 3.19
CA LEU D 505 2.73 -12.91 4.28
C LEU D 505 1.67 -12.86 5.38
N ASP D 506 1.19 -11.67 5.70
CA ASP D 506 0.11 -11.55 6.64
C ASP D 506 -1.14 -12.27 6.12
N GLU D 507 -1.44 -12.15 4.83
CA GLU D 507 -2.58 -12.85 4.30
C GLU D 507 -2.43 -14.35 4.46
N GLU D 508 -1.26 -14.85 4.09
CA GLU D 508 -1.00 -16.28 4.19
C GLU D 508 -0.94 -16.87 5.62
N THR D 509 -0.73 -16.01 6.60
CA THR D 509 -0.64 -16.40 8.00
C THR D 509 -1.83 -15.90 8.87
N ARG D 510 -2.92 -15.50 8.23
CA ARG D 510 -4.07 -14.96 8.95
C ARG D 510 -5.05 -16.04 9.38
N GLY D 511 -4.80 -17.29 9.02
CA GLY D 511 -5.73 -18.40 9.28
C GLY D 511 -5.68 -18.87 10.72
N MET D 512 -6.76 -18.61 11.46
N MET D 512 -6.72 -18.57 11.50
CA MET D 512 -6.90 -19.01 12.86
CA MET D 512 -6.69 -18.90 12.93
C MET D 512 -6.57 -20.49 13.11
C MET D 512 -6.56 -20.41 13.15
N GLN D 513 -5.58 -20.75 13.98
CA GLN D 513 -5.20 -22.10 14.37
C GLN D 513 -4.63 -22.93 13.22
N ALA D 514 -4.44 -22.33 12.05
CA ALA D 514 -3.95 -23.07 10.91
C ALA D 514 -2.57 -22.54 10.52
N THR D 515 -2.49 -21.27 10.18
CA THR D 515 -1.23 -20.64 9.77
C THR D 515 -0.84 -19.43 10.64
N ASP D 516 -1.69 -19.05 11.60
CA ASP D 516 -1.40 -17.84 12.38
C ASP D 516 -0.37 -18.03 13.47
N TYR D 517 0.17 -19.23 13.60
CA TYR D 517 1.40 -19.39 14.45
C TYR D 517 2.50 -18.41 13.98
N ASN D 518 2.54 -18.10 12.68
CA ASN D 518 3.49 -17.16 12.13
C ASN D 518 2.89 -15.78 11.83
N HIS D 519 1.77 -15.41 12.46
CA HIS D 519 1.16 -14.09 12.25
C HIS D 519 1.78 -13.06 13.21
N ASP D 520 3.06 -12.78 13.01
CA ASP D 520 3.84 -12.05 13.99
C ASP D 520 3.41 -10.57 14.09
N LEU D 521 3.35 -10.04 15.31
CA LEU D 521 3.21 -8.60 15.51
C LEU D 521 4.37 -7.79 14.91
N VAL D 522 5.59 -8.31 15.08
CA VAL D 522 6.81 -7.63 14.72
C VAL D 522 7.46 -8.37 13.56
N ARG D 523 7.76 -7.63 12.48
CA ARG D 523 8.51 -8.15 11.33
C ARG D 523 9.61 -7.19 10.96
C1 HCA E . 13.58 -10.27 27.22
C2 HCA E . 13.05 -10.95 25.97
C3 HCA E . 14.09 -11.06 24.83
C4 HCA E . 14.39 -9.66 24.27
C5 HCA E . 15.08 -9.81 22.91
C6 HCA E . 15.93 -8.69 22.35
C7 HCA E . 13.59 -12.00 23.74
O1 HCA E . 12.79 -9.53 27.87
O2 HCA E . 14.77 -10.47 27.54
O3 HCA E . 15.95 -8.56 21.10
O4 HCA E . 16.57 -7.95 23.11
O5 HCA E . 12.47 -11.72 23.23
O6 HCA E . 14.35 -12.99 23.37
O7 HCA E . 15.29 -11.61 25.40
FE1 ICE F . 17.06 -19.60 28.00
MO1 ICE F . 15.96 -13.60 24.69
FE2 ICE F . 16.40 -17.05 28.16
FE3 ICE F . 15.66 -18.43 26.02
FE4 ICE F . 18.20 -17.80 26.41
FE5 ICE F . 17.82 -15.50 25.17
FE6 ICE F . 15.99 -14.92 26.94
FE7 ICE F . 15.28 -16.17 24.81
CX ICE F . 16.57 -16.69 26.19
S1A ICE F . 18.39 -17.88 28.68
S1B ICE F . 17.57 -13.57 26.35
S2A ICE F . 14.98 -18.76 28.19
S3A ICE F . 19.77 -16.67 25.27
S3B ICE F . 14.14 -14.56 25.83
S4A ICE F . 17.38 -19.86 25.75
S4B ICE F . 16.68 -15.33 23.29
S5A ICE F . 14.20 -18.05 24.43
N1 IMD G . 23.17 -32.74 35.88
C2 IMD G . 22.16 -33.50 35.43
N3 IMD G . 21.60 -34.17 36.47
C4 IMD G . 22.29 -33.81 37.59
C5 IMD G . 23.27 -32.92 37.21
C CMO H . 15.87 -15.37 28.73
O CMO H . 15.53 -14.85 29.75
C CMO I . -1.83 -14.46 17.66
O CMO I . -0.73 -14.98 17.57
S1A ICE J . -3.73 -11.49 19.83
FE1 CLF K . 9.84 -2.03 34.64
FE2 CLF K . 9.14 -3.03 36.86
FE3 CLF K . 10.06 -4.78 34.90
FE4 CLF K . 7.71 -3.47 34.74
S1 CLF K . 7.79 -1.31 35.73
S2A CLF K . 11.26 -3.19 36.02
S4A CLF K . 8.24 -5.05 36.33
S3A CLF K . 9.27 -3.63 33.14
FE5 CLF K . 6.27 -1.17 33.87
FE6 CLF K . 6.29 0.65 35.66
FE7 CLF K . 6.09 1.50 32.95
FE8 CLF K . 8.31 0.38 34.10
S2B CLF K . 4.59 0.28 34.19
S3B CLF K . 7.41 2.40 34.65
S4B CLF K . 7.42 -0.17 32.09
N1 IMD L . 17.41 22.58 15.61
C2 IMD L . 16.81 21.74 14.73
N3 IMD L . 15.54 21.51 15.14
C4 IMD L . 15.33 22.19 16.27
C5 IMD L . 16.50 22.85 16.56
N1 IMD M . -0.66 7.56 5.21
C2 IMD M . -0.34 6.41 5.80
N3 IMD M . 0.35 6.70 6.91
C4 IMD M . 0.48 8.05 7.02
C5 IMD M . -0.17 8.60 5.93
N1 IMD N . 11.03 -4.20 49.31
C2 IMD N . 10.44 -5.37 49.04
N3 IMD N . 9.14 -5.28 49.37
C4 IMD N . 8.91 -4.04 49.85
C5 IMD N . 10.10 -3.36 49.83
C CMO O . -2.45 -1.95 6.34
O CMO O . -1.45 -1.24 6.25
FE FE2 P . -6.81 15.64 -10.60
FE FE2 Q . 17.00 2.13 10.35
C1 HCA R . -16.09 6.09 -27.21
C2 HCA R . -16.41 5.32 -25.94
C3 HCA R . -16.95 6.22 -24.82
C4 HCA R . -15.89 7.18 -24.24
C5 HCA R . -16.39 7.74 -22.91
C6 HCA R . -15.83 9.07 -22.39
C7 HCA R . -17.50 5.35 -23.69
O1 HCA R . -16.82 7.02 -27.54
O2 HCA R . -15.07 5.77 -27.86
O3 HCA R . -15.46 9.98 -23.17
O4 HCA R . -15.74 9.14 -21.13
O5 HCA R . -18.69 5.57 -23.27
O6 HCA R . -16.73 4.52 -23.14
O7 HCA R . -18.08 6.98 -25.30
FE1 ICE S . -25.91 4.43 -27.81
MO1 ICE S . -20.12 6.55 -24.61
FE2 ICE S . -23.38 5.17 -28.02
FE3 ICE S . -24.18 3.85 -25.85
FE4 ICE S . -24.91 6.38 -26.27
FE5 ICE S . -22.72 7.22 -25.09
FE6 ICE S . -21.31 5.91 -26.84
FE7 ICE S . -22.01 4.67 -24.67
CX ICE S . -23.13 5.51 -26.07
S1A ICE S . -25.12 6.45 -28.55
S1B ICE S . -20.93 7.98 -26.28
S2A ICE S . -24.15 3.07 -27.99
S3A ICE S . -24.70 8.32 -25.17
S3B ICE S . -20.05 4.49 -25.73
S4A ICE S . -26.25 4.66 -25.56
S4B ICE S . -21.96 6.36 -23.20
S5A ICE S . -23.10 2.82 -24.23
N1 IMD T . -40.92 1.47 -37.17
C2 IMD T . -40.82 0.84 -35.98
N3 IMD T . -40.53 1.76 -35.04
C4 IMD T . -40.46 2.96 -35.65
C5 IMD T . -40.70 2.78 -36.99
C CMO U . -21.66 5.56 -28.64
O CMO U . -20.98 5.52 -29.64
C CMO V . -11.94 -9.33 -17.39
O CMO V . -12.71 -8.39 -17.30
S1A ICE W . -8.41 -9.32 -19.60
FE1 CLF X . -7.16 6.86 -34.72
FE2 CLF X . -7.69 5.75 -36.91
FE3 CLF X . -9.66 5.68 -34.93
FE4 CLF X . -7.36 4.29 -34.79
S1 CLF X . -5.54 5.43 -35.82
S2A CLF X . -8.90 7.48 -36.09
S4A CLF X . -9.00 3.98 -36.35
S3A CLF X . -8.25 5.61 -33.19
FE5 CLF X . -4.62 4.21 -33.93
FE6 CLF X . -3.07 5.12 -35.76
FE7 CLF X . -2.21 5.41 -33.08
FE8 CLF X . -4.28 6.73 -34.24
S2B CLF X . -2.53 3.46 -34.26
S3B CLF X . -2.08 7.01 -34.78
S4B CLF X . -4.34 5.71 -32.19
N1 IMD Y . 7.38 4.11 -6.22
C2 IMD Y . 6.76 3.22 -5.42
N3 IMD Y . 5.57 2.90 -5.95
C4 IMD Y . 5.44 3.58 -7.08
C5 IMD Y . 6.57 4.36 -7.28
N1 IMD Z . 11.21 25.46 -17.16
C2 IMD Z . 11.24 24.11 -17.02
N3 IMD Z . 10.57 23.79 -15.89
C4 IMD Z . 10.11 24.93 -15.33
C5 IMD Z . 10.52 25.98 -16.13
N1 IMD AA . -8.54 5.92 -49.92
C2 IMD AA . -8.73 4.60 -49.79
N3 IMD AA . -9.94 4.40 -49.25
C4 IMD AA . -10.51 5.59 -49.04
C5 IMD AA . -9.63 6.56 -49.46
C CMO BA . -0.61 -3.18 -6.37
O CMO BA . -0.44 -1.97 -6.25
#